data_7A0M
#
_entry.id   7A0M
#
_cell.length_a   141.085
_cell.length_b   150.744
_cell.length_c   111.880
_cell.angle_alpha   90.00
_cell.angle_beta   108.47
_cell.angle_gamma   90.00
#
_symmetry.space_group_name_H-M   'C 1 2 1'
#
loop_
_entity.id
_entity.type
_entity.pdbx_description
1 polymer 'TSC1 N-terminal domain'
2 non-polymer 'SULFATE ION'
3 water water
#
_entity_poly.entity_id   1
_entity_poly.type   'polypeptide(L)'
_entity_poly.pdbx_seq_one_letter_code
;GS(MSE)TSSGSSRDLFRALNSFIQTPTLPPPADLDAIISSYLERHDKPEEGSGDRLNDELLAIWDKAVQDHPEKYAAFV
AVLRQLRPGLGAPARTFQWWDKLLDPVLDNATREKGLARSF(MSE)DFTLEILSSSEYDDPEAWGEEGFIPWLNRLLVRW
(MSE)ELRESRADFRPSTDLKEQVLTDALLAFGKKDPKGF(MSE)NALNAFVLRREHRNSAFSLLCAFVNSGPPHLYLIL
QTPLFGNILQSLQKDESTFTVNLALIALV(MSE)LLPFFPGDIVPYLPTLFNIYARLLFWDRDSYFAQQHTE(MSE)GEN
HGESGTDTPWDKVLLDPDYDGHSVPYLPEYFTILYGLYPINFVDYIRKPHNYLPHAGSDDDIDVHAAEIRERSERFRKQH
LLHPNFYEYTIETEKTNITRWLKSEADEIIADC(MSE)ALVVDRG
;
_entity_poly.pdbx_strand_id   A,B,C,D
#
loop_
_chem_comp.id
_chem_comp.type
_chem_comp.name
_chem_comp.formula
SO4 non-polymer 'SULFATE ION' 'O4 S -2'
#
# COMPACT_ATOMS: atom_id res chain seq x y z
N SER A 5 -72.37 -43.62 10.25
CA SER A 5 -70.94 -43.89 10.34
C SER A 5 -70.13 -42.76 9.73
N SER A 6 -70.29 -41.54 10.28
CA SER A 6 -69.64 -40.35 9.73
C SER A 6 -69.23 -39.42 10.87
N GLY A 7 -68.14 -39.77 11.55
CA GLY A 7 -67.50 -38.85 12.48
C GLY A 7 -67.71 -39.14 13.96
N SER A 8 -68.46 -40.17 14.31
CA SER A 8 -68.70 -40.46 15.72
C SER A 8 -67.41 -40.92 16.39
N SER A 9 -67.18 -40.41 17.61
CA SER A 9 -66.05 -40.89 18.40
C SER A 9 -66.21 -42.38 18.71
N ARG A 10 -67.46 -42.82 18.94
CA ARG A 10 -67.72 -44.25 19.07
C ARG A 10 -67.30 -45.00 17.80
N ASP A 11 -67.52 -44.40 16.63
CA ASP A 11 -67.13 -45.04 15.38
C ASP A 11 -65.62 -45.16 15.25
N LEU A 12 -64.89 -44.11 15.64
CA LEU A 12 -63.44 -44.17 15.57
C LEU A 12 -62.92 -45.34 16.40
N PHE A 13 -63.52 -45.57 17.58
CA PHE A 13 -63.09 -46.68 18.42
C PHE A 13 -63.31 -48.01 17.72
N ARG A 14 -64.48 -48.18 17.09
CA ARG A 14 -64.79 -49.44 16.42
C ARG A 14 -63.97 -49.62 15.14
N ALA A 15 -63.78 -48.56 14.37
CA ALA A 15 -63.01 -48.67 13.14
C ALA A 15 -61.53 -48.95 13.40
N LEU A 16 -60.94 -48.27 14.40
CA LEU A 16 -59.53 -48.49 14.70
C LEU A 16 -59.29 -49.89 15.24
N ASN A 17 -60.11 -50.34 16.20
CA ASN A 17 -59.94 -51.68 16.76
C ASN A 17 -60.15 -52.74 15.70
N SER A 18 -61.08 -52.53 14.76
CA SER A 18 -61.26 -53.48 13.68
C SER A 18 -60.04 -53.48 12.74
N PHE A 19 -59.48 -52.30 12.48
CA PHE A 19 -58.33 -52.21 11.58
C PHE A 19 -57.09 -52.83 12.19
N ILE A 20 -56.85 -52.57 13.48
CA ILE A 20 -55.67 -53.14 14.15
C ILE A 20 -55.77 -54.66 14.17
N GLN A 21 -56.98 -55.19 14.37
CA GLN A 21 -57.16 -56.63 14.43
C GLN A 21 -56.90 -57.29 13.07
N THR A 22 -57.21 -56.61 11.97
CA THR A 22 -56.93 -57.11 10.62
C THR A 22 -56.35 -55.96 9.81
N PRO A 23 -55.06 -55.68 9.96
CA PRO A 23 -54.45 -54.55 9.25
C PRO A 23 -54.16 -54.86 7.79
N THR A 24 -54.48 -53.90 6.94
CA THR A 24 -54.06 -53.91 5.55
C THR A 24 -52.88 -52.98 5.36
N LEU A 25 -52.24 -53.09 4.19
CA LEU A 25 -50.91 -52.48 4.05
C LEU A 25 -50.97 -50.97 3.91
N PRO A 26 -51.75 -50.38 3.00
CA PRO A 26 -52.20 -49.01 3.25
C PRO A 26 -53.57 -49.04 3.91
N PRO A 27 -53.87 -48.11 4.81
CA PRO A 27 -55.19 -48.12 5.43
C PRO A 27 -56.25 -47.85 4.39
N PRO A 28 -57.36 -48.59 4.41
CA PRO A 28 -58.38 -48.41 3.38
C PRO A 28 -58.96 -47.01 3.38
N ALA A 29 -59.51 -46.63 2.22
CA ALA A 29 -60.06 -45.28 2.07
C ALA A 29 -61.19 -45.01 3.06
N ASP A 30 -62.02 -46.02 3.34
CA ASP A 30 -63.12 -45.83 4.28
C ASP A 30 -62.62 -45.59 5.70
N LEU A 31 -61.40 -46.02 6.02
CA LEU A 31 -60.83 -45.68 7.32
C LEU A 31 -60.38 -44.21 7.37
N ASP A 32 -59.75 -43.76 6.28
CA ASP A 32 -59.41 -42.34 6.13
C ASP A 32 -60.64 -41.45 6.23
N ALA A 33 -61.78 -41.92 5.72
CA ALA A 33 -63.02 -41.15 5.79
C ALA A 33 -63.52 -41.00 7.21
N ILE A 34 -63.48 -42.08 7.99
CA ILE A 34 -63.93 -42.01 9.38
C ILE A 34 -63.04 -41.08 10.19
N ILE A 35 -61.72 -41.16 9.97
CA ILE A 35 -60.79 -40.27 10.67
C ILE A 35 -61.03 -38.82 10.24
N SER A 36 -61.15 -38.58 8.94
CA SER A 36 -61.38 -37.22 8.45
C SER A 36 -62.68 -36.65 9.00
N SER A 37 -63.75 -37.45 9.00
CA SER A 37 -65.01 -36.99 9.56
C SER A 37 -64.89 -36.75 11.06
N TYR A 38 -64.09 -37.57 11.75
CA TYR A 38 -63.85 -37.38 13.18
C TYR A 38 -63.14 -36.06 13.45
N LEU A 39 -62.05 -35.81 12.70
CA LEU A 39 -61.27 -34.59 12.92
C LEU A 39 -62.08 -33.33 12.61
N GLU A 40 -62.97 -33.40 11.63
CA GLU A 40 -63.81 -32.25 11.32
C GLU A 40 -64.82 -32.00 12.44
N ARG A 41 -65.47 -33.05 12.92
CA ARG A 41 -66.54 -32.94 13.90
C ARG A 41 -66.05 -32.79 15.33
N HIS A 42 -64.74 -32.77 15.56
CA HIS A 42 -64.16 -32.55 16.88
C HIS A 42 -63.18 -31.39 16.75
N ASP A 43 -63.66 -30.19 17.06
CA ASP A 43 -62.88 -28.98 16.84
C ASP A 43 -62.10 -28.54 18.08
N LYS A 44 -62.43 -29.08 19.26
CA LYS A 44 -61.77 -28.73 20.52
C LYS A 44 -61.11 -29.99 21.08
N PRO A 45 -59.92 -30.33 20.61
CA PRO A 45 -59.25 -31.54 21.14
C PRO A 45 -58.70 -31.35 22.54
N GLU A 46 -58.23 -30.15 22.88
CA GLU A 46 -57.67 -29.89 24.20
C GLU A 46 -58.73 -29.72 25.28
N GLU A 47 -60.01 -29.77 24.93
CA GLU A 47 -61.09 -29.64 25.89
C GLU A 47 -61.64 -30.99 26.35
N GLY A 48 -61.11 -32.09 25.82
CA GLY A 48 -61.57 -33.40 26.23
C GLY A 48 -61.52 -34.44 25.12
N SER A 49 -61.68 -33.98 23.88
CA SER A 49 -61.70 -34.93 22.75
C SER A 49 -60.34 -35.57 22.56
N GLY A 50 -59.26 -34.79 22.68
CA GLY A 50 -57.93 -35.35 22.55
C GLY A 50 -57.57 -36.30 23.67
N ASP A 51 -58.04 -36.03 24.88
CA ASP A 51 -57.73 -36.89 26.02
C ASP A 51 -58.37 -38.26 25.88
N ARG A 52 -59.65 -38.31 25.50
CA ARG A 52 -60.31 -39.59 25.31
C ARG A 52 -59.74 -40.35 24.13
N LEU A 53 -59.34 -39.65 23.07
CA LEU A 53 -58.65 -40.30 21.96
C LEU A 53 -57.31 -40.87 22.39
N ASN A 54 -56.56 -40.11 23.21
CA ASN A 54 -55.28 -40.60 23.69
C ASN A 54 -55.44 -41.88 24.52
N ASP A 55 -56.40 -41.88 25.44
CA ASP A 55 -56.65 -43.06 26.26
C ASP A 55 -56.99 -44.26 25.39
N GLU A 56 -57.75 -44.04 24.32
CA GLU A 56 -58.09 -45.13 23.39
C GLU A 56 -56.86 -45.63 22.65
N LEU A 57 -56.08 -44.70 22.10
CA LEU A 57 -54.85 -45.09 21.41
C LEU A 57 -53.89 -45.79 22.36
N LEU A 58 -53.80 -45.29 23.60
CA LEU A 58 -53.00 -45.96 24.63
C LEU A 58 -53.50 -47.38 24.87
N ALA A 59 -54.83 -47.56 24.97
CA ALA A 59 -55.40 -48.88 25.19
C ALA A 59 -55.11 -49.81 24.03
N ILE A 60 -55.31 -49.33 22.80
CA ILE A 60 -55.05 -50.17 21.62
C ILE A 60 -53.59 -50.60 21.58
N TRP A 61 -52.67 -49.67 21.83
CA TRP A 61 -51.25 -50.01 21.86
C TRP A 61 -50.94 -51.05 22.94
N ASP A 62 -51.47 -50.84 24.14
CA ASP A 62 -51.17 -51.72 25.26
C ASP A 62 -51.74 -53.11 25.03
N LYS A 63 -53.02 -53.19 24.67
CA LYS A 63 -53.70 -54.48 24.66
C LYS A 63 -53.44 -55.26 23.37
N ALA A 64 -53.13 -54.59 22.27
CA ALA A 64 -53.17 -55.23 20.95
C ALA A 64 -51.93 -55.04 20.08
N VAL A 65 -51.13 -53.99 20.28
CA VAL A 65 -50.05 -53.66 19.36
C VAL A 65 -48.68 -53.84 20.00
N GLN A 66 -48.53 -53.48 21.27
CA GLN A 66 -47.22 -53.37 21.90
C GLN A 66 -46.37 -54.62 21.67
N ASP A 67 -46.97 -55.80 21.80
CA ASP A 67 -46.25 -57.07 21.68
C ASP A 67 -46.53 -57.78 20.36
N HIS A 68 -46.73 -57.00 19.29
CA HIS A 68 -46.95 -57.55 17.95
C HIS A 68 -46.27 -56.63 16.96
N PRO A 69 -44.97 -56.83 16.72
CA PRO A 69 -44.23 -55.90 15.84
C PRO A 69 -44.80 -55.80 14.44
N GLU A 70 -45.42 -56.86 13.92
CA GLU A 70 -46.02 -56.78 12.59
C GLU A 70 -47.16 -55.77 12.52
N LYS A 71 -47.76 -55.42 13.65
CA LYS A 71 -48.80 -54.40 13.71
C LYS A 71 -48.27 -52.99 13.92
N TYR A 72 -46.96 -52.83 14.12
CA TYR A 72 -46.40 -51.50 14.39
C TYR A 72 -46.66 -50.55 13.22
N ALA A 73 -46.38 -50.99 11.99
CA ALA A 73 -46.55 -50.11 10.84
C ALA A 73 -47.98 -49.65 10.68
N ALA A 74 -48.95 -50.54 10.93
CA ALA A 74 -50.35 -50.15 10.87
C ALA A 74 -50.70 -49.14 11.95
N PHE A 75 -50.21 -49.37 13.18
CA PHE A 75 -50.50 -48.43 14.26
C PHE A 75 -49.89 -47.06 13.99
N VAL A 76 -48.69 -47.03 13.43
CA VAL A 76 -48.06 -45.74 13.12
C VAL A 76 -48.83 -45.02 12.03
N ALA A 77 -49.32 -45.77 11.03
CA ALA A 77 -50.11 -45.16 9.96
C ALA A 77 -51.38 -44.51 10.51
N VAL A 78 -52.06 -45.19 11.43
CA VAL A 78 -53.23 -44.61 12.08
C VAL A 78 -52.82 -43.42 12.95
N LEU A 79 -51.68 -43.55 13.65
CA LEU A 79 -51.23 -42.48 14.53
C LEU A 79 -50.89 -41.21 13.75
N ARG A 80 -50.44 -41.36 12.50
CA ARG A 80 -50.14 -40.18 11.69
C ARG A 80 -51.41 -39.40 11.38
N GLN A 81 -52.48 -40.09 10.99
CA GLN A 81 -53.72 -39.41 10.60
C GLN A 81 -54.44 -38.80 11.80
N LEU A 82 -54.34 -39.43 12.97
CA LEU A 82 -55.03 -38.95 14.17
C LEU A 82 -54.20 -37.95 14.96
N ARG A 83 -52.99 -37.62 14.49
CA ARG A 83 -52.15 -36.65 15.18
C ARG A 83 -52.82 -35.30 15.43
N PRO A 84 -53.52 -34.69 14.46
CA PRO A 84 -54.13 -33.36 14.75
C PRO A 84 -55.15 -33.38 15.87
N GLY A 85 -55.82 -34.51 16.10
CA GLY A 85 -56.83 -34.63 17.13
C GLY A 85 -56.33 -35.02 18.50
N LEU A 86 -55.02 -35.12 18.70
CA LEU A 86 -54.49 -35.53 20.00
C LEU A 86 -54.65 -34.44 21.05
N GLY A 87 -54.64 -33.17 20.63
CA GLY A 87 -54.82 -32.08 21.56
C GLY A 87 -53.55 -31.31 21.87
N ALA A 88 -53.03 -31.48 23.09
CA ALA A 88 -51.83 -30.75 23.48
C ALA A 88 -50.65 -31.19 22.61
N PRO A 89 -49.80 -30.26 22.19
CA PRO A 89 -48.64 -30.65 21.36
C PRO A 89 -47.66 -31.55 22.07
N ALA A 90 -47.69 -31.62 23.41
CA ALA A 90 -46.78 -32.51 24.12
C ALA A 90 -47.18 -33.97 23.98
N ARG A 91 -48.42 -34.25 23.60
CA ARG A 91 -48.85 -35.63 23.43
C ARG A 91 -48.22 -36.27 22.20
N THR A 92 -48.00 -35.47 21.15
CA THR A 92 -47.36 -35.99 19.95
C THR A 92 -45.90 -36.37 20.23
N PHE A 93 -45.21 -35.59 21.08
CA PHE A 93 -43.89 -35.99 21.54
C PHE A 93 -43.96 -37.31 22.29
N GLN A 94 -44.88 -37.40 23.25
CA GLN A 94 -45.02 -38.59 24.07
C GLN A 94 -45.22 -39.84 23.23
N TRP A 95 -45.94 -39.73 22.10
CA TRP A 95 -46.15 -40.89 21.24
C TRP A 95 -44.92 -41.22 20.40
N TRP A 96 -44.29 -40.22 19.79
CA TRP A 96 -43.04 -40.46 19.06
C TRP A 96 -41.98 -41.02 20.00
N ASP A 97 -41.84 -40.40 21.18
CA ASP A 97 -40.89 -40.88 22.17
C ASP A 97 -41.24 -42.30 22.60
N LYS A 98 -42.53 -42.60 22.67
CA LYS A 98 -42.98 -43.93 23.06
C LYS A 98 -42.65 -44.97 22.00
N LEU A 99 -42.70 -44.59 20.71
CA LEU A 99 -42.48 -45.52 19.61
C LEU A 99 -41.04 -45.58 19.14
N LEU A 100 -40.16 -44.71 19.63
CA LEU A 100 -38.80 -44.64 19.08
C LEU A 100 -38.08 -45.98 19.17
N ASP A 101 -37.89 -46.48 20.38
CA ASP A 101 -37.16 -47.75 20.56
C ASP A 101 -37.90 -48.94 19.98
N PRO A 102 -39.22 -49.07 20.12
CA PRO A 102 -39.92 -50.16 19.41
C PRO A 102 -39.71 -50.12 17.90
N VAL A 103 -39.70 -48.93 17.30
CA VAL A 103 -39.43 -48.84 15.87
C VAL A 103 -37.98 -49.20 15.57
N LEU A 104 -37.03 -48.69 16.36
CA LEU A 104 -35.62 -48.93 16.10
C LEU A 104 -35.28 -50.41 16.21
N ASP A 105 -35.89 -51.13 17.15
CA ASP A 105 -35.57 -52.54 17.34
C ASP A 105 -36.13 -53.43 16.23
N ASN A 106 -37.10 -52.95 15.46
CA ASN A 106 -37.75 -53.74 14.42
C ASN A 106 -37.66 -53.08 13.05
N ALA A 107 -36.79 -52.08 12.89
CA ALA A 107 -36.71 -51.34 11.63
C ALA A 107 -36.29 -52.24 10.48
N THR A 108 -35.34 -53.14 10.71
CA THR A 108 -34.82 -53.98 9.63
C THR A 108 -35.72 -55.16 9.28
N ARG A 109 -36.60 -55.57 10.19
CA ARG A 109 -37.38 -56.79 10.02
C ARG A 109 -38.82 -56.56 9.58
N GLU A 110 -39.43 -55.43 9.94
CA GLU A 110 -40.81 -55.15 9.59
C GLU A 110 -40.84 -54.20 8.40
N LYS A 111 -41.42 -54.66 7.29
CA LYS A 111 -41.46 -53.87 6.07
C LYS A 111 -42.31 -52.61 6.27
N GLY A 112 -41.80 -51.48 5.79
CA GLY A 112 -42.53 -50.22 5.86
C GLY A 112 -42.50 -49.53 7.20
N LEU A 113 -42.07 -50.21 8.26
CA LEU A 113 -42.08 -49.60 9.58
C LEU A 113 -41.17 -48.38 9.64
N ALA A 114 -39.97 -48.48 9.07
CA ALA A 114 -39.07 -47.33 9.03
C ALA A 114 -39.66 -46.18 8.23
N ARG A 115 -40.31 -46.50 7.11
CA ARG A 115 -40.88 -45.45 6.27
C ARG A 115 -42.02 -44.73 6.97
N SER A 116 -42.90 -45.48 7.63
CA SER A 116 -44.05 -44.87 8.30
C SER A 116 -43.61 -44.00 9.47
N PHE A 117 -42.63 -44.45 10.25
CA PHE A 117 -42.16 -43.65 11.38
C PHE A 117 -41.41 -42.40 10.91
N MSE A 118 -40.69 -42.49 9.80
CA MSE A 118 -39.98 -41.33 9.27
C MSE A 118 -40.96 -40.27 8.76
O MSE A 118 -40.77 -39.08 9.00
CB MSE A 118 -39.05 -41.75 8.13
CG MSE A 118 -37.62 -42.02 8.58
SE MSE A 118 -36.87 -40.55 9.63
CE MSE A 118 -37.21 -39.08 8.39
N ASP A 119 -42.01 -40.71 8.07
CA ASP A 119 -43.05 -39.78 7.65
C ASP A 119 -43.75 -39.17 8.85
N PHE A 120 -43.96 -39.97 9.90
CA PHE A 120 -44.50 -39.44 11.14
C PHE A 120 -43.59 -38.37 11.74
N THR A 121 -42.28 -38.61 11.72
CA THR A 121 -41.33 -37.61 12.24
C THR A 121 -41.36 -36.33 11.42
N LEU A 122 -41.39 -36.46 10.08
CA LEU A 122 -41.37 -35.28 9.23
C LEU A 122 -42.65 -34.46 9.37
N GLU A 123 -43.80 -35.12 9.54
CA GLU A 123 -45.05 -34.39 9.70
C GLU A 123 -45.09 -33.63 11.01
N ILE A 124 -44.49 -34.17 12.07
CA ILE A 124 -44.43 -33.45 13.34
C ILE A 124 -43.62 -32.17 13.20
N LEU A 125 -42.49 -32.24 12.49
CA LEU A 125 -41.60 -31.08 12.42
C LEU A 125 -42.14 -29.97 11.52
N SER A 126 -42.97 -30.29 10.54
CA SER A 126 -43.44 -29.29 9.59
C SER A 126 -44.83 -28.76 9.92
N SER A 127 -45.30 -28.95 11.15
CA SER A 127 -46.61 -28.45 11.58
C SER A 127 -46.44 -27.43 12.70
N SER A 128 -47.09 -26.27 12.54
CA SER A 128 -47.24 -25.26 13.60
C SER A 128 -45.98 -25.05 14.45
N GLU A 129 -44.81 -25.17 13.83
CA GLU A 129 -43.56 -24.99 14.54
C GLU A 129 -42.61 -24.09 13.75
N GLY A 140 -36.09 -25.74 21.13
CA GLY A 140 -36.25 -26.60 22.30
C GLY A 140 -36.30 -28.08 21.95
N PHE A 141 -35.76 -28.43 20.79
CA PHE A 141 -35.68 -29.80 20.29
C PHE A 141 -34.62 -30.64 21.00
N ILE A 142 -33.98 -30.07 22.03
CA ILE A 142 -32.89 -30.75 22.70
C ILE A 142 -33.28 -32.14 23.21
N PRO A 143 -34.42 -32.33 23.90
CA PRO A 143 -34.76 -33.68 24.35
C PRO A 143 -35.01 -34.67 23.22
N TRP A 144 -35.56 -34.23 22.08
CA TRP A 144 -35.65 -35.14 20.93
C TRP A 144 -34.27 -35.49 20.42
N LEU A 145 -33.44 -34.46 20.20
CA LEU A 145 -32.13 -34.65 19.59
C LEU A 145 -31.23 -35.55 20.43
N ASN A 146 -31.23 -35.36 21.74
CA ASN A 146 -30.37 -36.16 22.61
C ASN A 146 -30.72 -37.64 22.53
N ARG A 147 -32.02 -37.96 22.49
CA ARG A 147 -32.42 -39.36 22.34
C ARG A 147 -31.90 -39.94 21.03
N LEU A 148 -32.04 -39.19 19.93
CA LEU A 148 -31.50 -39.64 18.66
C LEU A 148 -29.99 -39.72 18.70
N LEU A 149 -29.34 -38.72 19.31
CA LEU A 149 -27.88 -38.69 19.36
C LEU A 149 -27.31 -39.84 20.18
N VAL A 150 -27.80 -40.01 21.42
CA VAL A 150 -27.25 -41.05 22.29
C VAL A 150 -27.38 -42.43 21.64
N ARG A 151 -28.53 -42.69 21.00
CA ARG A 151 -28.72 -43.96 20.32
C ARG A 151 -27.82 -44.08 19.09
N TRP A 152 -27.54 -42.96 18.42
CA TRP A 152 -26.69 -43.01 17.24
C TRP A 152 -25.23 -43.24 17.61
N MSE A 153 -24.78 -42.64 18.71
CA MSE A 153 -23.40 -42.81 19.17
C MSE A 153 -23.14 -44.23 19.62
O MSE A 153 -22.09 -44.80 19.34
CB MSE A 153 -23.09 -41.83 20.32
CG MSE A 153 -23.28 -40.37 19.97
SE MSE A 153 -21.91 -39.69 18.75
CE MSE A 153 -22.69 -37.94 18.38
N GLU A 154 -24.12 -44.81 20.31
CA GLU A 154 -23.99 -46.20 20.77
C GLU A 154 -24.02 -47.18 19.62
N LEU A 155 -24.66 -46.83 18.51
CA LEU A 155 -24.73 -47.72 17.36
C LEU A 155 -23.35 -47.97 16.74
N ARG A 156 -22.37 -47.12 17.03
CA ARG A 156 -21.03 -47.27 16.48
C ARG A 156 -20.05 -47.73 17.55
N SER A 165 -22.57 -51.25 3.98
CA SER A 165 -24.02 -51.12 3.83
C SER A 165 -24.66 -50.64 5.12
N THR A 166 -25.63 -49.73 4.98
CA THR A 166 -26.32 -49.13 6.12
C THR A 166 -27.68 -49.80 6.30
N ASP A 167 -27.94 -50.27 7.52
CA ASP A 167 -29.21 -50.92 7.82
C ASP A 167 -30.32 -49.90 8.02
N LEU A 168 -31.57 -50.39 8.05
CA LEU A 168 -32.71 -49.51 8.21
C LEU A 168 -32.73 -48.86 9.59
N LYS A 169 -32.20 -49.54 10.61
CA LYS A 169 -32.14 -48.95 11.94
C LYS A 169 -31.21 -47.74 11.98
N GLU A 170 -30.06 -47.84 11.33
CA GLU A 170 -29.16 -46.69 11.24
C GLU A 170 -29.71 -45.61 10.32
N GLN A 171 -30.44 -45.98 9.26
CA GLN A 171 -31.04 -44.97 8.39
C GLN A 171 -32.07 -44.13 9.15
N VAL A 172 -32.87 -44.77 10.00
CA VAL A 172 -33.88 -44.04 10.75
C VAL A 172 -33.22 -43.01 11.67
N LEU A 173 -32.23 -43.44 12.44
CA LEU A 173 -31.52 -42.51 13.32
C LEU A 173 -30.86 -41.39 12.55
N THR A 174 -30.25 -41.70 11.41
CA THR A 174 -29.57 -40.68 10.61
C THR A 174 -30.58 -39.71 9.98
N ASP A 175 -31.60 -40.26 9.29
CA ASP A 175 -32.57 -39.40 8.63
C ASP A 175 -33.35 -38.56 9.63
N ALA A 176 -33.64 -39.10 10.80
CA ALA A 176 -34.34 -38.32 11.82
C ALA A 176 -33.45 -37.22 12.37
N LEU A 177 -32.19 -37.53 12.63
CA LEU A 177 -31.25 -36.51 13.07
C LEU A 177 -31.10 -35.40 12.03
N LEU A 178 -31.04 -35.79 10.75
CA LEU A 178 -30.94 -34.79 9.69
C LEU A 178 -32.21 -33.95 9.60
N ALA A 179 -33.36 -34.57 9.82
CA ALA A 179 -34.63 -33.82 9.78
C ALA A 179 -34.72 -32.84 10.94
N PHE A 180 -34.39 -33.28 12.15
CA PHE A 180 -34.39 -32.37 13.29
C PHE A 180 -33.34 -31.28 13.14
N GLY A 181 -32.18 -31.62 12.55
CA GLY A 181 -31.15 -30.61 12.33
C GLY A 181 -31.54 -29.62 11.26
N LYS A 182 -32.26 -30.08 10.23
CA LYS A 182 -32.77 -29.18 9.21
C LYS A 182 -33.76 -28.19 9.78
N LYS A 183 -34.53 -28.60 10.80
CA LYS A 183 -35.50 -27.72 11.44
C LYS A 183 -34.83 -26.76 12.41
N ASP A 184 -33.85 -27.24 13.18
CA ASP A 184 -33.16 -26.44 14.19
C ASP A 184 -31.66 -26.67 14.05
N PRO A 185 -31.01 -25.99 13.10
CA PRO A 185 -29.57 -26.20 12.91
C PRO A 185 -28.75 -25.75 14.10
N LYS A 186 -29.10 -24.62 14.73
CA LYS A 186 -28.38 -24.16 15.90
C LYS A 186 -28.54 -25.15 17.06
N GLY A 187 -29.76 -25.62 17.29
CA GLY A 187 -29.98 -26.62 18.33
C GLY A 187 -29.28 -27.94 18.04
N PHE A 188 -29.22 -28.33 16.77
CA PHE A 188 -28.55 -29.56 16.39
C PHE A 188 -27.07 -29.54 16.76
N MSE A 189 -26.42 -28.39 16.61
CA MSE A 189 -24.98 -28.30 16.80
C MSE A 189 -24.60 -28.07 18.26
O MSE A 189 -23.54 -28.51 18.70
CB MSE A 189 -24.41 -27.20 15.91
CG MSE A 189 -24.28 -27.63 14.46
SE MSE A 189 -23.95 -26.17 13.21
CE MSE A 189 -23.22 -27.22 11.74
N ASN A 190 -25.46 -27.38 19.01
CA ASN A 190 -25.27 -27.27 20.45
C ASN A 190 -25.32 -28.65 21.10
N ALA A 191 -26.30 -29.47 20.72
CA ALA A 191 -26.42 -30.82 21.27
C ALA A 191 -25.24 -31.69 20.83
N LEU A 192 -24.77 -31.51 19.59
CA LEU A 192 -23.64 -32.30 19.12
C LEU A 192 -22.34 -31.91 19.82
N ASN A 193 -22.22 -30.65 20.25
CA ASN A 193 -20.99 -30.19 20.88
C ASN A 193 -20.68 -30.97 22.15
N ALA A 194 -21.71 -31.40 22.88
CA ALA A 194 -21.48 -32.19 24.08
C ALA A 194 -20.76 -33.49 23.76
N PHE A 195 -21.11 -34.12 22.63
CA PHE A 195 -20.44 -35.35 22.22
C PHE A 195 -19.07 -35.10 21.61
N VAL A 196 -18.84 -33.90 21.08
CA VAL A 196 -17.50 -33.56 20.59
C VAL A 196 -16.55 -33.40 21.76
N LEU A 197 -17.05 -32.93 22.91
CA LEU A 197 -16.20 -32.73 24.08
C LEU A 197 -15.72 -34.04 24.69
N ARG A 198 -16.45 -35.14 24.48
CA ARG A 198 -16.06 -36.43 25.02
C ARG A 198 -15.18 -37.17 24.02
N ARG A 199 -14.06 -37.70 24.51
CA ARG A 199 -13.06 -38.29 23.62
C ARG A 199 -13.59 -39.53 22.91
N GLU A 200 -14.34 -40.37 23.62
CA GLU A 200 -14.77 -41.64 23.05
C GLU A 200 -15.80 -41.49 21.94
N HIS A 201 -16.40 -40.32 21.77
CA HIS A 201 -17.41 -40.09 20.75
C HIS A 201 -17.03 -39.01 19.75
N ARG A 202 -15.81 -38.46 19.82
CA ARG A 202 -15.46 -37.33 18.97
C ARG A 202 -15.42 -37.75 17.50
N ASN A 203 -14.88 -38.93 17.23
CA ASN A 203 -14.85 -39.42 15.84
C ASN A 203 -16.25 -39.58 15.30
N SER A 204 -17.16 -40.16 16.08
CA SER A 204 -18.53 -40.35 15.62
C SER A 204 -19.26 -39.02 15.47
N ALA A 205 -19.04 -38.09 16.42
CA ALA A 205 -19.68 -36.79 16.34
C ALA A 205 -19.22 -36.03 15.10
N PHE A 206 -17.92 -36.05 14.79
CA PHE A 206 -17.43 -35.38 13.60
C PHE A 206 -17.95 -36.04 12.33
N SER A 207 -18.12 -37.35 12.34
CA SER A 207 -18.69 -38.03 11.17
C SER A 207 -20.12 -37.57 10.92
N LEU A 208 -20.92 -37.50 11.98
CA LEU A 208 -22.30 -37.04 11.83
C LEU A 208 -22.34 -35.57 11.41
N LEU A 209 -21.40 -34.76 11.89
CA LEU A 209 -21.34 -33.37 11.48
C LEU A 209 -21.13 -33.25 9.98
N CYS A 210 -20.24 -34.07 9.41
CA CYS A 210 -20.05 -34.09 7.98
C CYS A 210 -21.33 -34.48 7.26
N ALA A 211 -22.04 -35.50 7.76
CA ALA A 211 -23.31 -35.90 7.17
C ALA A 211 -24.35 -34.80 7.27
N PHE A 212 -24.34 -34.05 8.37
CA PHE A 212 -25.29 -32.96 8.52
C PHE A 212 -25.04 -31.86 7.50
N VAL A 213 -23.79 -31.40 7.40
CA VAL A 213 -23.45 -30.36 6.42
C VAL A 213 -23.70 -30.86 5.01
N ASN A 214 -23.54 -32.16 4.76
CA ASN A 214 -23.73 -32.69 3.42
C ASN A 214 -25.20 -32.70 3.01
N SER A 215 -26.11 -32.78 3.97
CA SER A 215 -27.54 -32.77 3.66
C SER A 215 -28.04 -31.39 3.25
N GLY A 216 -27.19 -30.38 3.25
CA GLY A 216 -27.56 -29.03 2.86
C GLY A 216 -28.63 -28.39 3.73
N PRO A 217 -28.35 -28.24 5.03
CA PRO A 217 -29.30 -27.58 5.91
C PRO A 217 -29.13 -26.07 5.86
N PRO A 218 -30.13 -25.30 6.24
CA PRO A 218 -30.02 -23.84 6.21
C PRO A 218 -29.31 -23.33 7.47
N HIS A 219 -28.89 -22.06 7.38
CA HIS A 219 -28.39 -21.31 8.53
C HIS A 219 -27.18 -21.99 9.17
N LEU A 220 -26.28 -22.53 8.34
CA LEU A 220 -25.06 -23.12 8.86
C LEU A 220 -24.16 -22.09 9.54
N TYR A 221 -24.33 -20.80 9.22
CA TYR A 221 -23.55 -19.77 9.88
C TYR A 221 -23.84 -19.68 11.37
N LEU A 222 -24.96 -20.25 11.83
CA LEU A 222 -25.28 -20.27 13.25
C LEU A 222 -24.30 -21.09 14.08
N ILE A 223 -23.40 -21.84 13.44
CA ILE A 223 -22.38 -22.57 14.17
C ILE A 223 -21.43 -21.63 14.90
N LEU A 224 -21.35 -20.37 14.48
CA LEU A 224 -20.50 -19.41 15.16
C LEU A 224 -21.12 -18.90 16.46
N GLN A 225 -22.45 -18.89 16.55
CA GLN A 225 -23.13 -18.57 17.79
C GLN A 225 -23.27 -19.82 18.64
N THR A 226 -22.37 -20.78 18.44
CA THR A 226 -22.40 -22.05 19.15
C THR A 226 -20.97 -22.49 19.38
N PRO A 227 -20.69 -23.20 20.49
CA PRO A 227 -19.29 -23.57 20.79
C PRO A 227 -18.70 -24.63 19.89
N LEU A 228 -19.46 -25.17 18.93
CA LEU A 228 -18.96 -26.29 18.12
C LEU A 228 -17.77 -25.87 17.26
N PHE A 229 -17.84 -24.69 16.64
CA PHE A 229 -16.77 -24.26 15.74
C PHE A 229 -15.44 -24.17 16.47
N GLY A 230 -15.43 -23.53 17.64
CA GLY A 230 -14.20 -23.44 18.42
C GLY A 230 -13.65 -24.79 18.83
N ASN A 231 -14.53 -25.77 19.07
CA ASN A 231 -14.06 -27.10 19.47
C ASN A 231 -13.58 -27.91 18.28
N ILE A 232 -14.10 -27.63 17.08
CA ILE A 232 -13.51 -28.20 15.87
C ILE A 232 -12.07 -27.72 15.74
N LEU A 233 -11.85 -26.42 15.90
CA LEU A 233 -10.50 -25.88 15.85
C LEU A 233 -9.62 -26.42 16.97
N GLN A 234 -10.21 -26.66 18.15
CA GLN A 234 -9.43 -27.20 19.27
C GLN A 234 -8.97 -28.61 18.98
N SER A 235 -9.83 -29.42 18.36
CA SER A 235 -9.42 -30.76 17.95
C SER A 235 -8.29 -30.71 16.92
N LEU A 236 -8.39 -29.79 15.96
CA LEU A 236 -7.34 -29.66 14.94
C LEU A 236 -6.03 -29.20 15.55
N GLN A 237 -6.08 -28.49 16.68
CA GLN A 237 -4.88 -27.97 17.32
C GLN A 237 -4.27 -28.93 18.34
N LYS A 238 -5.07 -29.80 18.94
CA LYS A 238 -4.59 -30.58 20.08
C LYS A 238 -4.64 -32.09 19.87
N ASP A 239 -5.69 -32.61 19.22
CA ASP A 239 -5.79 -34.05 19.05
C ASP A 239 -4.61 -34.59 18.26
N GLU A 240 -4.22 -35.83 18.57
CA GLU A 240 -3.02 -36.43 18.00
C GLU A 240 -3.32 -37.66 17.14
N SER A 241 -4.58 -38.04 16.99
CA SER A 241 -4.95 -39.12 16.09
C SER A 241 -5.09 -38.58 14.67
N THR A 242 -4.38 -39.20 13.73
CA THR A 242 -4.49 -38.79 12.33
C THR A 242 -5.92 -38.92 11.83
N PHE A 243 -6.64 -39.94 12.29
CA PHE A 243 -8.01 -40.16 11.85
C PHE A 243 -8.94 -39.06 12.38
N THR A 244 -8.79 -38.71 13.67
CA THR A 244 -9.66 -37.70 14.26
C THR A 244 -9.46 -36.34 13.61
N VAL A 245 -8.20 -35.91 13.49
CA VAL A 245 -7.90 -34.60 12.92
C VAL A 245 -8.38 -34.52 11.48
N ASN A 246 -8.26 -35.62 10.73
CA ASN A 246 -8.73 -35.63 9.35
C ASN A 246 -10.24 -35.47 9.28
N LEU A 247 -10.97 -36.14 10.18
CA LEU A 247 -12.42 -35.94 10.26
C LEU A 247 -12.74 -34.49 10.59
N ALA A 248 -12.06 -33.93 11.60
CA ALA A 248 -12.27 -32.52 11.95
C ALA A 248 -11.95 -31.61 10.78
N LEU A 249 -10.91 -31.96 10.00
CA LEU A 249 -10.53 -31.12 8.87
C LEU A 249 -11.57 -31.19 7.76
N ILE A 250 -12.12 -32.38 7.51
CA ILE A 250 -13.17 -32.51 6.49
C ILE A 250 -14.38 -31.68 6.86
N ALA A 251 -14.78 -31.71 8.13
CA ALA A 251 -15.91 -30.90 8.59
C ALA A 251 -15.62 -29.41 8.42
N LEU A 252 -14.40 -28.98 8.77
CA LEU A 252 -14.03 -27.58 8.65
C LEU A 252 -14.08 -27.12 7.20
N VAL A 253 -13.54 -27.94 6.28
CA VAL A 253 -13.52 -27.55 4.87
C VAL A 253 -14.94 -27.41 4.33
N MSE A 254 -15.85 -28.24 4.80
CA MSE A 254 -17.24 -28.18 4.34
C MSE A 254 -17.99 -26.98 4.91
O MSE A 254 -18.96 -26.49 4.30
CB MSE A 254 -17.98 -29.48 4.70
CG MSE A 254 -17.42 -30.72 4.05
SE MSE A 254 -18.42 -32.31 4.58
CE MSE A 254 -20.15 -31.86 3.78
N LEU A 255 -17.57 -26.51 6.08
CA LEU A 255 -18.27 -25.45 6.79
C LEU A 255 -17.86 -24.06 6.33
N LEU A 256 -16.58 -23.85 6.03
CA LEU A 256 -16.09 -22.50 5.73
C LEU A 256 -16.82 -21.80 4.60
N PRO A 257 -17.19 -22.44 3.48
CA PRO A 257 -17.91 -21.72 2.43
C PRO A 257 -19.28 -21.19 2.84
N PHE A 258 -19.80 -21.59 4.00
CA PHE A 258 -21.10 -21.11 4.46
C PHE A 258 -21.01 -19.85 5.32
N PHE A 259 -19.81 -19.45 5.74
CA PHE A 259 -19.65 -18.18 6.44
C PHE A 259 -18.25 -17.62 6.18
N PRO A 260 -17.88 -17.40 4.91
CA PRO A 260 -16.50 -16.97 4.63
C PRO A 260 -16.19 -15.56 5.09
N GLY A 261 -17.18 -14.67 5.15
CA GLY A 261 -16.92 -13.31 5.59
C GLY A 261 -16.82 -13.13 7.09
N ASP A 262 -17.10 -14.19 7.85
CA ASP A 262 -17.08 -14.12 9.31
C ASP A 262 -15.87 -14.81 9.92
N ILE A 263 -14.98 -15.37 9.10
CA ILE A 263 -13.84 -16.12 9.61
C ILE A 263 -12.58 -15.27 9.70
N VAL A 264 -12.68 -13.96 9.42
CA VAL A 264 -11.50 -13.10 9.49
C VAL A 264 -10.81 -13.16 10.85
N PRO A 265 -11.52 -13.06 12.00
CA PRO A 265 -10.82 -13.19 13.29
C PRO A 265 -10.18 -14.55 13.51
N TYR A 266 -10.59 -15.58 12.77
CA TYR A 266 -10.04 -16.92 12.96
C TYR A 266 -8.86 -17.23 12.03
N LEU A 267 -8.54 -16.34 11.10
CA LEU A 267 -7.48 -16.61 10.12
C LEU A 267 -6.14 -16.99 10.75
N PRO A 268 -5.62 -16.29 11.77
CA PRO A 268 -4.37 -16.75 12.39
C PRO A 268 -4.46 -18.17 12.93
N THR A 269 -5.60 -18.54 13.52
CA THR A 269 -5.77 -19.90 14.00
C THR A 269 -5.82 -20.90 12.84
N LEU A 270 -6.58 -20.57 11.80
CA LEU A 270 -6.69 -21.46 10.65
C LEU A 270 -5.34 -21.66 9.97
N PHE A 271 -4.54 -20.60 9.88
CA PHE A 271 -3.21 -20.72 9.27
C PHE A 271 -2.28 -21.57 10.14
N ASN A 272 -2.34 -21.39 11.46
CA ASN A 272 -1.51 -22.20 12.36
C ASN A 272 -1.90 -23.67 12.29
N ILE A 273 -3.19 -23.94 12.12
CA ILE A 273 -3.65 -25.33 11.95
C ILE A 273 -3.05 -25.93 10.69
N TYR A 274 -3.02 -25.15 9.60
CA TYR A 274 -2.40 -25.62 8.36
C TYR A 274 -0.93 -25.96 8.59
N ALA A 275 -0.22 -25.10 9.32
CA ALA A 275 1.20 -25.34 9.57
C ALA A 275 1.40 -26.59 10.40
N ARG A 276 0.53 -26.84 11.37
CA ARG A 276 0.64 -28.04 12.20
C ARG A 276 0.43 -29.29 11.36
N LEU A 277 -0.63 -29.31 10.54
CA LEU A 277 -0.91 -30.49 9.73
C LEU A 277 0.13 -30.65 8.62
N LEU A 278 0.72 -29.55 8.15
CA LEU A 278 1.79 -29.64 7.17
C LEU A 278 3.00 -30.39 7.72
N PHE A 279 3.23 -30.30 9.02
CA PHE A 279 4.34 -30.97 9.68
C PHE A 279 3.85 -32.09 10.58
N TRP A 280 2.81 -32.81 10.13
CA TRP A 280 2.20 -33.85 10.95
C TRP A 280 3.17 -34.98 11.28
N ASP A 281 4.19 -35.19 10.43
CA ASP A 281 5.15 -36.26 10.64
C ASP A 281 6.20 -35.92 11.70
N ARG A 282 6.22 -34.69 12.19
CA ARG A 282 7.24 -34.25 13.14
C ARG A 282 6.63 -33.98 14.51
N ASP A 283 7.51 -33.74 15.48
CA ASP A 283 7.15 -33.39 16.84
C ASP A 283 6.22 -34.43 17.47
N TRP A 306 -9.28 -29.96 27.90
CA TRP A 306 -9.55 -30.68 26.67
C TRP A 306 -9.17 -32.15 26.77
N ASP A 307 -10.10 -33.03 26.39
CA ASP A 307 -9.89 -34.47 26.46
C ASP A 307 -9.29 -34.91 25.12
N LYS A 308 -7.98 -35.12 25.11
CA LYS A 308 -7.27 -35.43 23.88
C LYS A 308 -7.56 -36.83 23.39
N VAL A 309 -7.65 -36.98 22.07
CA VAL A 309 -7.64 -38.29 21.42
C VAL A 309 -6.20 -38.64 21.06
N LEU A 310 -5.71 -39.77 21.58
CA LEU A 310 -4.33 -40.14 21.33
C LEU A 310 -4.19 -40.83 19.97
N LEU A 311 -2.93 -41.00 19.56
CA LEU A 311 -2.61 -41.66 18.30
C LEU A 311 -2.94 -43.14 18.37
N ASP A 312 -3.63 -43.65 17.35
CA ASP A 312 -3.91 -45.07 17.23
C ASP A 312 -2.83 -45.71 16.35
N PRO A 313 -1.85 -46.39 16.94
CA PRO A 313 -0.74 -46.92 16.13
C PRO A 313 -1.16 -47.97 15.12
N ASP A 314 -2.38 -48.51 15.25
CA ASP A 314 -2.84 -49.56 14.34
C ASP A 314 -3.33 -48.98 13.02
N TYR A 315 -3.97 -47.80 13.05
CA TYR A 315 -4.67 -47.28 11.89
C TYR A 315 -4.20 -45.90 11.44
N ASP A 316 -3.60 -45.11 12.33
CA ASP A 316 -3.27 -43.72 12.03
C ASP A 316 -2.05 -43.62 11.13
N GLY A 317 -2.18 -42.88 10.02
CA GLY A 317 -1.08 -42.66 9.11
C GLY A 317 -0.17 -41.55 9.57
N HIS A 318 0.78 -41.21 8.70
CA HIS A 318 1.79 -40.22 9.05
C HIS A 318 1.55 -38.86 8.42
N SER A 319 0.48 -38.73 7.63
CA SER A 319 0.13 -37.48 6.97
C SER A 319 -1.39 -37.36 6.95
N VAL A 320 -1.86 -36.12 6.95
CA VAL A 320 -3.30 -35.84 6.97
C VAL A 320 -3.83 -35.90 5.54
N PRO A 321 -4.73 -36.83 5.22
CA PRO A 321 -5.16 -36.99 3.82
C PRO A 321 -5.86 -35.77 3.25
N TYR A 322 -6.65 -35.06 4.05
CA TYR A 322 -7.45 -33.95 3.56
C TYR A 322 -6.69 -32.62 3.58
N LEU A 323 -5.40 -32.64 3.88
CA LEU A 323 -4.62 -31.41 3.86
C LEU A 323 -4.63 -30.70 2.51
N PRO A 324 -4.51 -31.37 1.37
CA PRO A 324 -4.58 -30.62 0.08
C PRO A 324 -5.87 -29.85 -0.10
N GLU A 325 -7.01 -30.44 0.28
CA GLU A 325 -8.28 -29.72 0.17
C GLU A 325 -8.33 -28.53 1.12
N TYR A 326 -7.63 -28.61 2.26
CA TYR A 326 -7.60 -27.49 3.19
C TYR A 326 -6.80 -26.32 2.62
N PHE A 327 -5.69 -26.61 1.94
CA PHE A 327 -4.96 -25.56 1.23
C PHE A 327 -5.86 -24.89 0.19
N THR A 328 -6.63 -25.68 -0.55
CA THR A 328 -7.47 -25.12 -1.61
C THR A 328 -8.51 -24.16 -1.05
N ILE A 329 -9.16 -24.52 0.05
CA ILE A 329 -10.21 -23.66 0.59
C ILE A 329 -9.61 -22.42 1.25
N LEU A 330 -8.44 -22.55 1.89
CA LEU A 330 -7.78 -21.38 2.45
C LEU A 330 -7.29 -20.45 1.35
N TYR A 331 -6.68 -21.01 0.31
CA TYR A 331 -6.23 -20.20 -0.81
C TYR A 331 -7.40 -19.64 -1.61
N GLY A 332 -8.52 -20.37 -1.67
CA GLY A 332 -9.67 -19.88 -2.41
C GLY A 332 -10.37 -18.72 -1.75
N LEU A 333 -10.39 -18.69 -0.41
CA LEU A 333 -11.14 -17.68 0.33
C LEU A 333 -10.29 -16.46 0.65
N TYR A 334 -9.07 -16.66 1.14
CA TYR A 334 -8.18 -15.57 1.52
C TYR A 334 -6.77 -15.85 1.01
N PRO A 335 -6.58 -15.79 -0.31
CA PRO A 335 -5.26 -16.12 -0.87
C PRO A 335 -4.15 -15.16 -0.46
N ILE A 336 -4.41 -13.85 -0.50
CA ILE A 336 -3.36 -12.88 -0.20
C ILE A 336 -2.89 -13.00 1.23
N ASN A 337 -3.83 -13.20 2.16
CA ASN A 337 -3.44 -13.41 3.56
C ASN A 337 -2.77 -14.76 3.75
N PHE A 338 -3.18 -15.78 2.99
CA PHE A 338 -2.62 -17.11 3.16
C PHE A 338 -1.16 -17.14 2.70
N VAL A 339 -0.88 -16.62 1.50
CA VAL A 339 0.49 -16.64 1.01
C VAL A 339 1.37 -15.70 1.81
N ASP A 340 0.78 -14.66 2.41
CA ASP A 340 1.54 -13.81 3.32
C ASP A 340 1.89 -14.54 4.61
N TYR A 341 0.99 -15.41 5.08
CA TYR A 341 1.31 -16.26 6.23
C TYR A 341 2.45 -17.22 5.90
N ILE A 342 2.39 -17.84 4.71
CA ILE A 342 3.45 -18.76 4.32
C ILE A 342 4.77 -18.01 4.17
N ARG A 343 4.72 -16.77 3.70
CA ARG A 343 5.93 -15.98 3.56
C ARG A 343 6.47 -15.55 4.92
N LYS A 344 5.60 -15.10 5.82
CA LYS A 344 6.00 -14.55 7.11
C LYS A 344 5.08 -15.12 8.19
N PRO A 345 5.32 -16.38 8.61
CA PRO A 345 4.52 -16.91 9.72
C PRO A 345 4.94 -16.34 11.07
N ASP A 359 12.30 -17.98 9.97
CA ASP A 359 13.54 -18.69 10.26
C ASP A 359 13.63 -20.01 9.50
N VAL A 360 14.22 -21.03 10.14
CA VAL A 360 14.36 -22.34 9.55
C VAL A 360 13.00 -23.00 9.32
N HIS A 361 12.12 -22.94 10.32
CA HIS A 361 10.80 -23.55 10.18
C HIS A 361 10.00 -22.85 9.09
N ALA A 362 10.13 -21.52 8.97
CA ALA A 362 9.42 -20.78 7.93
C ALA A 362 9.89 -21.23 6.54
N ALA A 363 11.20 -21.39 6.35
CA ALA A 363 11.70 -21.87 5.07
C ALA A 363 11.14 -23.26 4.75
N GLU A 364 11.00 -24.10 5.78
CA GLU A 364 10.44 -25.44 5.56
C GLU A 364 8.96 -25.37 5.20
N ILE A 365 8.23 -24.40 5.77
CA ILE A 365 6.82 -24.23 5.42
C ILE A 365 6.68 -23.93 3.93
N ARG A 366 7.56 -23.09 3.38
CA ARG A 366 7.53 -22.84 1.94
C ARG A 366 7.79 -24.11 1.15
N GLU A 367 8.85 -24.85 1.54
CA GLU A 367 9.23 -26.04 0.79
C GLU A 367 8.13 -27.09 0.80
N ARG A 368 7.44 -27.23 1.93
CA ARG A 368 6.35 -28.19 2.00
C ARG A 368 5.07 -27.67 1.34
N SER A 369 4.95 -26.36 1.15
CA SER A 369 3.82 -25.79 0.42
C SER A 369 4.03 -25.79 -1.09
N GLU A 370 5.23 -26.15 -1.56
CA GLU A 370 5.51 -26.11 -3.00
C GLU A 370 4.59 -27.03 -3.80
N ARG A 371 4.37 -28.26 -3.31
CA ARG A 371 3.52 -29.18 -4.05
C ARG A 371 2.08 -28.72 -4.11
N PHE A 372 1.65 -27.87 -3.18
CA PHE A 372 0.32 -27.28 -3.26
C PHE A 372 0.30 -26.03 -4.14
N ARG A 373 1.40 -25.27 -4.15
CA ARG A 373 1.48 -24.10 -5.01
C ARG A 373 1.38 -24.49 -6.48
N LYS A 374 2.05 -25.58 -6.87
CA LYS A 374 2.04 -26.05 -8.25
C LYS A 374 0.71 -26.67 -8.66
N GLN A 375 -0.29 -26.67 -7.79
CA GLN A 375 -1.60 -27.21 -8.09
C GLN A 375 -2.66 -26.13 -8.27
N HIS A 376 -2.32 -24.86 -8.11
CA HIS A 376 -3.31 -23.79 -8.07
C HIS A 376 -2.94 -22.66 -9.02
N LEU A 377 -3.94 -22.17 -9.74
CA LEU A 377 -3.78 -21.02 -10.62
C LEU A 377 -3.60 -19.75 -9.80
N LEU A 378 -3.10 -18.71 -10.46
CA LEU A 378 -3.05 -17.39 -9.84
C LEU A 378 -4.47 -16.94 -9.47
N HIS A 379 -4.63 -16.47 -8.23
CA HIS A 379 -5.96 -16.13 -7.74
C HIS A 379 -6.37 -14.75 -8.24
N PRO A 380 -7.65 -14.58 -8.63
CA PRO A 380 -8.11 -13.26 -9.08
C PRO A 380 -8.03 -12.17 -8.02
N ASN A 381 -7.99 -12.54 -6.73
CA ASN A 381 -7.85 -11.54 -5.68
C ASN A 381 -6.58 -10.72 -5.85
N PHE A 382 -5.55 -11.31 -6.44
CA PHE A 382 -4.29 -10.63 -6.66
C PHE A 382 -4.41 -9.49 -7.68
N TYR A 383 -5.51 -9.43 -8.44
CA TYR A 383 -5.79 -8.33 -9.33
C TYR A 383 -6.70 -7.28 -8.72
N GLU A 384 -7.13 -7.47 -7.47
CA GLU A 384 -8.25 -6.67 -7.00
C GLU A 384 -8.05 -6.11 -5.60
N TYR A 385 -7.33 -6.84 -4.76
CA TYR A 385 -7.30 -6.51 -3.34
C TYR A 385 -5.87 -6.41 -2.84
N THR A 386 -5.74 -5.71 -1.73
CA THR A 386 -4.55 -5.76 -0.89
C THR A 386 -4.79 -6.79 0.20
N ILE A 387 -3.78 -6.98 1.05
CA ILE A 387 -3.95 -7.92 2.16
C ILE A 387 -5.00 -7.41 3.14
N GLU A 388 -5.26 -6.10 3.17
CA GLU A 388 -6.24 -5.56 4.09
C GLU A 388 -7.66 -5.65 3.51
N THR A 389 -7.86 -5.12 2.30
CA THR A 389 -9.21 -5.08 1.72
C THR A 389 -9.73 -6.48 1.39
N GLU A 390 -8.86 -7.47 1.22
CA GLU A 390 -9.31 -8.84 1.04
C GLU A 390 -10.13 -9.31 2.25
N LYS A 391 -9.71 -8.92 3.45
CA LYS A 391 -10.47 -9.28 4.65
C LYS A 391 -11.63 -8.33 4.88
N THR A 392 -11.49 -7.07 4.45
CA THR A 392 -12.46 -6.04 4.78
C THR A 392 -13.57 -5.92 3.73
N ASN A 393 -13.24 -6.07 2.46
CA ASN A 393 -14.26 -5.94 1.41
C ASN A 393 -15.03 -7.25 1.32
N ILE A 394 -16.34 -7.18 1.53
CA ILE A 394 -17.18 -8.37 1.63
C ILE A 394 -18.09 -8.52 0.41
N THR A 395 -17.90 -7.70 -0.62
CA THR A 395 -18.71 -7.82 -1.83
C THR A 395 -18.61 -9.21 -2.44
N ARG A 396 -17.43 -9.85 -2.35
CA ARG A 396 -17.29 -11.22 -2.83
C ARG A 396 -18.36 -12.14 -2.25
N TRP A 397 -18.71 -11.96 -0.97
CA TRP A 397 -19.58 -12.92 -0.31
C TRP A 397 -21.05 -12.57 -0.45
N LEU A 398 -21.37 -11.32 -0.77
CA LEU A 398 -22.76 -10.93 -0.98
C LEU A 398 -23.31 -11.56 -2.25
N LYS A 399 -22.50 -11.60 -3.30
CA LYS A 399 -22.95 -12.04 -4.62
C LYS A 399 -23.09 -13.56 -4.72
N SER A 400 -22.30 -14.32 -3.97
CA SER A 400 -22.20 -15.76 -4.15
C SER A 400 -22.63 -16.50 -2.90
N GLU A 401 -23.24 -17.67 -3.11
CA GLU A 401 -23.58 -18.62 -2.06
C GLU A 401 -22.54 -19.73 -2.00
N ALA A 402 -22.69 -20.61 -1.00
CA ALA A 402 -21.69 -21.64 -0.73
C ALA A 402 -21.40 -22.51 -1.95
N ASP A 403 -22.45 -22.95 -2.67
CA ASP A 403 -22.21 -23.83 -3.80
C ASP A 403 -21.41 -23.15 -4.90
N GLU A 404 -21.61 -21.84 -5.09
CA GLU A 404 -20.80 -21.11 -6.06
C GLU A 404 -19.38 -20.91 -5.55
N ILE A 405 -19.25 -20.58 -4.26
CA ILE A 405 -17.94 -20.33 -3.66
C ILE A 405 -17.08 -21.59 -3.71
N ILE A 406 -17.69 -22.75 -3.44
CA ILE A 406 -16.95 -24.01 -3.54
C ILE A 406 -16.49 -24.23 -4.98
N ALA A 407 -17.40 -24.03 -5.94
CA ALA A 407 -17.06 -24.22 -7.35
C ALA A 407 -15.94 -23.28 -7.78
N ASP A 408 -15.98 -22.02 -7.33
CA ASP A 408 -14.92 -21.08 -7.67
C ASP A 408 -13.58 -21.53 -7.11
N CYS A 409 -13.58 -22.10 -5.91
CA CYS A 409 -12.35 -22.61 -5.32
C CYS A 409 -11.82 -23.82 -6.11
N MSE A 410 -12.71 -24.68 -6.58
CA MSE A 410 -12.31 -25.85 -7.36
C MSE A 410 -11.75 -25.45 -8.72
O MSE A 410 -10.90 -26.13 -9.28
CB MSE A 410 -13.49 -26.81 -7.54
CG MSE A 410 -14.07 -27.34 -6.24
SE MSE A 410 -12.73 -28.23 -5.15
CE MSE A 410 -13.00 -27.25 -3.48
N ALA A 411 -12.26 -24.33 -9.25
CA ALA A 411 -11.79 -23.83 -10.53
C ALA A 411 -10.33 -23.39 -10.50
N LEU A 412 -9.74 -23.23 -9.32
CA LEU A 412 -8.34 -22.87 -9.18
C LEU A 412 -7.40 -24.05 -9.20
N VAL A 413 -7.91 -25.28 -9.06
CA VAL A 413 -7.06 -26.45 -8.93
C VAL A 413 -6.72 -26.98 -10.32
N VAL A 414 -5.43 -27.16 -10.59
CA VAL A 414 -4.99 -27.70 -11.87
C VAL A 414 -4.73 -29.19 -11.72
N ASP A 415 -4.32 -29.61 -10.53
CA ASP A 415 -3.99 -31.01 -10.25
C ASP A 415 -4.21 -31.33 -8.78
N SER B 8 62.26 -13.99 -48.72
CA SER B 8 62.64 -14.05 -50.13
C SER B 8 61.68 -13.19 -50.96
N SER B 9 61.75 -11.88 -50.73
CA SER B 9 60.75 -10.95 -51.24
C SER B 9 60.54 -11.10 -52.74
N ARG B 10 61.60 -10.96 -53.52
CA ARG B 10 61.45 -10.88 -54.97
C ARG B 10 60.96 -12.19 -55.57
N ASP B 11 61.43 -13.33 -55.05
CA ASP B 11 60.92 -14.60 -55.53
C ASP B 11 59.47 -14.82 -55.14
N LEU B 12 58.96 -14.07 -54.15
CA LEU B 12 57.55 -14.19 -53.79
C LEU B 12 56.66 -13.59 -54.88
N PHE B 13 57.04 -12.42 -55.40
CA PHE B 13 56.27 -11.77 -56.44
C PHE B 13 56.22 -12.63 -57.70
N ARG B 14 57.33 -13.29 -58.03
CA ARG B 14 57.39 -14.12 -59.22
C ARG B 14 56.38 -15.24 -59.16
N ALA B 15 56.23 -15.85 -57.99
CA ALA B 15 55.25 -16.91 -57.81
C ALA B 15 53.84 -16.35 -57.93
N LEU B 16 53.59 -15.16 -57.39
CA LEU B 16 52.26 -14.56 -57.43
C LEU B 16 51.86 -14.22 -58.87
N ASN B 17 52.76 -13.57 -59.60
CA ASN B 17 52.46 -13.18 -60.98
C ASN B 17 52.21 -14.39 -61.86
N SER B 18 52.98 -15.46 -61.65
CA SER B 18 52.77 -16.69 -62.41
C SER B 18 51.48 -17.39 -62.01
N PHE B 19 51.13 -17.35 -60.73
CA PHE B 19 49.94 -18.05 -60.26
C PHE B 19 48.65 -17.43 -60.78
N ILE B 20 48.59 -16.11 -60.88
CA ILE B 20 47.35 -15.47 -61.29
C ILE B 20 46.93 -15.96 -62.67
N GLN B 21 47.88 -16.01 -63.61
CA GLN B 21 47.58 -16.52 -64.93
C GLN B 21 47.49 -18.05 -64.97
N THR B 22 48.19 -18.74 -64.06
CA THR B 22 48.20 -20.20 -64.02
C THR B 22 47.69 -20.72 -62.69
N PRO B 23 46.41 -20.51 -62.38
CA PRO B 23 45.87 -21.06 -61.14
C PRO B 23 45.43 -22.51 -61.30
N THR B 24 45.79 -23.32 -60.32
CA THR B 24 45.15 -24.60 -60.10
C THR B 24 44.20 -24.36 -58.96
N LEU B 25 43.04 -25.01 -59.00
CA LEU B 25 41.99 -24.72 -58.02
C LEU B 25 42.54 -24.64 -56.59
N PRO B 26 43.41 -25.54 -56.14
CA PRO B 26 44.25 -25.23 -54.98
C PRO B 26 45.56 -24.64 -55.43
N PRO B 27 46.16 -23.75 -54.67
CA PRO B 27 47.41 -23.12 -55.08
C PRO B 27 48.53 -24.14 -55.20
N PRO B 28 49.40 -24.01 -56.21
CA PRO B 28 50.47 -24.98 -56.39
C PRO B 28 51.39 -25.07 -55.20
N ALA B 29 52.05 -26.22 -55.08
CA ALA B 29 52.92 -26.49 -53.94
C ALA B 29 54.07 -25.49 -53.83
N ASP B 30 54.51 -24.92 -54.94
CA ASP B 30 55.65 -24.01 -54.91
C ASP B 30 55.30 -22.61 -54.43
N LEU B 31 54.01 -22.26 -54.41
CA LEU B 31 53.63 -20.92 -53.96
C LEU B 31 53.61 -20.82 -52.45
N ASP B 32 53.02 -21.80 -51.76
CA ASP B 32 52.91 -21.73 -50.30
C ASP B 32 54.28 -21.74 -49.66
N ALA B 33 55.26 -22.44 -50.27
CA ALA B 33 56.59 -22.51 -49.70
C ALA B 33 57.28 -21.14 -49.69
N ILE B 34 57.18 -20.40 -50.80
CA ILE B 34 57.79 -19.08 -50.85
C ILE B 34 57.10 -18.13 -49.88
N ILE B 35 55.78 -18.23 -49.76
CA ILE B 35 55.04 -17.36 -48.85
C ILE B 35 55.49 -17.57 -47.41
N SER B 36 55.61 -18.85 -47.00
CA SER B 36 56.00 -19.14 -45.62
C SER B 36 57.40 -18.58 -45.31
N SER B 37 58.35 -18.78 -46.21
CA SER B 37 59.69 -18.23 -46.01
C SER B 37 59.68 -16.71 -46.03
N TYR B 38 58.81 -16.10 -46.86
CA TYR B 38 58.70 -14.65 -46.88
C TYR B 38 58.25 -14.12 -45.53
N LEU B 39 57.17 -14.67 -44.98
CA LEU B 39 56.69 -14.24 -43.68
C LEU B 39 57.69 -14.55 -42.57
N GLU B 40 58.62 -15.48 -42.83
CA GLU B 40 59.62 -15.83 -41.82
C GLU B 40 60.62 -14.71 -41.60
N ARG B 41 61.26 -14.24 -42.67
CA ARG B 41 62.30 -13.23 -42.53
C ARG B 41 61.76 -11.81 -42.49
N HIS B 42 60.44 -11.63 -42.48
CA HIS B 42 59.81 -10.32 -42.35
C HIS B 42 59.16 -10.27 -40.98
N ASP B 43 59.89 -9.72 -40.01
CA ASP B 43 59.48 -9.74 -38.61
C ASP B 43 58.67 -8.51 -38.21
N LYS B 44 58.78 -7.41 -38.96
CA LYS B 44 58.03 -6.19 -38.70
C LYS B 44 57.39 -5.74 -40.01
N PRO B 45 56.17 -6.22 -40.31
CA PRO B 45 55.54 -5.90 -41.60
C PRO B 45 55.13 -4.43 -41.72
N GLU B 46 54.74 -3.80 -40.61
CA GLU B 46 54.28 -2.40 -40.62
C GLU B 46 55.42 -1.39 -40.78
N GLU B 47 56.63 -1.84 -41.11
CA GLU B 47 57.78 -0.94 -41.18
C GLU B 47 58.34 -0.81 -42.59
N GLY B 48 57.59 -1.24 -43.60
CA GLY B 48 58.05 -1.10 -44.97
C GLY B 48 57.77 -2.30 -45.85
N SER B 49 57.96 -3.51 -45.30
CA SER B 49 57.72 -4.71 -46.09
C SER B 49 56.23 -4.87 -46.42
N GLY B 50 55.36 -4.58 -45.45
CA GLY B 50 53.94 -4.65 -45.71
C GLY B 50 53.47 -3.64 -46.73
N ASP B 51 54.09 -2.45 -46.74
CA ASP B 51 53.68 -1.41 -47.67
C ASP B 51 53.99 -1.81 -49.11
N ARG B 52 55.18 -2.36 -49.36
CA ARG B 52 55.53 -2.79 -50.70
C ARG B 52 54.70 -3.99 -51.16
N LEU B 53 54.33 -4.88 -50.23
CA LEU B 53 53.47 -6.00 -50.58
C LEU B 53 52.09 -5.50 -51.02
N ASN B 54 51.54 -4.52 -50.31
CA ASN B 54 50.24 -3.96 -50.66
C ASN B 54 50.28 -3.32 -52.04
N ASP B 55 51.31 -2.50 -52.32
CA ASP B 55 51.40 -1.85 -53.61
C ASP B 55 51.45 -2.86 -54.75
N GLU B 56 52.16 -3.98 -54.54
CA GLU B 56 52.24 -5.01 -55.56
C GLU B 56 50.90 -5.75 -55.70
N LEU B 57 50.26 -6.08 -54.58
CA LEU B 57 48.96 -6.75 -54.63
C LEU B 57 47.91 -5.87 -55.33
N LEU B 58 47.93 -4.57 -55.07
CA LEU B 58 47.06 -3.65 -55.80
C LEU B 58 47.32 -3.70 -57.29
N ALA B 59 48.60 -3.72 -57.69
CA ALA B 59 48.96 -3.75 -59.11
C ALA B 59 48.44 -5.01 -59.78
N ILE B 60 48.61 -6.17 -59.14
CA ILE B 60 48.13 -7.42 -59.72
C ILE B 60 46.61 -7.36 -59.90
N TRP B 61 45.91 -6.86 -58.88
CA TRP B 61 44.46 -6.74 -58.94
C TRP B 61 44.03 -5.85 -60.10
N ASP B 62 44.68 -4.69 -60.26
CA ASP B 62 44.29 -3.77 -61.34
C ASP B 62 44.59 -4.36 -62.70
N LYS B 63 45.85 -4.79 -62.93
CA LYS B 63 46.25 -5.17 -64.27
C LYS B 63 45.83 -6.59 -64.65
N ALA B 64 45.60 -7.46 -63.68
CA ALA B 64 45.40 -8.87 -63.97
C ALA B 64 44.15 -9.50 -63.37
N VAL B 65 43.58 -8.94 -62.30
CA VAL B 65 42.52 -9.60 -61.56
C VAL B 65 41.19 -8.86 -61.67
N GLN B 66 41.20 -7.53 -61.67
CA GLN B 66 39.95 -6.77 -61.49
C GLN B 66 38.77 -7.29 -62.29
N ASP B 67 38.96 -7.57 -63.58
CA ASP B 67 37.88 -8.03 -64.45
C ASP B 67 38.02 -9.50 -64.85
N HIS B 68 38.44 -10.35 -63.91
CA HIS B 68 38.62 -11.77 -64.16
C HIS B 68 38.08 -12.54 -62.96
N PRO B 69 36.78 -12.82 -62.94
CA PRO B 69 36.16 -13.42 -61.74
C PRO B 69 36.70 -14.80 -61.35
N GLU B 70 37.11 -15.65 -62.30
CA GLU B 70 37.64 -16.93 -61.88
C GLU B 70 38.96 -16.77 -61.12
N LYS B 71 39.65 -15.67 -61.34
CA LYS B 71 40.87 -15.36 -60.60
C LYS B 71 40.57 -14.61 -59.32
N TYR B 72 39.31 -14.18 -59.11
CA TYR B 72 38.94 -13.60 -57.83
C TYR B 72 39.13 -14.62 -56.73
N ALA B 73 38.59 -15.83 -56.94
CA ALA B 73 38.71 -16.89 -55.95
C ALA B 73 40.16 -17.24 -55.72
N ALA B 74 40.96 -17.28 -56.79
CA ALA B 74 42.39 -17.50 -56.64
C ALA B 74 43.05 -16.34 -55.92
N PHE B 75 42.67 -15.11 -56.26
CA PHE B 75 43.25 -13.93 -55.62
C PHE B 75 42.93 -13.90 -54.12
N VAL B 76 41.73 -14.31 -53.74
CA VAL B 76 41.37 -14.32 -52.33
C VAL B 76 42.23 -15.34 -51.57
N ALA B 77 42.49 -16.49 -52.19
CA ALA B 77 43.36 -17.48 -51.57
C ALA B 77 44.75 -16.92 -51.32
N VAL B 78 45.28 -16.17 -52.28
CA VAL B 78 46.57 -15.52 -52.09
C VAL B 78 46.49 -14.47 -51.00
N LEU B 79 45.41 -13.70 -50.98
CA LEU B 79 45.26 -12.65 -49.98
C LEU B 79 45.12 -13.22 -48.58
N ARG B 80 44.51 -14.40 -48.45
CA ARG B 80 44.38 -15.03 -47.14
C ARG B 80 45.75 -15.43 -46.59
N GLN B 81 46.59 -16.03 -47.43
CA GLN B 81 47.90 -16.49 -46.96
C GLN B 81 48.84 -15.34 -46.67
N LEU B 82 48.75 -14.24 -47.42
CA LEU B 82 49.62 -13.09 -47.24
C LEU B 82 49.07 -12.09 -46.24
N ARG B 83 47.92 -12.37 -45.65
CA ARG B 83 47.33 -11.46 -44.66
C ARG B 83 48.25 -11.12 -43.49
N PRO B 84 48.97 -12.05 -42.87
CA PRO B 84 49.85 -11.65 -41.75
C PRO B 84 50.92 -10.66 -42.15
N GLY B 85 51.37 -10.70 -43.40
CA GLY B 85 52.40 -9.81 -43.86
C GLY B 85 51.93 -8.48 -44.41
N LEU B 86 50.63 -8.18 -44.35
CA LEU B 86 50.15 -6.91 -44.88
C LEU B 86 50.53 -5.73 -43.99
N GLY B 87 50.62 -5.96 -42.70
CA GLY B 87 51.03 -4.92 -41.78
C GLY B 87 49.91 -4.30 -40.96
N ALA B 88 49.58 -3.05 -41.28
CA ALA B 88 48.59 -2.32 -40.51
C ALA B 88 47.23 -3.00 -40.60
N PRO B 89 46.48 -3.06 -39.51
CA PRO B 89 45.14 -3.69 -39.57
C PRO B 89 44.19 -3.00 -40.52
N ALA B 90 44.47 -1.75 -40.88
CA ALA B 90 43.64 -1.07 -41.87
C ALA B 90 43.88 -1.63 -43.26
N ARG B 91 45.02 -2.29 -43.48
CA ARG B 91 45.33 -2.86 -44.79
C ARG B 91 44.43 -4.06 -45.09
N THR B 92 44.15 -4.86 -44.06
CA THR B 92 43.28 -6.02 -44.23
C THR B 92 41.84 -5.59 -44.48
N PHE B 93 41.37 -4.58 -43.76
CA PHE B 93 40.01 -4.08 -43.98
C PHE B 93 39.87 -3.48 -45.37
N GLN B 94 40.88 -2.74 -45.83
CA GLN B 94 40.84 -2.15 -47.16
C GLN B 94 40.67 -3.21 -48.25
N TRP B 95 41.31 -4.37 -48.06
CA TRP B 95 41.16 -5.44 -49.04
C TRP B 95 39.82 -6.14 -48.88
N TRP B 96 39.41 -6.42 -47.65
CA TRP B 96 38.09 -6.97 -47.39
C TRP B 96 37.00 -6.05 -47.91
N ASP B 97 37.13 -4.75 -47.65
CA ASP B 97 36.19 -3.77 -48.18
C ASP B 97 36.21 -3.75 -49.70
N LYS B 98 37.40 -3.91 -50.30
CA LYS B 98 37.53 -3.86 -51.75
C LYS B 98 36.94 -5.09 -52.42
N LEU B 99 37.01 -6.25 -51.77
CA LEU B 99 36.55 -7.50 -52.37
C LEU B 99 35.10 -7.84 -52.03
N LEU B 100 34.46 -7.10 -51.13
CA LEU B 100 33.12 -7.48 -50.66
C LEU B 100 32.13 -7.57 -51.81
N ASP B 101 31.92 -6.47 -52.52
CA ASP B 101 30.94 -6.43 -53.60
C ASP B 101 31.31 -7.34 -54.77
N PRO B 102 32.58 -7.42 -55.19
CA PRO B 102 32.91 -8.42 -56.22
C PRO B 102 32.59 -9.85 -55.81
N VAL B 103 32.82 -10.21 -54.54
CA VAL B 103 32.49 -11.55 -54.08
C VAL B 103 30.98 -11.75 -54.03
N LEU B 104 30.25 -10.77 -53.49
CA LEU B 104 28.80 -10.91 -53.36
C LEU B 104 28.13 -11.06 -54.72
N ASP B 105 28.64 -10.37 -55.74
CA ASP B 105 28.02 -10.43 -57.06
C ASP B 105 28.23 -11.77 -57.75
N ASN B 106 29.21 -12.57 -57.31
CA ASN B 106 29.54 -13.83 -57.95
C ASN B 106 29.48 -15.01 -56.99
N ALA B 107 28.83 -14.84 -55.83
CA ALA B 107 28.82 -15.90 -54.83
C ALA B 107 28.11 -17.15 -55.33
N THR B 108 27.00 -16.98 -56.05
CA THR B 108 26.23 -18.12 -56.51
C THR B 108 26.81 -18.80 -57.74
N ARG B 109 27.65 -18.09 -58.52
CA ARG B 109 28.11 -18.60 -59.79
C ARG B 109 29.53 -19.14 -59.77
N GLU B 110 30.41 -18.59 -58.93
CA GLU B 110 31.80 -19.01 -58.88
C GLU B 110 31.99 -19.90 -57.65
N LYS B 111 32.41 -21.15 -57.89
CA LYS B 111 32.48 -22.12 -56.81
C LYS B 111 33.56 -21.75 -55.80
N GLY B 112 33.24 -21.97 -54.53
CA GLY B 112 34.16 -21.71 -53.44
C GLY B 112 34.44 -20.25 -53.18
N LEU B 113 34.06 -19.34 -54.09
CA LEU B 113 34.34 -17.92 -53.88
C LEU B 113 33.62 -17.40 -52.64
N ALA B 114 32.34 -17.76 -52.47
CA ALA B 114 31.61 -17.35 -51.28
C ALA B 114 32.23 -17.95 -50.02
N ARG B 115 32.57 -19.24 -50.07
CA ARG B 115 33.18 -19.90 -48.92
C ARG B 115 34.58 -19.37 -48.64
N SER B 116 35.35 -19.10 -49.70
CA SER B 116 36.71 -18.58 -49.51
C SER B 116 36.67 -17.21 -48.85
N PHE B 117 35.76 -16.34 -49.27
CA PHE B 117 35.64 -15.03 -48.65
C PHE B 117 35.13 -15.13 -47.23
N MSE B 118 34.28 -16.11 -46.95
CA MSE B 118 33.77 -16.32 -45.60
C MSE B 118 34.89 -16.80 -44.68
O MSE B 118 35.02 -16.32 -43.55
CB MSE B 118 32.62 -17.32 -45.60
CG MSE B 118 31.94 -17.45 -44.26
SE MSE B 118 31.18 -15.77 -43.67
CE MSE B 118 31.32 -16.01 -41.75
N ASP B 119 35.69 -17.75 -45.18
CA ASP B 119 36.84 -18.22 -44.41
C ASP B 119 37.86 -17.11 -44.22
N PHE B 120 38.05 -16.27 -45.24
CA PHE B 120 38.88 -15.08 -45.07
C PHE B 120 38.34 -14.19 -43.97
N THR B 121 37.02 -13.99 -43.94
CA THR B 121 36.40 -13.21 -42.88
C THR B 121 36.63 -13.86 -41.51
N LEU B 122 36.48 -15.18 -41.44
CA LEU B 122 36.65 -15.88 -40.16
C LEU B 122 38.10 -15.81 -39.69
N GLU B 123 39.06 -15.87 -40.63
CA GLU B 123 40.47 -15.78 -40.25
C GLU B 123 40.80 -14.40 -39.70
N ILE B 124 40.18 -13.35 -40.26
CA ILE B 124 40.41 -12.00 -39.76
C ILE B 124 39.90 -11.88 -38.32
N LEU B 125 38.73 -12.45 -38.04
CA LEU B 125 38.11 -12.29 -36.74
C LEU B 125 38.84 -13.07 -35.64
N SER B 126 39.54 -14.15 -36.01
CA SER B 126 40.17 -15.02 -35.03
C SER B 126 41.66 -14.74 -34.82
N SER B 127 42.16 -13.56 -35.22
CA SER B 127 43.56 -13.21 -35.06
C SER B 127 43.72 -11.96 -34.20
N SER B 128 44.33 -12.11 -33.03
CA SER B 128 44.81 -11.02 -32.16
C SER B 128 43.86 -9.81 -32.11
N GLU B 129 42.66 -10.05 -31.59
CA GLU B 129 41.75 -8.95 -31.27
C GLU B 129 41.04 -9.23 -29.95
N GLY B 140 34.64 0.04 -33.02
CA GLY B 140 35.12 -1.31 -33.17
C GLY B 140 34.88 -1.88 -34.55
N PHE B 141 34.07 -2.94 -34.62
CA PHE B 141 33.73 -3.61 -35.88
C PHE B 141 32.57 -2.93 -36.62
N ILE B 142 32.14 -1.75 -36.18
CA ILE B 142 31.00 -1.09 -36.81
C ILE B 142 31.20 -0.86 -38.30
N PRO B 143 32.35 -0.34 -38.78
CA PRO B 143 32.48 -0.14 -40.24
C PRO B 143 32.38 -1.42 -41.04
N TRP B 144 32.83 -2.54 -40.47
CA TRP B 144 32.62 -3.83 -41.10
C TRP B 144 31.13 -4.15 -41.15
N LEU B 145 30.45 -3.97 -40.01
CA LEU B 145 29.03 -4.29 -39.90
C LEU B 145 28.17 -3.39 -40.79
N ASN B 146 28.46 -2.09 -40.83
CA ASN B 146 27.65 -1.17 -41.62
C ASN B 146 27.69 -1.53 -43.09
N ARG B 147 28.86 -1.92 -43.60
CA ARG B 147 28.96 -2.39 -44.98
C ARG B 147 28.10 -3.63 -45.19
N LEU B 148 28.17 -4.58 -44.25
CA LEU B 148 27.34 -5.77 -44.35
C LEU B 148 25.87 -5.44 -44.18
N LEU B 149 25.54 -4.54 -43.24
CA LEU B 149 24.15 -4.21 -42.98
C LEU B 149 23.49 -3.57 -44.20
N VAL B 150 24.13 -2.55 -44.77
CA VAL B 150 23.54 -1.85 -45.91
C VAL B 150 23.24 -2.82 -47.04
N ARG B 151 24.18 -3.72 -47.33
CA ARG B 151 23.92 -4.72 -48.37
C ARG B 151 22.86 -5.73 -47.96
N TRP B 152 22.76 -6.04 -46.67
CA TRP B 152 21.74 -6.98 -46.22
C TRP B 152 20.35 -6.38 -46.26
N MSE B 153 20.22 -5.05 -46.20
CA MSE B 153 18.91 -4.40 -46.20
C MSE B 153 18.40 -4.13 -47.62
O MSE B 153 17.22 -3.83 -47.81
CB MSE B 153 18.97 -3.09 -45.42
CG MSE B 153 19.36 -3.26 -43.95
SE MSE B 153 17.88 -3.81 -42.80
CE MSE B 153 18.87 -3.99 -41.12
N GLU B 154 19.29 -4.23 -48.60
CA GLU B 154 18.94 -3.99 -49.99
C GLU B 154 17.93 -4.99 -50.50
N ASP B 167 20.07 -18.93 -50.09
CA ASP B 167 20.89 -18.25 -51.08
C ASP B 167 22.27 -17.96 -50.51
N LEU B 168 23.32 -18.30 -51.27
CA LEU B 168 24.68 -18.12 -50.78
C LEU B 168 25.02 -16.65 -50.57
N LYS B 169 24.47 -15.76 -51.39
CA LYS B 169 24.73 -14.33 -51.19
C LYS B 169 24.11 -13.85 -49.87
N GLU B 170 22.88 -14.31 -49.58
CA GLU B 170 22.27 -13.97 -48.31
C GLU B 170 22.97 -14.68 -47.16
N GLN B 171 23.42 -15.92 -47.38
CA GLN B 171 24.12 -16.65 -46.33
C GLN B 171 25.44 -15.99 -45.98
N VAL B 172 26.18 -15.50 -46.98
CA VAL B 172 27.44 -14.82 -46.72
C VAL B 172 27.21 -13.58 -45.88
N LEU B 173 26.26 -12.74 -46.30
CA LEU B 173 25.93 -11.55 -45.53
C LEU B 173 25.43 -11.91 -44.14
N THR B 174 24.60 -12.96 -44.04
CA THR B 174 24.07 -13.36 -42.74
C THR B 174 25.16 -13.96 -41.87
N ASP B 175 25.91 -14.94 -42.39
CA ASP B 175 26.95 -15.58 -41.59
C ASP B 175 28.03 -14.59 -41.16
N ALA B 176 28.37 -13.64 -42.04
CA ALA B 176 29.37 -12.64 -41.68
C ALA B 176 28.82 -11.68 -40.61
N LEU B 177 27.57 -11.23 -40.77
CA LEU B 177 26.97 -10.38 -39.75
C LEU B 177 26.89 -11.09 -38.41
N LEU B 178 26.51 -12.37 -38.41
CA LEU B 178 26.47 -13.13 -37.18
C LEU B 178 27.88 -13.37 -36.62
N ALA B 179 28.86 -13.59 -37.50
CA ALA B 179 30.23 -13.78 -37.04
C ALA B 179 30.78 -12.50 -36.45
N PHE B 180 30.58 -11.36 -37.13
CA PHE B 180 30.99 -10.08 -36.57
C PHE B 180 30.22 -9.76 -35.30
N GLY B 181 28.93 -10.13 -35.26
CA GLY B 181 28.15 -9.86 -34.08
C GLY B 181 28.55 -10.73 -32.90
N LYS B 182 28.95 -11.97 -33.17
CA LYS B 182 29.44 -12.83 -32.10
C LYS B 182 30.74 -12.29 -31.50
N LYS B 183 31.57 -11.66 -32.33
CA LYS B 183 32.85 -11.12 -31.84
C LYS B 183 32.64 -9.80 -31.11
N ASP B 184 31.74 -8.95 -31.62
CA ASP B 184 31.47 -7.63 -31.06
C ASP B 184 29.96 -7.47 -30.92
N PRO B 185 29.37 -8.02 -29.87
CA PRO B 185 27.91 -7.92 -29.71
C PRO B 185 27.41 -6.49 -29.53
N LYS B 186 28.11 -5.67 -28.74
CA LYS B 186 27.70 -4.29 -28.56
C LYS B 186 27.80 -3.51 -29.87
N GLY B 187 28.89 -3.71 -30.62
CA GLY B 187 29.01 -3.06 -31.91
C GLY B 187 27.95 -3.48 -32.89
N PHE B 188 27.55 -4.76 -32.84
CA PHE B 188 26.48 -5.23 -33.72
C PHE B 188 25.18 -4.50 -33.47
N MSE B 189 24.86 -4.26 -32.20
CA MSE B 189 23.57 -3.67 -31.83
C MSE B 189 23.59 -2.15 -31.93
O MSE B 189 22.55 -1.53 -32.12
CB MSE B 189 23.17 -4.14 -30.43
CG MSE B 189 22.89 -5.64 -30.36
SE MSE B 189 22.42 -6.30 -28.60
CE MSE B 189 24.16 -6.15 -27.73
N ASN B 190 24.77 -1.55 -31.79
CA ASN B 190 24.91 -0.13 -32.08
C ASN B 190 24.68 0.14 -33.56
N ALA B 191 25.29 -0.68 -34.43
CA ALA B 191 25.12 -0.50 -35.86
C ALA B 191 23.69 -0.81 -36.29
N LEU B 192 23.05 -1.79 -35.65
CA LEU B 192 21.68 -2.13 -36.00
C LEU B 192 20.69 -1.04 -35.59
N ASN B 193 21.02 -0.29 -34.54
CA ASN B 193 20.11 0.74 -34.05
C ASN B 193 19.83 1.81 -35.11
N ALA B 194 20.81 2.10 -35.95
CA ALA B 194 20.61 3.08 -37.01
C ALA B 194 19.52 2.63 -37.98
N PHE B 195 19.48 1.34 -38.29
CA PHE B 195 18.45 0.81 -39.19
C PHE B 195 17.11 0.63 -38.49
N VAL B 196 17.10 0.48 -37.16
CA VAL B 196 15.84 0.42 -36.43
C VAL B 196 15.16 1.79 -36.44
N LEU B 197 15.94 2.87 -36.43
CA LEU B 197 15.36 4.21 -36.43
C LEU B 197 14.70 4.57 -37.76
N ARG B 198 15.03 3.86 -38.83
CA ARG B 198 14.39 4.09 -40.12
C ARG B 198 13.17 3.19 -40.26
N ARG B 199 12.02 3.81 -40.56
CA ARG B 199 10.78 3.06 -40.64
C ARG B 199 10.83 2.02 -41.75
N GLU B 200 11.40 2.39 -42.91
CA GLU B 200 11.49 1.46 -44.04
C GLU B 200 12.41 0.29 -43.78
N HIS B 201 13.20 0.32 -42.70
CA HIS B 201 14.14 -0.75 -42.38
C HIS B 201 13.84 -1.45 -41.06
N ARG B 202 12.76 -1.06 -40.37
CA ARG B 202 12.52 -1.56 -39.02
C ARG B 202 12.15 -3.04 -39.00
N ASN B 203 11.29 -3.47 -39.94
CA ASN B 203 10.88 -4.88 -39.96
C ASN B 203 12.07 -5.80 -40.18
N SER B 204 12.93 -5.46 -41.14
CA SER B 204 14.10 -6.30 -41.41
C SER B 204 15.09 -6.24 -40.25
N ALA B 205 15.28 -5.05 -39.65
CA ALA B 205 16.21 -4.92 -38.54
C ALA B 205 15.77 -5.75 -37.34
N PHE B 206 14.47 -5.73 -37.03
CA PHE B 206 13.97 -6.55 -35.92
C PHE B 206 14.10 -8.04 -36.22
N SER B 207 13.90 -8.42 -37.49
CA SER B 207 14.09 -9.81 -37.88
C SER B 207 15.54 -10.24 -37.70
N LEU B 208 16.48 -9.39 -38.12
CA LEU B 208 17.89 -9.71 -37.96
C LEU B 208 18.28 -9.77 -36.49
N LEU B 209 17.67 -8.92 -35.65
CA LEU B 209 17.93 -8.98 -34.22
C LEU B 209 17.49 -10.31 -33.63
N CYS B 210 16.31 -10.81 -34.03
CA CYS B 210 15.86 -12.12 -33.58
C CYS B 210 16.84 -13.21 -34.01
N ALA B 211 17.31 -13.16 -35.26
CA ALA B 211 18.30 -14.13 -35.72
C ALA B 211 19.60 -14.00 -34.95
N PHE B 212 19.98 -12.77 -34.59
CA PHE B 212 21.20 -12.56 -33.82
C PHE B 212 21.10 -13.18 -32.44
N VAL B 213 20.04 -12.85 -31.70
CA VAL B 213 19.85 -13.42 -30.37
C VAL B 213 19.71 -14.93 -30.43
N ASN B 214 19.12 -15.45 -31.50
CA ASN B 214 18.93 -16.90 -31.62
C ASN B 214 20.26 -17.60 -31.89
N SER B 215 21.22 -16.92 -32.49
CA SER B 215 22.53 -17.50 -32.76
C SER B 215 23.36 -17.68 -31.48
N GLY B 216 22.84 -17.29 -30.33
CA GLY B 216 23.52 -17.43 -29.08
C GLY B 216 24.82 -16.66 -28.97
N PRO B 217 24.76 -15.33 -29.11
CA PRO B 217 25.97 -14.53 -28.95
C PRO B 217 26.20 -14.20 -27.49
N PRO B 218 27.43 -13.88 -27.10
CA PRO B 218 27.70 -13.55 -25.70
C PRO B 218 27.33 -12.10 -25.38
N HIS B 219 27.26 -11.82 -24.08
CA HIS B 219 27.17 -10.45 -23.57
C HIS B 219 25.95 -9.71 -24.11
N LEU B 220 24.81 -10.41 -24.18
CA LEU B 220 23.59 -9.76 -24.64
C LEU B 220 23.13 -8.65 -23.70
N TYR B 221 23.58 -8.66 -22.44
CA TYR B 221 23.25 -7.58 -21.52
C TYR B 221 23.80 -6.24 -21.95
N LEU B 222 24.79 -6.23 -22.86
CA LEU B 222 25.35 -4.98 -23.36
C LEU B 222 24.35 -4.16 -24.16
N ILE B 223 23.18 -4.72 -24.48
CA ILE B 223 22.15 -3.97 -25.17
C ILE B 223 21.60 -2.83 -24.32
N LEU B 224 21.78 -2.90 -23.01
CA LEU B 224 21.34 -1.80 -22.16
C LEU B 224 22.29 -0.61 -22.23
N GLN B 225 23.56 -0.87 -22.50
CA GLN B 225 24.55 0.19 -22.72
C GLN B 225 24.58 0.64 -24.17
N THR B 226 23.48 0.47 -24.90
CA THR B 226 23.33 0.86 -26.29
C THR B 226 21.90 1.33 -26.48
N PRO B 227 21.65 2.26 -27.41
CA PRO B 227 20.29 2.80 -27.58
C PRO B 227 19.29 1.84 -28.18
N LEU B 228 19.68 0.61 -28.55
CA LEU B 228 18.75 -0.28 -29.23
C LEU B 228 17.58 -0.68 -28.35
N PHE B 229 17.85 -0.98 -27.06
CA PHE B 229 16.78 -1.44 -26.17
C PHE B 229 15.67 -0.42 -26.04
N GLY B 230 16.02 0.85 -25.82
CA GLY B 230 15.02 1.89 -25.71
C GLY B 230 14.18 2.05 -26.97
N ASN B 231 14.79 1.82 -28.14
CA ASN B 231 14.04 1.96 -29.39
C ASN B 231 13.14 0.76 -29.66
N ILE B 232 13.49 -0.42 -29.13
CA ILE B 232 12.57 -1.55 -29.14
C ILE B 232 11.30 -1.20 -28.37
N LEU B 233 11.47 -0.67 -27.15
CA LEU B 233 10.33 -0.25 -26.35
C LEU B 233 9.59 0.91 -27.02
N GLN B 234 10.33 1.79 -27.69
CA GLN B 234 9.69 2.92 -28.36
C GLN B 234 8.81 2.46 -29.52
N SER B 235 9.27 1.45 -30.28
CA SER B 235 8.43 0.87 -31.32
C SER B 235 7.18 0.23 -30.72
N LEU B 236 7.33 -0.46 -29.59
CA LEU B 236 6.20 -1.12 -28.95
C LEU B 236 5.17 -0.10 -28.46
N GLN B 237 5.60 1.12 -28.16
CA GLN B 237 4.69 2.15 -27.65
C GLN B 237 4.05 2.99 -28.75
N LYS B 238 4.70 3.11 -29.90
CA LYS B 238 4.27 4.10 -30.89
C LYS B 238 3.88 3.50 -32.23
N ASP B 239 4.60 2.49 -32.73
CA ASP B 239 4.28 1.93 -34.03
C ASP B 239 2.86 1.36 -34.04
N GLU B 240 2.24 1.43 -35.21
CA GLU B 240 0.83 1.08 -35.35
C GLU B 240 0.62 -0.13 -36.26
N SER B 241 1.67 -0.73 -36.80
CA SER B 241 1.57 -1.95 -37.57
C SER B 241 1.60 -3.15 -36.63
N THR B 242 0.59 -4.01 -36.74
CA THR B 242 0.55 -5.21 -35.92
C THR B 242 1.78 -6.08 -36.16
N PHE B 243 2.24 -6.14 -37.41
CA PHE B 243 3.41 -6.95 -37.73
C PHE B 243 4.68 -6.40 -37.10
N THR B 244 4.87 -5.08 -37.17
CA THR B 244 6.08 -4.47 -36.62
C THR B 244 6.14 -4.65 -35.11
N VAL B 245 5.04 -4.33 -34.42
CA VAL B 245 5.01 -4.41 -32.95
C VAL B 245 5.23 -5.85 -32.50
N ASN B 246 4.67 -6.82 -33.24
CA ASN B 246 4.85 -8.22 -32.89
C ASN B 246 6.30 -8.65 -33.02
N LEU B 247 6.99 -8.19 -34.07
CA LEU B 247 8.42 -8.45 -34.20
C LEU B 247 9.19 -7.85 -33.02
N ALA B 248 8.93 -6.59 -32.69
CA ALA B 248 9.58 -5.97 -31.55
C ALA B 248 9.29 -6.72 -30.26
N LEU B 249 8.08 -7.24 -30.11
CA LEU B 249 7.74 -7.97 -28.89
C LEU B 249 8.48 -9.29 -28.81
N ILE B 250 8.63 -9.98 -29.94
CA ILE B 250 9.40 -11.22 -29.96
C ILE B 250 10.85 -10.95 -29.56
N ALA B 251 11.44 -9.87 -30.09
CA ALA B 251 12.79 -9.51 -29.71
C ALA B 251 12.88 -9.20 -28.22
N LEU B 252 11.91 -8.45 -27.69
CA LEU B 252 11.93 -8.12 -26.27
C LEU B 252 11.82 -9.38 -25.40
N VAL B 253 10.93 -10.30 -25.77
CA VAL B 253 10.75 -11.52 -24.99
C VAL B 253 12.02 -12.35 -24.98
N MSE B 254 12.76 -12.35 -26.09
CA MSE B 254 14.00 -13.12 -26.18
C MSE B 254 15.13 -12.47 -25.39
O MSE B 254 16.06 -13.14 -24.94
CB MSE B 254 14.42 -13.28 -27.64
CG MSE B 254 13.46 -14.09 -28.50
SE MSE B 254 14.01 -14.19 -30.37
CE MSE B 254 15.57 -15.35 -30.18
N LEU B 255 15.04 -11.15 -25.20
CA LEU B 255 16.15 -10.41 -24.61
C LEU B 255 16.09 -10.40 -23.08
N LEU B 256 14.88 -10.30 -22.52
CA LEU B 256 14.74 -10.14 -21.08
C LEU B 256 15.42 -11.22 -20.24
N PRO B 257 15.38 -12.51 -20.60
CA PRO B 257 16.07 -13.51 -19.76
C PRO B 257 17.58 -13.33 -19.67
N PHE B 258 18.18 -12.47 -20.48
CA PHE B 258 19.61 -12.24 -20.43
C PHE B 258 20.00 -11.09 -19.49
N PHE B 259 19.05 -10.29 -19.03
CA PHE B 259 19.33 -9.26 -18.03
C PHE B 259 18.09 -8.98 -17.19
N PRO B 260 17.53 -9.98 -16.52
CA PRO B 260 16.26 -9.77 -15.80
C PRO B 260 16.38 -8.86 -14.59
N GLY B 261 17.54 -8.82 -13.94
CA GLY B 261 17.72 -7.98 -12.78
C GLY B 261 17.99 -6.52 -13.07
N ASP B 262 18.15 -6.15 -14.33
CA ASP B 262 18.47 -4.78 -14.72
C ASP B 262 17.28 -4.03 -15.31
N ILE B 263 16.11 -4.66 -15.40
CA ILE B 263 14.96 -4.05 -16.05
C ILE B 263 14.02 -3.36 -15.06
N VAL B 264 14.41 -3.29 -13.78
CA VAL B 264 13.56 -2.64 -12.78
C VAL B 264 13.20 -1.20 -13.17
N PRO B 265 14.14 -0.35 -13.60
CA PRO B 265 13.74 1.01 -14.02
C PRO B 265 12.80 1.01 -15.22
N TYR B 266 12.73 -0.07 -15.99
CA TYR B 266 11.89 -0.13 -17.17
C TYR B 266 10.52 -0.73 -16.91
N LEU B 267 10.28 -1.24 -15.70
CA LEU B 267 9.00 -1.92 -15.40
C LEU B 267 7.77 -1.07 -15.69
N PRO B 268 7.69 0.20 -15.28
CA PRO B 268 6.51 1.00 -15.67
C PRO B 268 6.32 1.06 -17.17
N THR B 269 7.41 1.16 -17.93
CA THR B 269 7.31 1.14 -19.40
C THR B 269 6.86 -0.24 -19.89
N LEU B 270 7.45 -1.30 -19.34
CA LEU B 270 7.09 -2.65 -19.76
C LEU B 270 5.63 -2.97 -19.44
N PHE B 271 5.14 -2.51 -18.28
CA PHE B 271 3.74 -2.75 -17.93
C PHE B 271 2.80 -1.96 -18.83
N ASN B 272 3.15 -0.72 -19.16
CA ASN B 272 2.32 0.08 -20.06
C ASN B 272 2.28 -0.51 -21.46
N ILE B 273 3.38 -1.12 -21.91
CA ILE B 273 3.38 -1.78 -23.22
C ILE B 273 2.39 -2.93 -23.23
N TYR B 274 2.36 -3.72 -22.15
CA TYR B 274 1.40 -4.82 -22.06
C TYR B 274 -0.03 -4.30 -22.14
N ALA B 275 -0.33 -3.20 -21.43
CA ALA B 275 -1.68 -2.66 -21.44
C ALA B 275 -2.07 -2.15 -22.83
N ARG B 276 -1.12 -1.54 -23.54
CA ARG B 276 -1.42 -1.06 -24.88
C ARG B 276 -1.73 -2.21 -25.82
N LEU B 277 -0.90 -3.25 -25.79
CA LEU B 277 -1.11 -4.40 -26.68
C LEU B 277 -2.35 -5.19 -26.27
N LEU B 278 -2.73 -5.14 -24.99
CA LEU B 278 -3.93 -5.82 -24.55
C LEU B 278 -5.18 -5.23 -25.21
N PHE B 279 -5.15 -3.94 -25.56
CA PHE B 279 -6.26 -3.27 -26.21
C PHE B 279 -5.92 -2.93 -27.66
N TRP B 280 -5.21 -3.83 -28.34
CA TRP B 280 -4.78 -3.56 -29.71
C TRP B 280 -5.96 -3.39 -30.66
N ASP B 281 -7.10 -4.01 -30.35
CA ASP B 281 -8.26 -3.91 -31.24
C ASP B 281 -9.04 -2.61 -31.05
N ARG B 282 -8.68 -1.78 -30.07
CA ARG B 282 -9.38 -0.53 -29.84
C ARG B 282 -8.62 0.66 -30.45
N PRO B 305 12.81 12.68 -32.82
CA PRO B 305 11.42 12.21 -32.82
C PRO B 305 11.33 10.69 -32.95
N TRP B 306 10.46 10.22 -33.83
CA TRP B 306 10.31 8.80 -34.06
C TRP B 306 9.50 8.62 -35.34
N ASP B 307 10.03 7.81 -36.26
CA ASP B 307 9.38 7.56 -37.54
C ASP B 307 8.52 6.32 -37.38
N LYS B 308 7.22 6.53 -37.18
CA LYS B 308 6.31 5.43 -36.91
C LYS B 308 6.06 4.61 -38.16
N VAL B 309 5.92 3.29 -37.97
CA VAL B 309 5.40 2.42 -39.01
C VAL B 309 3.88 2.38 -38.84
N LEU B 310 3.15 2.80 -39.87
CA LEU B 310 1.71 2.88 -39.78
C LEU B 310 1.08 1.50 -39.97
N LEU B 311 -0.22 1.43 -39.71
CA LEU B 311 -0.94 0.18 -39.90
C LEU B 311 -0.95 -0.20 -41.37
N ASP B 312 -0.57 -1.44 -41.66
CA ASP B 312 -0.61 -1.96 -43.02
C ASP B 312 -1.92 -2.69 -43.24
N PRO B 313 -2.87 -2.08 -43.94
CA PRO B 313 -4.20 -2.71 -44.08
C PRO B 313 -4.18 -4.02 -44.84
N ASP B 314 -3.10 -4.38 -45.52
CA ASP B 314 -3.09 -5.60 -46.32
C ASP B 314 -2.90 -6.84 -45.46
N TYR B 315 -2.02 -6.78 -44.44
CA TYR B 315 -1.74 -7.96 -43.61
C TYR B 315 -1.92 -7.78 -42.12
N ASP B 316 -1.98 -6.56 -41.60
CA ASP B 316 -1.98 -6.39 -40.16
C ASP B 316 -3.32 -6.80 -39.55
N GLY B 317 -3.25 -7.69 -38.55
CA GLY B 317 -4.43 -8.15 -37.85
C GLY B 317 -4.84 -7.22 -36.72
N HIS B 318 -5.81 -7.69 -35.92
CA HIS B 318 -6.39 -6.93 -34.83
C HIS B 318 -5.87 -7.33 -33.46
N SER B 319 -4.96 -8.31 -33.39
CA SER B 319 -4.39 -8.72 -32.11
C SER B 319 -2.92 -9.07 -32.30
N VAL B 320 -2.14 -8.86 -31.24
CA VAL B 320 -0.71 -9.13 -31.25
C VAL B 320 -0.51 -10.60 -30.91
N PRO B 321 0.03 -11.42 -31.82
CA PRO B 321 0.12 -12.87 -31.54
C PRO B 321 0.99 -13.22 -30.34
N TYR B 322 2.09 -12.50 -30.14
CA TYR B 322 3.06 -12.85 -29.10
C TYR B 322 2.71 -12.24 -27.73
N LEU B 323 1.55 -11.62 -27.60
CA LEU B 323 1.15 -11.07 -26.30
C LEU B 323 1.09 -12.10 -25.19
N PRO B 324 0.56 -13.32 -25.37
CA PRO B 324 0.55 -14.29 -24.25
C PRO B 324 1.94 -14.60 -23.72
N GLU B 325 2.93 -14.74 -24.61
CA GLU B 325 4.30 -14.99 -24.16
C GLU B 325 4.86 -13.80 -23.40
N TYR B 326 4.40 -12.58 -23.73
CA TYR B 326 4.85 -11.40 -23.00
C TYR B 326 4.30 -11.38 -21.59
N PHE B 327 3.04 -11.78 -21.41
CA PHE B 327 2.49 -11.95 -20.07
C PHE B 327 3.31 -12.95 -19.26
N THR B 328 3.68 -14.07 -19.89
CA THR B 328 4.42 -15.11 -19.19
C THR B 328 5.76 -14.61 -18.69
N ILE B 329 6.49 -13.87 -19.53
CA ILE B 329 7.83 -13.43 -19.15
C ILE B 329 7.75 -12.32 -18.11
N LEU B 330 6.74 -11.45 -18.18
CA LEU B 330 6.57 -10.42 -17.15
C LEU B 330 6.16 -11.05 -15.83
N TYR B 331 5.20 -11.97 -15.87
CA TYR B 331 4.76 -12.64 -14.66
C TYR B 331 5.85 -13.55 -14.10
N GLY B 332 6.69 -14.13 -14.96
CA GLY B 332 7.75 -14.99 -14.48
C GLY B 332 8.87 -14.24 -13.79
N LEU B 333 9.15 -13.00 -14.21
CA LEU B 333 10.26 -12.24 -13.68
C LEU B 333 9.86 -11.36 -12.49
N TYR B 334 8.76 -10.63 -12.61
CA TYR B 334 8.29 -9.73 -11.56
C TYR B 334 6.79 -9.90 -11.37
N PRO B 335 6.37 -11.04 -10.81
CA PRO B 335 4.92 -11.28 -10.65
C PRO B 335 4.24 -10.32 -9.70
N ILE B 336 4.85 -10.05 -8.54
CA ILE B 336 4.19 -9.21 -7.55
C ILE B 336 4.01 -7.79 -8.06
N ASN B 337 5.02 -7.26 -8.75
CA ASN B 337 4.87 -5.93 -9.36
C ASN B 337 3.91 -5.97 -10.53
N PHE B 338 3.87 -7.07 -11.28
CA PHE B 338 2.99 -7.15 -12.45
C PHE B 338 1.52 -7.17 -12.04
N VAL B 339 1.17 -8.04 -11.09
CA VAL B 339 -0.22 -8.11 -10.65
C VAL B 339 -0.62 -6.85 -9.90
N ASP B 340 0.34 -6.16 -9.28
CA ASP B 340 0.03 -4.89 -8.65
C ASP B 340 -0.27 -3.81 -9.68
N TYR B 341 0.39 -3.87 -10.85
CA TYR B 341 0.05 -2.96 -11.93
C TYR B 341 -1.38 -3.21 -12.42
N ILE B 342 -1.73 -4.48 -12.59
CA ILE B 342 -3.09 -4.82 -12.99
C ILE B 342 -4.08 -4.46 -11.89
N ARG B 343 -3.68 -4.59 -10.63
CA ARG B 343 -4.58 -4.27 -9.53
C ARG B 343 -4.85 -2.78 -9.45
N LYS B 344 -3.80 -1.97 -9.51
CA LYS B 344 -3.92 -0.52 -9.31
C LYS B 344 -3.04 0.17 -10.33
N PRO B 345 -3.53 0.31 -11.57
CA PRO B 345 -2.78 1.10 -12.55
C PRO B 345 -2.87 2.58 -12.30
N HIS B 346 -3.66 3.00 -11.31
CA HIS B 346 -3.62 4.38 -10.83
C HIS B 346 -2.19 4.77 -10.48
N ASN B 347 -1.44 3.88 -9.82
CA ASN B 347 -0.08 4.16 -9.39
C ASN B 347 0.89 4.43 -10.53
N TYR B 348 0.48 4.21 -11.78
CA TYR B 348 1.38 4.34 -12.92
C TYR B 348 0.93 5.34 -13.97
N LEU B 349 -0.35 5.69 -14.02
CA LEU B 349 -0.88 6.48 -15.11
C LEU B 349 -1.40 7.82 -14.60
N PRO B 350 -1.03 8.94 -15.22
CA PRO B 350 -1.67 10.22 -14.86
C PRO B 350 -3.16 10.17 -15.13
N HIS B 351 -3.93 10.62 -14.15
CA HIS B 351 -5.39 10.50 -14.23
C HIS B 351 -6.02 11.55 -13.33
N ALA B 352 -7.31 11.78 -13.57
CA ALA B 352 -8.12 12.64 -12.71
C ALA B 352 -8.83 11.77 -11.68
N GLY B 353 -8.49 11.95 -10.41
CA GLY B 353 -9.09 11.17 -9.34
C GLY B 353 -10.58 11.39 -9.18
N SER B 354 -11.09 12.53 -9.66
CA SER B 354 -12.51 12.84 -9.57
C SER B 354 -13.33 12.23 -10.70
N ASP B 355 -12.72 11.45 -11.58
CA ASP B 355 -13.41 10.81 -12.70
C ASP B 355 -13.33 9.30 -12.56
N ASP B 356 -14.14 8.61 -13.36
CA ASP B 356 -14.21 7.16 -13.35
C ASP B 356 -13.43 6.52 -14.50
N ASP B 357 -12.78 7.33 -15.35
CA ASP B 357 -12.09 6.78 -16.52
C ASP B 357 -10.96 5.85 -16.12
N ILE B 358 -10.28 6.14 -15.00
CA ILE B 358 -9.19 5.28 -14.57
C ILE B 358 -9.72 3.99 -13.95
N ASP B 359 -10.93 4.02 -13.39
CA ASP B 359 -11.51 2.82 -12.81
C ASP B 359 -12.10 1.92 -13.88
N VAL B 360 -12.72 2.51 -14.90
CA VAL B 360 -13.22 1.71 -16.02
C VAL B 360 -12.06 1.05 -16.74
N HIS B 361 -10.97 1.79 -16.95
CA HIS B 361 -9.78 1.22 -17.58
C HIS B 361 -9.19 0.10 -16.73
N ALA B 362 -9.18 0.28 -15.41
CA ALA B 362 -8.64 -0.76 -14.53
C ALA B 362 -9.45 -2.05 -14.61
N ALA B 363 -10.78 -1.93 -14.55
CA ALA B 363 -11.64 -3.11 -14.69
C ALA B 363 -11.47 -3.78 -16.05
N GLU B 364 -11.31 -2.99 -17.10
CA GLU B 364 -11.14 -3.56 -18.43
C GLU B 364 -9.81 -4.28 -18.57
N ILE B 365 -8.74 -3.73 -18.00
CA ILE B 365 -7.45 -4.41 -18.01
C ILE B 365 -7.53 -5.74 -17.25
N ARG B 366 -8.21 -5.73 -16.10
CA ARG B 366 -8.38 -6.95 -15.32
C ARG B 366 -9.18 -7.99 -16.11
N GLU B 367 -10.31 -7.57 -16.67
CA GLU B 367 -11.19 -8.51 -17.35
C GLU B 367 -10.50 -9.16 -18.54
N ARG B 368 -9.65 -8.41 -19.25
CA ARG B 368 -8.90 -8.96 -20.37
C ARG B 368 -7.69 -9.76 -19.91
N SER B 369 -7.22 -9.55 -18.69
CA SER B 369 -6.12 -10.34 -18.14
C SER B 369 -6.59 -11.67 -17.56
N GLU B 370 -7.91 -11.90 -17.49
CA GLU B 370 -8.41 -13.13 -16.90
C GLU B 370 -7.95 -14.36 -17.66
N ARG B 371 -7.92 -14.29 -18.99
CA ARG B 371 -7.54 -15.46 -19.78
C ARG B 371 -6.08 -15.84 -19.58
N PHE B 372 -5.22 -14.86 -19.30
CA PHE B 372 -3.83 -15.18 -18.99
C PHE B 372 -3.67 -15.65 -17.55
N ARG B 373 -4.49 -15.12 -16.63
CA ARG B 373 -4.45 -15.58 -15.25
C ARG B 373 -4.76 -17.07 -15.16
N LYS B 374 -5.74 -17.53 -15.93
CA LYS B 374 -6.13 -18.93 -15.95
C LYS B 374 -5.11 -19.83 -16.62
N GLN B 375 -3.98 -19.27 -17.08
CA GLN B 375 -2.94 -20.05 -17.73
C GLN B 375 -1.67 -20.17 -16.87
N HIS B 376 -1.64 -19.56 -15.70
CA HIS B 376 -0.41 -19.49 -14.92
C HIS B 376 -0.63 -19.94 -13.48
N LEU B 377 0.29 -20.75 -12.98
CA LEU B 377 0.29 -21.18 -11.59
C LEU B 377 0.68 -20.03 -10.67
N LEU B 378 0.39 -20.21 -9.38
CA LEU B 378 0.85 -19.27 -8.38
C LEU B 378 2.38 -19.21 -8.37
N HIS B 379 2.92 -17.99 -8.40
CA HIS B 379 4.35 -17.79 -8.49
C HIS B 379 5.02 -17.97 -7.13
N PRO B 380 6.18 -18.62 -7.08
CA PRO B 380 6.87 -18.77 -5.77
C PRO B 380 7.24 -17.46 -5.11
N ASN B 381 7.34 -16.37 -5.87
CA ASN B 381 7.66 -15.07 -5.27
C ASN B 381 6.62 -14.66 -4.24
N PHE B 382 5.38 -15.10 -4.41
CA PHE B 382 4.34 -14.74 -3.46
C PHE B 382 4.55 -15.39 -2.09
N TYR B 383 5.45 -16.38 -2.00
CA TYR B 383 5.87 -16.96 -0.73
C TYR B 383 7.16 -16.36 -0.21
N GLU B 384 7.76 -15.41 -0.92
CA GLU B 384 9.15 -15.14 -0.62
C GLU B 384 9.45 -13.64 -0.55
N TYR B 385 8.73 -12.84 -1.33
CA TYR B 385 9.07 -11.44 -1.48
C TYR B 385 7.84 -10.57 -1.25
N THR B 386 8.11 -9.31 -0.94
CA THR B 386 7.14 -8.24 -1.00
C THR B 386 7.29 -7.54 -2.35
N ILE B 387 6.43 -6.55 -2.59
CA ILE B 387 6.56 -5.78 -3.83
C ILE B 387 7.87 -4.98 -3.84
N GLU B 388 8.42 -4.69 -2.66
CA GLU B 388 9.69 -3.96 -2.58
C GLU B 388 10.87 -4.89 -2.82
N THR B 389 10.97 -5.96 -2.03
CA THR B 389 12.13 -6.84 -2.09
C THR B 389 12.20 -7.62 -3.40
N GLU B 390 11.08 -7.81 -4.09
CA GLU B 390 11.12 -8.41 -5.42
C GLU B 390 12.00 -7.60 -6.36
N LYS B 391 11.93 -6.27 -6.25
CA LYS B 391 12.80 -5.41 -7.05
C LYS B 391 14.18 -5.26 -6.44
N THR B 392 14.29 -5.40 -5.11
CA THR B 392 15.52 -5.12 -4.40
C THR B 392 16.42 -6.35 -4.27
N ASN B 393 15.84 -7.54 -4.06
CA ASN B 393 16.63 -8.75 -3.89
C ASN B 393 17.03 -9.30 -5.26
N ILE B 394 18.33 -9.44 -5.48
CA ILE B 394 18.86 -9.85 -6.77
C ILE B 394 19.47 -11.24 -6.75
N THR B 395 19.35 -11.97 -5.63
CA THR B 395 19.87 -13.33 -5.55
C THR B 395 19.25 -14.24 -6.60
N ARG B 396 17.97 -14.04 -6.93
CA ARG B 396 17.31 -14.82 -7.95
C ARG B 396 18.13 -14.91 -9.23
N TRP B 397 18.78 -13.80 -9.61
CA TRP B 397 19.44 -13.67 -10.90
C TRP B 397 20.92 -14.03 -10.89
N LEU B 398 21.54 -14.23 -9.72
CA LEU B 398 22.98 -14.44 -9.68
C LEU B 398 23.40 -15.71 -10.39
N LYS B 399 22.83 -16.86 -9.99
CA LYS B 399 23.23 -18.14 -10.56
C LYS B 399 22.52 -18.46 -11.86
N SER B 400 21.46 -17.74 -12.22
CA SER B 400 20.59 -18.17 -13.29
C SER B 400 21.14 -17.74 -14.64
N GLU B 401 21.02 -18.62 -15.63
CA GLU B 401 21.32 -18.33 -17.01
C GLU B 401 20.02 -18.09 -17.77
N ALA B 402 20.15 -17.67 -19.03
CA ALA B 402 18.97 -17.35 -19.84
C ALA B 402 18.07 -18.57 -19.99
N ASP B 403 18.66 -19.73 -20.31
CA ASP B 403 17.87 -20.94 -20.52
C ASP B 403 17.18 -21.40 -19.24
N GLU B 404 17.81 -21.16 -18.08
CA GLU B 404 17.19 -21.53 -16.82
C GLU B 404 16.01 -20.62 -16.50
N ILE B 405 16.17 -19.32 -16.74
CA ILE B 405 15.10 -18.37 -16.47
C ILE B 405 13.90 -18.65 -17.37
N ILE B 406 14.15 -18.97 -18.64
CA ILE B 406 13.06 -19.30 -19.55
C ILE B 406 12.34 -20.56 -19.08
N ALA B 407 13.11 -21.60 -18.73
CA ALA B 407 12.49 -22.85 -18.28
C ALA B 407 11.64 -22.65 -17.04
N ASP B 408 12.14 -21.87 -16.07
CA ASP B 408 11.36 -21.59 -14.87
C ASP B 408 10.09 -20.81 -15.20
N CYS B 409 10.17 -19.89 -16.17
CA CYS B 409 8.98 -19.15 -16.58
C CYS B 409 7.97 -20.07 -17.26
N MSE B 410 8.43 -21.07 -18.00
CA MSE B 410 7.54 -22.01 -18.68
C MSE B 410 6.90 -22.98 -17.70
O MSE B 410 5.79 -23.45 -17.93
CB MSE B 410 8.31 -22.77 -19.76
CG MSE B 410 8.79 -21.90 -20.90
SE MSE B 410 7.32 -21.01 -21.82
CE MSE B 410 8.27 -19.43 -22.45
N ALA B 411 7.60 -23.26 -16.60
CA ALA B 411 7.06 -24.16 -15.58
C ALA B 411 5.81 -23.59 -14.91
N LEU B 412 5.54 -22.30 -15.08
CA LEU B 412 4.36 -21.67 -14.53
C LEU B 412 3.16 -21.74 -15.47
N VAL B 413 3.37 -22.13 -16.72
CA VAL B 413 2.34 -22.10 -17.75
C VAL B 413 1.56 -23.40 -17.72
N VAL B 414 0.22 -23.29 -17.70
CA VAL B 414 -0.65 -24.44 -17.73
C VAL B 414 -1.04 -24.70 -19.18
N ASP B 415 -0.46 -25.73 -19.78
CA ASP B 415 -0.74 -26.06 -21.17
C ASP B 415 -0.71 -27.57 -21.42
N SER C 5 11.18 3.60 84.20
CA SER C 5 9.99 2.79 84.00
C SER C 5 10.36 1.34 83.69
N SER C 6 9.81 0.42 84.48
CA SER C 6 10.09 -1.00 84.29
C SER C 6 9.49 -1.54 82.99
N GLY C 7 8.46 -0.90 82.46
CA GLY C 7 7.79 -1.39 81.27
C GLY C 7 6.70 -2.41 81.55
N SER C 8 6.21 -2.49 82.78
CA SER C 8 5.16 -3.44 83.10
C SER C 8 3.86 -3.05 82.40
N SER C 9 2.98 -4.04 82.26
CA SER C 9 1.66 -3.76 81.71
C SER C 9 0.82 -2.91 82.66
N ARG C 10 1.11 -2.95 83.97
CA ARG C 10 0.42 -2.08 84.90
C ARG C 10 0.81 -0.62 84.70
N ASP C 11 2.11 -0.37 84.47
CA ASP C 11 2.54 0.99 84.15
C ASP C 11 1.96 1.46 82.82
N LEU C 12 1.76 0.54 81.87
CA LEU C 12 1.27 0.92 80.55
C LEU C 12 -0.21 1.26 80.55
N PHE C 13 -1.03 0.42 81.20
CA PHE C 13 -2.47 0.68 81.20
C PHE C 13 -2.79 1.99 81.91
N ARG C 14 -2.10 2.27 83.01
CA ARG C 14 -2.35 3.50 83.74
C ARG C 14 -1.94 4.72 82.91
N ALA C 15 -0.83 4.61 82.16
CA ALA C 15 -0.41 5.72 81.31
C ALA C 15 -1.38 5.93 80.15
N LEU C 16 -1.87 4.85 79.55
CA LEU C 16 -2.81 4.99 78.43
C LEU C 16 -4.13 5.60 78.89
N ASN C 17 -4.68 5.09 80.00
CA ASN C 17 -5.93 5.65 80.52
C ASN C 17 -5.74 7.11 80.93
N SER C 18 -4.58 7.45 81.48
CA SER C 18 -4.28 8.84 81.80
C SER C 18 -4.16 9.67 80.53
N PHE C 19 -3.54 9.11 79.47
CA PHE C 19 -3.37 9.84 78.22
C PHE C 19 -4.71 10.04 77.51
N ILE C 20 -5.55 9.01 77.50
CA ILE C 20 -6.84 9.10 76.84
C ILE C 20 -7.74 10.14 77.53
N GLN C 21 -7.67 10.24 78.86
CA GLN C 21 -8.58 11.16 79.54
C GLN C 21 -8.24 12.62 79.25
N THR C 22 -6.95 12.96 79.22
CA THR C 22 -6.53 14.31 78.89
C THR C 22 -5.48 14.21 77.79
N PRO C 23 -5.89 14.26 76.53
CA PRO C 23 -4.94 14.01 75.45
C PRO C 23 -4.13 15.23 75.02
N THR C 24 -2.84 15.00 74.80
CA THR C 24 -1.96 15.90 74.04
C THR C 24 -1.74 15.23 72.69
N LEU C 25 -1.92 15.98 71.60
CA LEU C 25 -2.11 15.19 70.37
C LEU C 25 -0.88 15.08 69.48
N PRO C 26 0.30 15.44 69.95
CA PRO C 26 1.41 14.50 69.91
C PRO C 26 1.62 13.92 71.29
N PRO C 27 1.81 12.60 71.40
CA PRO C 27 1.90 11.99 72.72
C PRO C 27 3.15 12.45 73.46
N PRO C 28 3.06 12.63 74.77
CA PRO C 28 4.23 13.10 75.52
C PRO C 28 5.38 12.12 75.36
N ALA C 29 6.61 12.64 75.48
CA ALA C 29 7.79 11.81 75.28
C ALA C 29 7.83 10.66 76.28
N ASP C 30 7.39 10.92 77.52
CA ASP C 30 7.40 9.87 78.54
C ASP C 30 6.42 8.76 78.21
N LEU C 31 5.34 9.06 77.49
CA LEU C 31 4.42 8.00 77.07
C LEU C 31 5.08 7.07 76.06
N ASP C 32 5.82 7.65 75.10
CA ASP C 32 6.53 6.82 74.12
C ASP C 32 7.58 5.96 74.80
N ALA C 33 8.20 6.46 75.87
CA ALA C 33 9.21 5.69 76.59
C ALA C 33 8.57 4.49 77.29
N ILE C 34 7.42 4.70 77.93
CA ILE C 34 6.72 3.60 78.59
C ILE C 34 6.27 2.57 77.57
N ILE C 35 5.76 3.02 76.43
CA ILE C 35 5.32 2.11 75.38
C ILE C 35 6.50 1.31 74.84
N SER C 36 7.61 1.99 74.53
CA SER C 36 8.78 1.29 74.02
C SER C 36 9.34 0.31 75.03
N SER C 37 9.42 0.72 76.31
CA SER C 37 9.89 -0.19 77.35
C SER C 37 8.95 -1.38 77.51
N TYR C 38 7.65 -1.17 77.32
CA TYR C 38 6.70 -2.27 77.36
C TYR C 38 6.96 -3.27 76.24
N LEU C 39 7.11 -2.78 75.01
CA LEU C 39 7.35 -3.68 73.88
C LEU C 39 8.68 -4.41 74.01
N GLU C 40 9.69 -3.73 74.55
CA GLU C 40 10.97 -4.39 74.82
C GLU C 40 10.82 -5.48 75.86
N ARG C 41 10.01 -5.24 76.89
CA ARG C 41 9.85 -6.23 77.96
C ARG C 41 9.02 -7.42 77.50
N HIS C 42 7.92 -7.16 76.80
CA HIS C 42 7.03 -8.21 76.32
C HIS C 42 7.45 -8.60 74.91
N ASP C 43 8.25 -9.66 74.81
CA ASP C 43 8.83 -10.09 73.56
C ASP C 43 7.97 -11.09 72.80
N LYS C 44 7.06 -11.78 73.49
CA LYS C 44 6.19 -12.74 72.85
C LYS C 44 4.75 -12.27 72.96
N PRO C 45 4.31 -11.38 72.06
CA PRO C 45 2.94 -10.87 72.15
C PRO C 45 1.90 -11.95 71.87
N GLU C 46 2.23 -12.92 71.03
CA GLU C 46 1.31 -13.99 70.66
C GLU C 46 1.13 -15.04 71.75
N GLU C 47 1.88 -14.96 72.85
CA GLU C 47 1.82 -15.98 73.90
C GLU C 47 1.04 -15.53 75.13
N GLY C 48 0.31 -14.41 75.04
CA GLY C 48 -0.53 -14.00 76.15
C GLY C 48 -0.65 -12.50 76.36
N SER C 49 0.48 -11.80 76.30
CA SER C 49 0.48 -10.36 76.57
C SER C 49 -0.39 -9.60 75.58
N GLY C 50 -0.39 -10.02 74.32
CA GLY C 50 -1.19 -9.35 73.32
C GLY C 50 -2.68 -9.46 73.56
N ASP C 51 -3.15 -10.58 74.11
CA ASP C 51 -4.58 -10.75 74.33
C ASP C 51 -5.09 -9.78 75.40
N ARG C 52 -4.39 -9.69 76.53
CA ARG C 52 -4.83 -8.78 77.58
C ARG C 52 -4.59 -7.32 77.19
N LEU C 53 -3.58 -7.04 76.37
CA LEU C 53 -3.40 -5.68 75.88
C LEU C 53 -4.59 -5.23 75.05
N ASN C 54 -5.08 -6.12 74.20
CA ASN C 54 -6.25 -5.83 73.39
C ASN C 54 -7.48 -5.63 74.24
N ASP C 55 -7.70 -6.52 75.20
CA ASP C 55 -8.86 -6.43 76.07
C ASP C 55 -8.89 -5.07 76.75
N GLU C 56 -7.72 -4.57 77.13
CA GLU C 56 -7.66 -3.24 77.71
C GLU C 56 -7.98 -2.17 76.67
N LEU C 57 -7.43 -2.31 75.46
CA LEU C 57 -7.74 -1.36 74.40
C LEU C 57 -9.23 -1.35 74.07
N LEU C 58 -9.85 -2.54 74.02
CA LEU C 58 -11.31 -2.60 73.87
C LEU C 58 -12.00 -1.89 75.03
N ALA C 59 -11.52 -2.14 76.26
CA ALA C 59 -12.13 -1.49 77.42
C ALA C 59 -11.97 0.02 77.33
N ILE C 60 -10.76 0.49 77.00
CA ILE C 60 -10.53 1.92 76.87
C ILE C 60 -11.44 2.52 75.80
N TRP C 61 -11.57 1.85 74.65
CA TRP C 61 -12.46 2.35 73.60
C TRP C 61 -13.90 2.46 74.10
N ASP C 62 -14.37 1.41 74.78
CA ASP C 62 -15.76 1.40 75.25
C ASP C 62 -15.99 2.43 76.35
N LYS C 63 -15.10 2.42 77.36
CA LYS C 63 -15.32 3.19 78.58
C LYS C 63 -14.99 4.66 78.43
N ALA C 64 -14.07 5.03 77.52
CA ALA C 64 -13.57 6.41 77.49
C ALA C 64 -13.55 7.08 76.11
N VAL C 65 -13.53 6.33 75.01
CA VAL C 65 -13.26 6.90 73.71
C VAL C 65 -14.48 6.88 72.80
N GLN C 66 -15.27 5.79 72.85
CA GLN C 66 -16.31 5.54 71.87
C GLN C 66 -17.20 6.76 71.64
N ASP C 67 -17.56 7.46 72.72
CA ASP C 67 -18.45 8.60 72.65
C ASP C 67 -17.70 9.93 72.81
N HIS C 68 -16.46 9.99 72.33
CA HIS C 68 -15.66 11.21 72.35
C HIS C 68 -14.84 11.27 71.06
N PRO C 69 -15.41 11.79 69.98
CA PRO C 69 -14.68 11.82 68.70
C PRO C 69 -13.38 12.59 68.80
N GLU C 70 -13.32 13.59 69.68
CA GLU C 70 -12.09 14.35 69.90
C GLU C 70 -10.97 13.50 70.47
N LYS C 71 -11.29 12.35 71.08
CA LYS C 71 -10.28 11.42 71.57
C LYS C 71 -9.86 10.38 70.53
N TYR C 72 -10.50 10.36 69.36
CA TYR C 72 -10.19 9.35 68.35
C TYR C 72 -8.74 9.44 67.88
N ALA C 73 -8.29 10.66 67.54
CA ALA C 73 -6.94 10.82 67.01
C ALA C 73 -5.89 10.39 68.03
N ALA C 74 -6.09 10.70 69.30
CA ALA C 74 -5.17 10.26 70.33
C ALA C 74 -5.18 8.73 70.46
N PHE C 75 -6.37 8.13 70.41
CA PHE C 75 -6.47 6.68 70.50
C PHE C 75 -5.79 6.00 69.32
N VAL C 76 -5.92 6.58 68.12
CA VAL C 76 -5.25 6.03 66.95
C VAL C 76 -3.74 6.16 67.08
N ALA C 77 -3.27 7.28 67.62
CA ALA C 77 -1.84 7.47 67.82
C ALA C 77 -1.28 6.42 68.76
N VAL C 78 -2.00 6.12 69.84
CA VAL C 78 -1.57 5.05 70.75
C VAL C 78 -1.64 3.71 70.03
N LEU C 79 -2.69 3.49 69.22
CA LEU C 79 -2.85 2.23 68.51
C LEU C 79 -1.73 1.99 67.50
N ARG C 80 -1.20 3.06 66.91
CA ARG C 80 -0.11 2.91 65.95
C ARG C 80 1.16 2.41 66.61
N GLN C 81 1.53 3.00 67.75
CA GLN C 81 2.77 2.62 68.41
C GLN C 81 2.69 1.23 69.04
N LEU C 82 1.51 0.85 69.53
CA LEU C 82 1.32 -0.42 70.20
C LEU C 82 0.96 -1.56 69.26
N ARG C 83 0.89 -1.31 67.95
CA ARG C 83 0.52 -2.37 67.01
C ARG C 83 1.42 -3.61 67.08
N PRO C 84 2.76 -3.50 67.22
CA PRO C 84 3.56 -4.73 67.29
C PRO C 84 3.23 -5.62 68.48
N GLY C 85 2.74 -5.05 69.58
CA GLY C 85 2.41 -5.79 70.77
C GLY C 85 1.00 -6.36 70.81
N LEU C 86 0.25 -6.27 69.71
CA LEU C 86 -1.12 -6.75 69.73
C LEU C 86 -1.18 -8.28 69.74
N GLY C 87 -0.19 -8.94 69.17
CA GLY C 87 -0.18 -10.40 69.14
C GLY C 87 -0.52 -10.96 67.77
N ALA C 88 -1.72 -11.53 67.63
CA ALA C 88 -2.10 -12.12 66.36
C ALA C 88 -2.17 -11.04 65.28
N PRO C 89 -1.69 -11.33 64.07
CA PRO C 89 -1.74 -10.31 63.00
C PRO C 89 -3.14 -9.90 62.59
N ALA C 90 -4.17 -10.70 62.92
CA ALA C 90 -5.54 -10.34 62.59
C ALA C 90 -6.07 -9.22 63.47
N ARG C 91 -5.42 -8.93 64.58
CA ARG C 91 -5.90 -7.90 65.48
C ARG C 91 -5.71 -6.49 64.92
N THR C 92 -4.66 -6.27 64.13
CA THR C 92 -4.44 -4.95 63.56
C THR C 92 -5.55 -4.58 62.59
N PHE C 93 -6.00 -5.52 61.75
CA PHE C 93 -7.08 -5.22 60.83
C PHE C 93 -8.40 -5.06 61.56
N GLN C 94 -8.67 -5.90 62.57
CA GLN C 94 -9.91 -5.74 63.33
C GLN C 94 -10.06 -4.33 63.87
N TRP C 95 -8.94 -3.71 64.27
CA TRP C 95 -9.00 -2.34 64.76
C TRP C 95 -9.14 -1.34 63.62
N TRP C 96 -8.40 -1.52 62.53
CA TRP C 96 -8.52 -0.63 61.38
C TRP C 96 -9.94 -0.60 60.85
N ASP C 97 -10.55 -1.78 60.65
CA ASP C 97 -11.94 -1.83 60.21
C ASP C 97 -12.88 -1.24 61.27
N LYS C 98 -12.55 -1.46 62.54
CA LYS C 98 -13.40 -0.97 63.62
C LYS C 98 -13.41 0.56 63.68
N LEU C 99 -12.30 1.19 63.33
CA LEU C 99 -12.17 2.63 63.40
C LEU C 99 -12.55 3.32 62.10
N LEU C 100 -12.77 2.57 61.02
CA LEU C 100 -12.99 3.16 59.71
C LEU C 100 -14.17 4.13 59.72
N ASP C 101 -15.36 3.61 60.02
CA ASP C 101 -16.57 4.44 60.01
C ASP C 101 -16.53 5.54 61.08
N PRO C 102 -16.06 5.26 62.31
CA PRO C 102 -15.90 6.37 63.26
C PRO C 102 -14.96 7.46 62.76
N VAL C 103 -13.88 7.09 62.08
CA VAL C 103 -12.99 8.09 61.50
C VAL C 103 -13.67 8.81 60.34
N LEU C 104 -14.34 8.05 59.47
CA LEU C 104 -14.98 8.65 58.31
C LEU C 104 -16.09 9.61 58.73
N ASP C 105 -16.82 9.27 59.80
CA ASP C 105 -17.93 10.13 60.24
C ASP C 105 -17.43 11.40 60.93
N ASN C 106 -16.18 11.43 61.38
CA ASN C 106 -15.64 12.57 62.09
C ASN C 106 -14.37 13.13 61.46
N ALA C 107 -14.08 12.74 60.21
CA ALA C 107 -12.84 13.19 59.57
C ALA C 107 -12.81 14.70 59.38
N THR C 108 -13.95 15.29 59.00
CA THR C 108 -13.99 16.72 58.71
C THR C 108 -14.07 17.58 59.96
N ARG C 109 -14.48 17.02 61.09
CA ARG C 109 -14.75 17.82 62.29
C ARG C 109 -13.65 17.76 63.34
N GLU C 110 -12.92 16.66 63.44
CA GLU C 110 -11.88 16.50 64.46
C GLU C 110 -10.52 16.76 63.83
N LYS C 111 -9.77 17.70 64.38
CA LYS C 111 -8.51 18.12 63.81
C LYS C 111 -7.45 17.04 63.98
N GLY C 112 -6.86 16.61 62.87
CA GLY C 112 -5.80 15.63 62.88
C GLY C 112 -6.24 14.17 62.79
N LEU C 113 -7.52 13.89 62.97
CA LEU C 113 -7.99 12.51 62.94
C LEU C 113 -7.76 11.87 61.58
N ALA C 114 -8.07 12.60 60.49
CA ALA C 114 -7.87 12.05 59.15
C ALA C 114 -6.41 11.73 58.90
N ARG C 115 -5.50 12.63 59.29
CA ARG C 115 -4.08 12.38 59.10
C ARG C 115 -3.60 11.21 59.96
N SER C 116 -4.10 11.12 61.19
CA SER C 116 -3.65 10.05 62.09
C SER C 116 -4.09 8.69 61.59
N PHE C 117 -5.33 8.57 61.08
CA PHE C 117 -5.80 7.29 60.57
C PHE C 117 -5.07 6.91 59.28
N MSE C 118 -4.74 7.88 58.44
CA MSE C 118 -4.03 7.61 57.20
C MSE C 118 -2.62 7.11 57.49
O MSE C 118 -2.14 6.19 56.82
CB MSE C 118 -3.97 8.86 56.32
CG MSE C 118 -4.93 8.84 55.15
SE MSE C 118 -4.58 7.34 53.95
CE MSE C 118 -2.79 7.83 53.34
N ASP C 119 -1.95 7.71 58.47
CA ASP C 119 -0.64 7.22 58.87
C ASP C 119 -0.73 5.81 59.43
N PHE C 120 -1.80 5.52 60.18
CA PHE C 120 -2.05 4.15 60.61
C PHE C 120 -2.22 3.23 59.40
N THR C 121 -2.95 3.69 58.40
CA THR C 121 -3.12 2.91 57.17
C THR C 121 -1.79 2.69 56.45
N LEU C 122 -0.98 3.74 56.34
CA LEU C 122 0.29 3.62 55.63
C LEU C 122 1.27 2.70 56.36
N GLU C 123 1.29 2.76 57.69
CA GLU C 123 2.18 1.89 58.44
C GLU C 123 1.77 0.43 58.34
N ILE C 124 0.47 0.16 58.26
CA ILE C 124 0.00 -1.22 58.04
C ILE C 124 0.48 -1.73 56.69
N LEU C 125 0.41 -0.87 55.67
CA LEU C 125 0.77 -1.29 54.31
C LEU C 125 2.26 -1.48 54.14
N SER C 126 3.09 -0.85 54.98
CA SER C 126 4.54 -0.95 54.86
C SER C 126 5.12 -2.02 55.79
N SER C 127 4.31 -2.99 56.20
CA SER C 127 4.75 -4.05 57.09
C SER C 127 4.83 -5.38 56.37
N SER C 128 3.71 -5.95 55.93
CA SER C 128 3.69 -7.15 55.12
C SER C 128 3.45 -6.83 53.65
N GLU C 129 4.18 -7.50 52.77
CA GLU C 129 4.01 -7.34 51.33
C GLU C 129 2.63 -7.80 50.88
N PHE C 141 -6.19 -9.26 51.69
CA PHE C 141 -5.83 -8.06 50.94
C PHE C 141 -6.93 -7.68 49.96
N ILE C 142 -7.07 -8.47 48.90
CA ILE C 142 -8.05 -8.16 47.86
C ILE C 142 -9.47 -8.09 48.43
N PRO C 143 -9.94 -9.03 49.24
CA PRO C 143 -11.30 -8.88 49.79
C PRO C 143 -11.43 -7.65 50.66
N TRP C 144 -10.36 -7.29 51.36
CA TRP C 144 -10.33 -6.04 52.13
C TRP C 144 -10.36 -4.83 51.21
N LEU C 145 -9.48 -4.80 50.19
CA LEU C 145 -9.41 -3.64 49.31
C LEU C 145 -10.72 -3.44 48.58
N ASN C 146 -11.33 -4.53 48.10
CA ASN C 146 -12.61 -4.45 47.40
C ASN C 146 -13.69 -3.88 48.29
N ARG C 147 -13.56 -4.04 49.62
CA ARG C 147 -14.55 -3.49 50.54
C ARG C 147 -14.46 -1.98 50.60
N LEU C 148 -13.26 -1.43 50.54
CA LEU C 148 -13.10 0.02 50.51
C LEU C 148 -13.70 0.62 49.25
N LEU C 149 -13.53 -0.08 48.13
CA LEU C 149 -14.05 0.42 46.86
C LEU C 149 -15.55 0.59 46.94
N VAL C 150 -16.27 -0.43 47.42
CA VAL C 150 -17.72 -0.36 47.52
C VAL C 150 -18.13 0.85 48.36
N ARG C 151 -17.42 1.11 49.45
CA ARG C 151 -17.71 2.29 50.26
C ARG C 151 -17.38 3.57 49.51
N TRP C 152 -16.33 3.55 48.69
CA TRP C 152 -15.95 4.74 47.92
C TRP C 152 -16.91 4.99 46.77
N MSE C 153 -17.55 3.94 46.27
CA MSE C 153 -18.53 4.08 45.20
C MSE C 153 -19.85 4.62 45.74
O MSE C 153 -20.53 5.40 45.07
CB MSE C 153 -18.77 2.74 44.51
CG MSE C 153 -17.51 2.07 43.98
SE MSE C 153 -16.53 3.10 42.66
CE MSE C 153 -18.03 3.49 41.50
N GLU C 154 -20.20 4.21 46.96
CA GLU C 154 -21.39 4.75 47.62
C GLU C 154 -21.24 6.26 47.82
N LEU C 155 -20.08 6.70 48.29
CA LEU C 155 -19.75 8.11 48.27
C LEU C 155 -19.64 8.59 46.83
N ARG C 156 -19.99 9.86 46.61
CA ARG C 156 -19.93 10.47 45.28
C ARG C 156 -20.80 9.70 44.28
N SER C 165 -15.53 20.90 45.74
CA SER C 165 -14.23 20.80 46.41
C SER C 165 -13.93 19.36 46.80
N THR C 166 -13.26 19.20 47.94
CA THR C 166 -12.91 17.86 48.45
C THR C 166 -12.70 17.98 49.95
N ASP C 167 -13.48 17.24 50.72
CA ASP C 167 -13.42 17.30 52.17
C ASP C 167 -12.56 16.17 52.72
N LEU C 168 -12.29 16.24 54.03
CA LEU C 168 -11.37 15.32 54.67
C LEU C 168 -11.88 13.88 54.63
N LYS C 169 -13.21 13.70 54.64
CA LYS C 169 -13.78 12.35 54.60
C LYS C 169 -13.47 11.65 53.28
N GLU C 170 -13.59 12.36 52.16
CA GLU C 170 -13.30 11.75 50.87
C GLU C 170 -11.81 11.50 50.69
N GLN C 171 -10.97 12.37 51.24
CA GLN C 171 -9.52 12.20 51.11
C GLN C 171 -9.04 10.91 51.76
N VAL C 172 -9.64 10.55 52.90
CA VAL C 172 -9.22 9.33 53.59
C VAL C 172 -9.46 8.11 52.71
N LEU C 173 -10.68 7.97 52.17
CA LEU C 173 -10.96 6.86 51.27
C LEU C 173 -10.10 6.92 50.01
N THR C 174 -9.91 8.11 49.46
CA THR C 174 -9.13 8.25 48.23
C THR C 174 -7.66 7.92 48.46
N ASP C 175 -7.04 8.56 49.46
CA ASP C 175 -5.63 8.32 49.72
C ASP C 175 -5.36 6.87 50.09
N ALA C 176 -6.28 6.24 50.81
CA ALA C 176 -6.11 4.83 51.15
C ALA C 176 -6.20 3.94 49.92
N LEU C 177 -7.16 4.21 49.03
CA LEU C 177 -7.28 3.42 47.80
C LEU C 177 -6.04 3.57 46.93
N LEU C 178 -5.51 4.79 46.80
CA LEU C 178 -4.29 4.98 46.03
C LEU C 178 -3.10 4.32 46.71
N ALA C 179 -3.07 4.29 48.04
CA ALA C 179 -2.00 3.60 48.74
C ALA C 179 -2.04 2.11 48.47
N PHE C 180 -3.23 1.51 48.48
CA PHE C 180 -3.37 0.11 48.10
C PHE C 180 -2.97 -0.09 46.64
N GLY C 181 -3.31 0.86 45.78
CA GLY C 181 -3.00 0.74 44.36
C GLY C 181 -1.52 0.85 44.08
N LYS C 182 -0.80 1.69 44.83
CA LYS C 182 0.64 1.79 44.64
C LYS C 182 1.34 0.49 45.01
N LYS C 183 0.81 -0.25 45.99
CA LYS C 183 1.44 -1.50 46.39
C LYS C 183 1.13 -2.64 45.43
N ASP C 184 -0.11 -2.73 44.95
CA ASP C 184 -0.53 -3.80 44.05
C ASP C 184 -1.34 -3.18 42.91
N PRO C 185 -0.68 -2.59 41.92
CA PRO C 185 -1.41 -1.98 40.81
C PRO C 185 -2.22 -2.98 40.00
N LYS C 186 -1.65 -4.15 39.72
CA LYS C 186 -2.37 -5.15 38.95
C LYS C 186 -3.61 -5.64 39.70
N GLY C 187 -3.44 -5.94 41.00
CA GLY C 187 -4.59 -6.33 41.81
C GLY C 187 -5.60 -5.21 41.97
N PHE C 188 -5.12 -3.96 42.10
CA PHE C 188 -6.01 -2.82 42.23
C PHE C 188 -6.89 -2.66 40.99
N MSE C 189 -6.29 -2.68 39.81
CA MSE C 189 -7.02 -2.50 38.56
C MSE C 189 -7.90 -3.70 38.27
O MSE C 189 -8.93 -3.58 37.59
CB MSE C 189 -6.06 -2.24 37.41
CG MSE C 189 -5.20 -0.99 37.61
SE MSE C 189 -3.96 -0.66 36.14
CE MSE C 189 -4.61 1.10 35.59
N ASN C 190 -7.51 -4.87 38.77
CA ASN C 190 -8.36 -6.05 38.67
C ASN C 190 -9.64 -5.85 39.48
N ALA C 191 -9.50 -5.35 40.71
CA ALA C 191 -10.68 -5.09 41.54
C ALA C 191 -11.53 -3.96 40.98
N LEU C 192 -10.90 -2.96 40.37
CA LEU C 192 -11.64 -1.84 39.82
C LEU C 192 -12.45 -2.23 38.59
N ASN C 193 -11.99 -3.24 37.84
CA ASN C 193 -12.68 -3.64 36.61
C ASN C 193 -14.12 -4.09 36.90
N ALA C 194 -14.35 -4.72 38.05
CA ALA C 194 -15.71 -5.12 38.41
C ALA C 194 -16.63 -3.92 38.52
N PHE C 195 -16.12 -2.81 39.06
CA PHE C 195 -16.93 -1.61 39.19
C PHE C 195 -17.09 -0.86 37.89
N VAL C 196 -16.16 -1.03 36.94
CA VAL C 196 -16.33 -0.43 35.62
C VAL C 196 -17.46 -1.11 34.85
N LEU C 197 -17.67 -2.40 35.08
CA LEU C 197 -18.70 -3.14 34.36
C LEU C 197 -20.10 -2.73 34.77
N ARG C 198 -20.28 -2.21 35.99
CA ARG C 198 -21.59 -1.72 36.42
C ARG C 198 -21.84 -0.35 35.81
N ARG C 199 -22.96 -0.21 35.10
CA ARG C 199 -23.29 1.05 34.44
C ARG C 199 -23.44 2.18 35.45
N GLU C 200 -24.12 1.92 36.57
CA GLU C 200 -24.33 2.93 37.59
C GLU C 200 -23.05 3.35 38.30
N HIS C 201 -21.94 2.62 38.10
CA HIS C 201 -20.68 2.91 38.76
C HIS C 201 -19.54 3.25 37.80
N ARG C 202 -19.80 3.32 36.49
CA ARG C 202 -18.71 3.49 35.53
C ARG C 202 -18.06 4.87 35.64
N ASN C 203 -18.86 5.92 35.82
CA ASN C 203 -18.29 7.27 35.89
C ASN C 203 -17.33 7.41 37.05
N SER C 204 -17.74 6.96 38.24
CA SER C 204 -16.87 7.07 39.41
C SER C 204 -15.65 6.17 39.29
N ALA C 205 -15.82 4.96 38.76
CA ALA C 205 -14.69 4.06 38.58
C ALA C 205 -13.64 4.66 37.65
N PHE C 206 -14.08 5.26 36.54
CA PHE C 206 -13.15 5.95 35.65
C PHE C 206 -12.53 7.16 36.32
N SER C 207 -13.29 7.85 37.17
CA SER C 207 -12.74 8.99 37.91
C SER C 207 -11.60 8.55 38.83
N LEU C 208 -11.81 7.44 39.55
CA LEU C 208 -10.75 6.90 40.39
C LEU C 208 -9.57 6.42 39.56
N LEU C 209 -9.85 5.89 38.36
CA LEU C 209 -8.78 5.47 37.47
C LEU C 209 -7.89 6.64 37.07
N CYS C 210 -8.50 7.78 36.73
CA CYS C 210 -7.71 8.97 36.41
C CYS C 210 -6.89 9.42 37.62
N ALA C 211 -7.51 9.42 38.80
CA ALA C 211 -6.78 9.80 40.02
C ALA C 211 -5.64 8.82 40.30
N PHE C 212 -5.86 7.54 40.02
CA PHE C 212 -4.83 6.53 40.25
C PHE C 212 -3.62 6.78 39.36
N VAL C 213 -3.85 6.95 38.06
CA VAL C 213 -2.75 7.21 37.12
C VAL C 213 -2.05 8.51 37.48
N ASN C 214 -2.78 9.49 38.01
CA ASN C 214 -2.19 10.78 38.35
C ASN C 214 -1.25 10.66 39.56
N SER C 215 -1.50 9.71 40.45
CA SER C 215 -0.65 9.52 41.62
C SER C 215 0.71 8.93 41.28
N GLY C 216 0.96 8.63 40.00
CA GLY C 216 2.23 8.09 39.56
C GLY C 216 2.56 6.74 40.17
N PRO C 217 1.71 5.73 39.95
CA PRO C 217 1.99 4.41 40.48
C PRO C 217 2.89 3.64 39.53
N PRO C 218 3.60 2.63 40.02
CA PRO C 218 4.47 1.84 39.13
C PRO C 218 3.68 0.78 38.39
N HIS C 219 4.33 0.24 37.34
CA HIS C 219 3.83 -0.93 36.63
C HIS C 219 2.44 -0.72 36.05
N LEU C 220 2.19 0.49 35.50
CA LEU C 220 0.91 0.75 34.86
C LEU C 220 0.70 -0.12 33.63
N TYR C 221 1.78 -0.65 33.05
CA TYR C 221 1.66 -1.56 31.91
C TYR C 221 0.95 -2.85 32.27
N LEU C 222 0.83 -3.17 33.57
CA LEU C 222 0.11 -4.36 34.00
C LEU C 222 -1.38 -4.29 33.68
N ILE C 223 -1.88 -3.14 33.23
CA ILE C 223 -3.29 -3.03 32.83
C ILE C 223 -3.60 -3.89 31.62
N LEU C 224 -2.58 -4.29 30.86
CA LEU C 224 -2.83 -5.16 29.72
C LEU C 224 -3.07 -6.60 30.15
N GLN C 225 -2.51 -7.00 31.29
CA GLN C 225 -2.77 -8.30 31.88
C GLN C 225 -4.01 -8.32 32.75
N THR C 226 -4.95 -7.39 32.50
CA THR C 226 -6.20 -7.28 33.24
C THR C 226 -7.27 -6.82 32.27
N PRO C 227 -8.54 -7.18 32.50
CA PRO C 227 -9.60 -6.78 31.56
C PRO C 227 -9.93 -5.30 31.58
N LEU C 228 -9.27 -4.49 32.41
CA LEU C 228 -9.63 -3.09 32.54
C LEU C 228 -9.40 -2.33 31.24
N PHE C 229 -8.26 -2.58 30.58
CA PHE C 229 -7.92 -1.84 29.36
C PHE C 229 -8.97 -2.07 28.28
N GLY C 230 -9.33 -3.33 28.05
CA GLY C 230 -10.37 -3.64 27.06
C GLY C 230 -11.71 -3.02 27.38
N ASN C 231 -12.03 -2.88 28.67
CA ASN C 231 -13.30 -2.29 29.06
C ASN C 231 -13.30 -0.78 28.92
N ILE C 232 -12.13 -0.15 29.05
CA ILE C 232 -12.00 1.26 28.69
C ILE C 232 -12.35 1.46 27.21
N LEU C 233 -11.75 0.63 26.35
CA LEU C 233 -12.03 0.72 24.91
C LEU C 233 -13.48 0.37 24.61
N GLN C 234 -14.04 -0.59 25.35
CA GLN C 234 -15.44 -0.96 25.12
C GLN C 234 -16.37 0.18 25.50
N SER C 235 -16.07 0.88 26.59
CA SER C 235 -16.85 2.07 26.94
C SER C 235 -16.74 3.13 25.87
N LEU C 236 -15.53 3.33 25.31
CA LEU C 236 -15.34 4.32 24.27
C LEU C 236 -16.08 3.94 22.98
N GLN C 237 -16.32 2.65 22.76
CA GLN C 237 -16.97 2.19 21.54
C GLN C 237 -18.49 2.14 21.64
N LYS C 238 -19.03 1.95 22.84
CA LYS C 238 -20.45 1.64 22.98
C LYS C 238 -21.23 2.65 23.81
N ASP C 239 -20.65 3.16 24.90
CA ASP C 239 -21.38 4.09 25.75
C ASP C 239 -21.80 5.33 24.98
N GLU C 240 -22.94 5.90 25.38
CA GLU C 240 -23.55 7.01 24.67
C GLU C 240 -23.61 8.30 25.48
N SER C 241 -23.11 8.29 26.71
CA SER C 241 -23.04 9.52 27.49
C SER C 241 -21.76 10.27 27.14
N THR C 242 -21.92 11.55 26.77
CA THR C 242 -20.76 12.37 26.46
C THR C 242 -19.81 12.46 27.64
N PHE C 243 -20.36 12.53 28.85
CA PHE C 243 -19.52 12.62 30.05
C PHE C 243 -18.75 11.33 30.28
N THR C 244 -19.42 10.18 30.15
CA THR C 244 -18.76 8.90 30.41
C THR C 244 -17.63 8.64 29.41
N VAL C 245 -17.91 8.82 28.12
CA VAL C 245 -16.91 8.54 27.09
C VAL C 245 -15.69 9.45 27.26
N ASN C 246 -15.92 10.71 27.65
CA ASN C 246 -14.82 11.63 27.85
C ASN C 246 -13.95 11.19 29.03
N LEU C 247 -14.57 10.70 30.10
CA LEU C 247 -13.80 10.14 31.21
C LEU C 247 -12.93 8.98 30.74
N ALA C 248 -13.52 8.05 29.98
CA ALA C 248 -12.75 6.93 29.44
C ALA C 248 -11.61 7.42 28.56
N LEU C 249 -11.85 8.47 27.78
CA LEU C 249 -10.80 8.98 26.89
C LEU C 249 -9.68 9.64 27.67
N ILE C 250 -10.00 10.36 28.74
CA ILE C 250 -8.97 10.98 29.57
C ILE C 250 -8.06 9.92 30.17
N ALA C 251 -8.65 8.83 30.67
CA ALA C 251 -7.86 7.73 31.20
C ALA C 251 -7.00 7.09 30.11
N LEU C 252 -7.56 6.89 28.92
CA LEU C 252 -6.81 6.28 27.84
C LEU C 252 -5.61 7.13 27.43
N VAL C 253 -5.81 8.44 27.32
CA VAL C 253 -4.71 9.34 26.96
C VAL C 253 -3.62 9.32 28.03
N MSE C 254 -4.01 9.15 29.28
CA MSE C 254 -3.03 9.10 30.37
C MSE C 254 -2.26 7.78 30.38
O MSE C 254 -1.11 7.72 30.82
CB MSE C 254 -3.71 9.30 31.72
CG MSE C 254 -4.24 10.70 31.96
SE MSE C 254 -5.17 10.84 33.67
CE MSE C 254 -5.50 12.77 33.67
N LEU C 255 -2.89 6.71 29.87
CA LEU C 255 -2.34 5.37 30.01
C LEU C 255 -1.41 4.98 28.86
N LEU C 256 -1.73 5.38 27.63
CA LEU C 256 -0.95 4.94 26.48
C LEU C 256 0.54 5.26 26.56
N PRO C 257 0.98 6.44 27.03
CA PRO C 257 2.43 6.69 27.11
C PRO C 257 3.17 5.75 28.04
N PHE C 258 2.47 4.94 28.84
CA PHE C 258 3.13 4.00 29.74
C PHE C 258 3.37 2.64 29.11
N PHE C 259 2.78 2.37 27.94
CA PHE C 259 3.07 1.15 27.19
C PHE C 259 2.88 1.40 25.69
N PRO C 260 3.58 2.37 25.10
CA PRO C 260 3.30 2.71 23.70
C PRO C 260 3.72 1.62 22.72
N GLY C 261 4.72 0.82 23.06
CA GLY C 261 5.16 -0.25 22.17
C GLY C 261 4.31 -1.49 22.19
N ASP C 262 3.32 -1.55 23.08
CA ASP C 262 2.46 -2.72 23.21
C ASP C 262 1.06 -2.51 22.63
N ILE C 263 0.79 -1.33 22.07
CA ILE C 263 -0.56 -1.01 21.60
C ILE C 263 -0.74 -1.29 20.11
N VAL C 264 0.27 -1.88 19.45
CA VAL C 264 0.13 -2.19 18.02
C VAL C 264 -1.09 -3.04 17.72
N PRO C 265 -1.36 -4.14 18.45
CA PRO C 265 -2.59 -4.90 18.16
C PRO C 265 -3.87 -4.13 18.39
N TYR C 266 -3.84 -3.04 19.16
CA TYR C 266 -5.03 -2.26 19.46
C TYR C 266 -5.23 -1.08 18.50
N LEU C 267 -4.27 -0.80 17.62
CA LEU C 267 -4.36 0.36 16.75
C LEU C 267 -5.64 0.43 15.92
N PRO C 268 -6.10 -0.64 15.26
CA PRO C 268 -7.40 -0.53 14.57
C PRO C 268 -8.54 -0.13 15.48
N THR C 269 -8.56 -0.65 16.71
CA THR C 269 -9.58 -0.26 17.67
C THR C 269 -9.41 1.20 18.08
N LEU C 270 -8.17 1.61 18.37
CA LEU C 270 -7.91 2.99 18.76
C LEU C 270 -8.27 3.96 17.63
N PHE C 271 -7.99 3.57 16.38
CA PHE C 271 -8.34 4.43 15.25
C PHE C 271 -9.85 4.52 15.09
N ASN C 272 -10.56 3.41 15.28
CA ASN C 272 -12.01 3.41 15.16
C ASN C 272 -12.65 4.26 16.26
N ILE C 273 -12.06 4.27 17.45
CA ILE C 273 -12.56 5.10 18.52
C ILE C 273 -12.45 6.58 18.14
N TYR C 274 -11.32 6.97 17.54
CA TYR C 274 -11.16 8.35 17.08
C TYR C 274 -12.23 8.71 16.07
N ALA C 275 -12.52 7.83 15.11
CA ALA C 275 -13.51 8.12 14.09
C ALA C 275 -14.90 8.26 14.70
N ARG C 276 -15.23 7.43 15.69
CA ARG C 276 -16.53 7.53 16.34
C ARG C 276 -16.68 8.85 17.09
N LEU C 277 -15.67 9.22 17.88
CA LEU C 277 -15.74 10.46 18.64
C LEU C 277 -15.68 11.68 17.74
N LEU C 278 -15.02 11.55 16.58
CA LEU C 278 -14.98 12.66 15.63
C LEU C 278 -16.38 13.00 15.11
N PHE C 279 -17.27 12.01 15.04
CA PHE C 279 -18.64 12.18 14.60
C PHE C 279 -19.64 11.99 15.74
N TRP C 280 -19.30 12.50 16.93
CA TRP C 280 -20.17 12.28 18.08
C TRP C 280 -21.56 12.88 17.87
N ASP C 281 -21.67 13.91 17.03
CA ASP C 281 -22.97 14.52 16.76
C ASP C 281 -23.78 13.71 15.76
N PRO C 305 -21.35 -9.42 26.88
CA PRO C 305 -22.32 -8.32 26.82
C PRO C 305 -21.77 -7.02 27.37
N TRP C 306 -22.61 -5.97 27.41
CA TRP C 306 -22.18 -4.68 27.93
C TRP C 306 -23.39 -3.79 28.21
N ASP C 307 -23.47 -3.23 29.41
CA ASP C 307 -24.58 -2.37 29.81
C ASP C 307 -24.19 -0.92 29.52
N LYS C 308 -24.75 -0.36 28.45
CA LYS C 308 -24.38 0.99 28.03
C LYS C 308 -24.91 2.02 29.01
N VAL C 309 -24.14 3.10 29.16
CA VAL C 309 -24.64 4.32 29.80
C VAL C 309 -25.26 5.17 28.70
N LEU C 310 -26.53 5.49 28.85
CA LEU C 310 -27.26 6.20 27.81
C LEU C 310 -26.94 7.69 27.87
N LEU C 311 -27.39 8.41 26.84
CA LEU C 311 -27.18 9.85 26.80
C LEU C 311 -28.00 10.51 27.90
N ASP C 312 -27.34 11.38 28.68
CA ASP C 312 -28.01 12.16 29.70
C ASP C 312 -28.34 13.53 29.10
N PRO C 313 -29.58 13.78 28.69
CA PRO C 313 -29.89 15.05 28.00
C PRO C 313 -29.70 16.28 28.88
N ASP C 314 -29.53 16.11 30.19
CA ASP C 314 -29.43 17.26 31.08
C ASP C 314 -28.04 17.89 31.04
N TYR C 315 -26.99 17.08 30.96
CA TYR C 315 -25.62 17.57 31.10
C TYR C 315 -24.70 17.20 29.94
N ASP C 316 -25.02 16.17 29.16
CA ASP C 316 -24.10 15.68 28.13
C ASP C 316 -24.12 16.61 26.93
N GLY C 317 -22.94 17.07 26.52
CA GLY C 317 -22.80 17.94 25.39
C GLY C 317 -22.76 17.20 24.06
N HIS C 318 -22.46 17.97 23.01
CA HIS C 318 -22.44 17.49 21.64
C HIS C 318 -21.03 17.21 21.13
N SER C 319 -20.01 17.43 21.93
CA SER C 319 -18.63 17.16 21.53
C SER C 319 -17.85 16.59 22.70
N VAL C 320 -16.87 15.74 22.38
CA VAL C 320 -16.01 15.13 23.39
C VAL C 320 -14.86 16.09 23.68
N PRO C 321 -14.75 16.62 24.89
CA PRO C 321 -13.73 17.65 25.15
C PRO C 321 -12.29 17.19 24.95
N TYR C 322 -11.98 15.95 25.30
CA TYR C 322 -10.61 15.46 25.26
C TYR C 322 -10.21 14.90 23.90
N LEU C 323 -11.06 15.05 22.89
CA LEU C 323 -10.72 14.57 21.55
C LEU C 323 -9.44 15.18 20.97
N PRO C 324 -9.18 16.49 21.08
CA PRO C 324 -7.91 17.00 20.53
C PRO C 324 -6.68 16.34 21.13
N GLU C 325 -6.67 16.11 22.44
CA GLU C 325 -5.55 15.42 23.07
C GLU C 325 -5.45 13.97 22.59
N TYR C 326 -6.57 13.35 22.24
CA TYR C 326 -6.53 11.99 21.73
C TYR C 326 -5.88 11.93 20.35
N PHE C 327 -6.20 12.90 19.48
CA PHE C 327 -5.50 13.01 18.20
C PHE C 327 -4.00 13.18 18.41
N THR C 328 -3.61 14.04 19.35
CA THR C 328 -2.20 14.32 19.58
C THR C 328 -1.45 13.08 20.02
N ILE C 329 -2.05 12.30 20.94
CA ILE C 329 -1.35 11.14 21.47
C ILE C 329 -1.30 10.01 20.44
N LEU C 330 -2.34 9.86 19.62
CA LEU C 330 -2.29 8.87 18.55
C LEU C 330 -1.28 9.26 17.48
N TYR C 331 -1.30 10.54 17.08
CA TYR C 331 -0.36 11.02 16.07
C TYR C 331 1.07 11.05 16.60
N GLY C 332 1.24 11.26 17.91
CA GLY C 332 2.58 11.28 18.48
C GLY C 332 3.23 9.90 18.51
N LEU C 333 2.43 8.84 18.69
CA LEU C 333 2.97 7.50 18.83
C LEU C 333 3.09 6.77 17.50
N TYR C 334 2.04 6.79 16.69
CA TYR C 334 2.01 6.07 15.41
C TYR C 334 1.43 6.99 14.33
N PRO C 335 2.18 8.03 13.94
CA PRO C 335 1.65 8.97 12.94
C PRO C 335 1.42 8.35 11.57
N ILE C 336 2.37 7.55 11.09
CA ILE C 336 2.25 7.01 9.73
C ILE C 336 1.05 6.08 9.62
N ASN C 337 0.84 5.24 10.63
CA ASN C 337 -0.35 4.39 10.64
C ASN C 337 -1.62 5.20 10.86
N PHE C 338 -1.54 6.27 11.66
CA PHE C 338 -2.73 7.07 11.93
C PHE C 338 -3.20 7.81 10.69
N VAL C 339 -2.28 8.49 9.99
CA VAL C 339 -2.67 9.21 8.78
C VAL C 339 -3.03 8.24 7.67
N ASP C 340 -2.48 7.01 7.71
CA ASP C 340 -2.91 6.00 6.76
C ASP C 340 -4.33 5.53 7.03
N TYR C 341 -4.74 5.50 8.30
CA TYR C 341 -6.12 5.19 8.62
C TYR C 341 -7.06 6.26 8.09
N ILE C 342 -6.71 7.53 8.29
CA ILE C 342 -7.52 8.62 7.77
C ILE C 342 -7.52 8.61 6.25
N ARG C 343 -6.41 8.19 5.63
CA ARG C 343 -6.35 8.15 4.17
C ARG C 343 -7.25 7.07 3.60
N LYS C 344 -7.18 5.87 4.16
CA LYS C 344 -7.89 4.71 3.62
C LYS C 344 -8.51 3.91 4.76
N PRO C 345 -9.66 4.33 5.26
CA PRO C 345 -10.38 3.51 6.24
C PRO C 345 -11.02 2.28 5.62
N HIS C 346 -10.90 2.15 4.30
CA HIS C 346 -11.23 0.90 3.62
C HIS C 346 -10.39 -0.27 4.11
N ASN C 347 -9.23 0.00 4.71
CA ASN C 347 -8.37 -1.06 5.21
C ASN C 347 -8.77 -1.56 6.59
N TYR C 348 -9.73 -0.91 7.25
CA TYR C 348 -10.08 -1.25 8.62
C TYR C 348 -11.57 -1.47 8.86
N LEU C 349 -12.45 -0.97 7.99
CA LEU C 349 -13.89 -0.98 8.23
C LEU C 349 -14.59 -1.85 7.19
N PRO C 350 -15.28 -2.92 7.58
CA PRO C 350 -16.01 -3.74 6.61
C PRO C 350 -16.95 -2.90 5.76
N HIS C 351 -16.99 -3.20 4.48
CA HIS C 351 -17.73 -2.37 3.53
C HIS C 351 -17.97 -3.17 2.25
N ALA C 352 -18.79 -2.61 1.37
CA ALA C 352 -19.03 -3.14 0.04
C ALA C 352 -18.36 -2.21 -0.97
N GLY C 353 -17.43 -2.77 -1.76
CA GLY C 353 -16.71 -1.96 -2.73
C GLY C 353 -17.58 -1.35 -3.80
N SER C 354 -18.77 -1.90 -4.02
CA SER C 354 -19.68 -1.33 -5.01
C SER C 354 -20.22 0.01 -4.54
N ASP C 355 -20.69 0.08 -3.30
CA ASP C 355 -21.20 1.33 -2.76
C ASP C 355 -20.07 2.31 -2.50
N ASP C 356 -20.42 3.60 -2.49
CA ASP C 356 -19.46 4.67 -2.21
C ASP C 356 -19.65 5.26 -0.81
N ASP C 357 -20.34 4.54 0.07
CA ASP C 357 -20.50 5.02 1.44
C ASP C 357 -19.18 5.08 2.18
N ILE C 358 -18.26 4.16 1.88
CA ILE C 358 -16.96 4.16 2.53
C ILE C 358 -16.12 5.34 2.05
N ASP C 359 -16.29 5.77 0.81
CA ASP C 359 -15.56 6.91 0.28
C ASP C 359 -16.10 8.22 0.83
N VAL C 360 -17.42 8.36 0.91
CA VAL C 360 -18.01 9.55 1.52
C VAL C 360 -17.60 9.66 2.97
N HIS C 361 -17.61 8.53 3.68
CA HIS C 361 -17.13 8.52 5.07
C HIS C 361 -15.67 8.89 5.16
N ALA C 362 -14.85 8.42 4.21
CA ALA C 362 -13.43 8.75 4.22
C ALA C 362 -13.19 10.25 4.04
N ALA C 363 -13.89 10.85 3.07
CA ALA C 363 -13.76 12.29 2.86
C ALA C 363 -14.22 13.08 4.08
N GLU C 364 -15.28 12.61 4.75
CA GLU C 364 -15.78 13.32 5.92
C GLU C 364 -14.82 13.22 7.09
N ILE C 365 -14.17 12.07 7.28
CA ILE C 365 -13.15 11.94 8.32
C ILE C 365 -12.01 12.92 8.05
N ARG C 366 -11.60 13.03 6.80
CA ARG C 366 -10.53 13.97 6.43
C ARG C 366 -10.93 15.41 6.71
N GLU C 367 -12.16 15.79 6.37
CA GLU C 367 -12.59 17.17 6.56
C GLU C 367 -12.64 17.53 8.04
N ARG C 368 -13.11 16.61 8.89
CA ARG C 368 -13.17 16.88 10.32
C ARG C 368 -11.82 16.76 11.00
N SER C 369 -10.86 16.07 10.37
CA SER C 369 -9.51 16.00 10.91
C SER C 369 -8.67 17.21 10.54
N GLU C 370 -9.18 18.10 9.69
CA GLU C 370 -8.41 19.25 9.24
C GLU C 370 -8.04 20.16 10.41
N ARG C 371 -8.96 20.37 11.34
CA ARG C 371 -8.68 21.27 12.46
C ARG C 371 -7.60 20.73 13.38
N PHE C 372 -7.39 19.41 13.40
CA PHE C 372 -6.29 18.83 14.15
C PHE C 372 -4.99 18.80 13.37
N ARG C 373 -5.06 18.62 12.05
CA ARG C 373 -3.86 18.62 11.23
C ARG C 373 -3.14 19.96 11.30
N LYS C 374 -3.87 21.07 11.26
CA LYS C 374 -3.25 22.39 11.31
C LYS C 374 -2.69 22.74 12.68
N GLN C 375 -2.76 21.83 13.65
CA GLN C 375 -2.21 22.06 14.97
C GLN C 375 -0.95 21.26 15.25
N HIS C 376 -0.49 20.44 14.29
CA HIS C 376 0.61 19.53 14.53
C HIS C 376 1.68 19.67 13.45
N LEU C 377 2.93 19.69 13.89
CA LEU C 377 4.06 19.71 12.98
C LEU C 377 4.23 18.37 12.28
N LEU C 378 5.00 18.37 11.21
CA LEU C 378 5.38 17.12 10.55
C LEU C 378 6.13 16.23 11.53
N HIS C 379 5.75 14.98 11.59
CA HIS C 379 6.28 14.06 12.59
C HIS C 379 7.65 13.53 12.14
N PRO C 380 8.60 13.41 13.06
CA PRO C 380 9.93 12.88 12.69
C PRO C 380 9.89 11.46 12.13
N ASN C 381 8.85 10.68 12.43
CA ASN C 381 8.76 9.34 11.88
C ASN C 381 8.76 9.34 10.37
N PHE C 382 8.24 10.42 9.76
CA PHE C 382 8.18 10.51 8.31
C PHE C 382 9.57 10.62 7.68
N TYR C 383 10.60 10.92 8.47
CA TYR C 383 11.98 10.90 8.02
C TYR C 383 12.69 9.61 8.40
N GLU C 384 12.01 8.66 9.02
CA GLU C 384 12.75 7.58 9.65
C GLU C 384 12.14 6.20 9.40
N TYR C 385 10.81 6.13 9.31
CA TYR C 385 10.13 4.85 9.28
C TYR C 385 9.16 4.80 8.11
N THR C 386 8.82 3.58 7.72
CA THR C 386 7.68 3.29 6.86
C THR C 386 6.50 2.90 7.74
N ILE C 387 5.36 2.61 7.10
CA ILE C 387 4.19 2.18 7.86
C ILE C 387 4.46 0.85 8.55
N GLU C 388 5.38 0.04 8.01
CA GLU C 388 5.68 -1.26 8.60
C GLU C 388 6.67 -1.12 9.77
N THR C 389 7.82 -0.49 9.52
CA THR C 389 8.85 -0.41 10.54
C THR C 389 8.43 0.45 11.73
N GLU C 390 7.46 1.36 11.55
CA GLU C 390 6.92 2.09 12.69
C GLU C 390 6.31 1.14 13.71
N LYS C 391 5.65 0.08 13.25
CA LYS C 391 5.13 -0.93 14.15
C LYS C 391 6.19 -1.95 14.55
N THR C 392 7.20 -2.15 13.71
CA THR C 392 8.18 -3.21 13.91
C THR C 392 9.38 -2.76 14.75
N ASN C 393 9.85 -1.54 14.56
CA ASN C 393 11.03 -1.05 15.28
C ASN C 393 10.64 -0.58 16.67
N ILE C 394 11.26 -1.15 17.69
CA ILE C 394 10.92 -0.85 19.08
C ILE C 394 12.02 -0.08 19.80
N THR C 395 13.09 0.30 19.10
CA THR C 395 14.14 1.12 19.71
C THR C 395 13.58 2.44 20.19
N ARG C 396 12.59 2.98 19.48
CA ARG C 396 11.92 4.22 19.87
C ARG C 396 11.47 4.20 21.33
N TRP C 397 10.95 3.07 21.79
CA TRP C 397 10.36 2.98 23.13
C TRP C 397 11.32 2.47 24.19
N LEU C 398 12.47 1.91 23.80
CA LEU C 398 13.41 1.36 24.77
C LEU C 398 13.96 2.46 25.66
N LYS C 399 14.25 3.62 25.06
CA LYS C 399 14.95 4.70 25.75
C LYS C 399 14.01 5.51 26.65
N SER C 400 12.78 5.72 26.22
CA SER C 400 11.89 6.69 26.82
C SER C 400 10.94 6.11 27.87
N GLU C 401 10.65 6.92 28.89
CA GLU C 401 9.59 6.67 29.86
C GLU C 401 8.38 7.54 29.50
N ALA C 402 7.30 7.35 30.26
CA ALA C 402 6.03 8.02 29.96
C ALA C 402 6.19 9.55 29.92
N ASP C 403 6.90 10.11 30.90
CA ASP C 403 7.03 11.57 30.95
C ASP C 403 7.75 12.13 29.72
N GLU C 404 8.72 11.39 29.19
CA GLU C 404 9.40 11.84 27.97
C GLU C 404 8.50 11.70 26.75
N ILE C 405 7.76 10.59 26.68
CA ILE C 405 6.88 10.34 25.54
C ILE C 405 5.80 11.42 25.45
N ILE C 406 5.25 11.83 26.60
CA ILE C 406 4.26 12.90 26.60
C ILE C 406 4.90 14.20 26.13
N ALA C 407 6.10 14.50 26.62
CA ALA C 407 6.79 15.72 26.21
C ALA C 407 7.06 15.72 24.71
N ASP C 408 7.48 14.58 24.16
CA ASP C 408 7.68 14.49 22.72
C ASP C 408 6.38 14.71 21.95
N CYS C 409 5.27 14.20 22.49
CA CYS C 409 3.98 14.41 21.84
C CYS C 409 3.56 15.87 21.90
N MSE C 410 3.76 16.52 23.06
CA MSE C 410 3.39 17.92 23.21
C MSE C 410 4.23 18.82 22.32
O MSE C 410 3.76 19.85 21.85
CB MSE C 410 3.55 18.36 24.68
CG MSE C 410 2.61 17.65 25.66
SE MSE C 410 0.74 17.73 25.13
CE MSE C 410 0.53 15.91 24.48
N ALA C 411 5.48 18.41 22.09
CA ALA C 411 6.38 19.19 21.25
C ALA C 411 5.91 19.26 19.80
N LEU C 412 4.97 18.42 19.40
CA LEU C 412 4.42 18.45 18.05
C LEU C 412 3.26 19.40 17.88
N VAL C 413 2.69 19.92 18.97
CA VAL C 413 1.47 20.73 18.90
C VAL C 413 1.83 22.19 18.68
N VAL C 414 1.20 22.80 17.68
CA VAL C 414 1.40 24.21 17.39
C VAL C 414 0.28 25.02 18.04
N ASP D 11 -1.73 64.42 -50.15
CA ASP D 11 -1.46 65.76 -49.66
C ASP D 11 -0.96 65.73 -48.21
N LEU D 12 -1.07 64.55 -47.59
CA LEU D 12 -0.54 64.36 -46.24
C LEU D 12 0.96 64.62 -46.18
N PHE D 13 1.69 64.22 -47.23
CA PHE D 13 3.14 64.38 -47.23
C PHE D 13 3.55 65.83 -47.01
N ARG D 14 2.82 66.79 -47.60
CA ARG D 14 3.16 68.19 -47.40
C ARG D 14 2.98 68.58 -45.94
N ALA D 15 1.93 68.05 -45.30
CA ALA D 15 1.70 68.33 -43.88
C ALA D 15 2.80 67.72 -43.01
N LEU D 16 3.27 66.53 -43.37
CA LEU D 16 4.31 65.87 -42.57
C LEU D 16 5.61 66.67 -42.61
N ASN D 17 6.03 67.11 -43.80
CA ASN D 17 7.25 67.90 -43.90
C ASN D 17 7.12 69.22 -43.15
N SER D 18 5.94 69.84 -43.19
CA SER D 18 5.74 71.08 -42.43
C SER D 18 5.76 70.83 -40.93
N PHE D 19 5.18 69.72 -40.48
CA PHE D 19 5.16 69.44 -39.05
C PHE D 19 6.54 69.07 -38.54
N ILE D 20 7.29 68.27 -39.30
CA ILE D 20 8.63 67.84 -38.87
C ILE D 20 9.57 69.04 -38.74
N GLN D 21 9.51 69.99 -39.68
CA GLN D 21 10.41 71.14 -39.59
C GLN D 21 10.05 72.04 -38.41
N THR D 22 8.76 72.31 -38.22
CA THR D 22 8.26 73.17 -37.14
C THR D 22 7.37 72.30 -36.26
N PRO D 23 7.96 71.52 -35.36
CA PRO D 23 7.18 70.57 -34.57
C PRO D 23 6.56 71.18 -33.31
N THR D 24 5.31 70.80 -33.07
CA THR D 24 4.64 71.05 -31.81
C THR D 24 4.65 69.76 -30.99
N LEU D 25 4.75 69.91 -29.67
CA LEU D 25 4.88 68.73 -28.81
C LEU D 25 3.78 67.72 -29.03
N PRO D 26 2.50 68.09 -29.05
CA PRO D 26 1.48 67.21 -29.61
C PRO D 26 1.19 67.60 -31.05
N PRO D 27 0.84 66.66 -31.92
CA PRO D 27 0.59 67.03 -33.30
C PRO D 27 -0.59 67.98 -33.38
N PRO D 28 -0.47 69.04 -34.19
CA PRO D 28 -1.54 70.04 -34.23
C PRO D 28 -2.85 69.44 -34.71
N ALA D 29 -3.94 70.09 -34.32
CA ALA D 29 -5.25 69.65 -34.75
C ALA D 29 -5.32 69.69 -36.27
N ASP D 30 -6.13 68.81 -36.85
CA ASP D 30 -6.31 68.61 -38.28
C ASP D 30 -5.08 67.99 -38.94
N LEU D 31 -3.99 67.74 -38.21
CA LEU D 31 -3.03 66.77 -38.70
C LEU D 31 -3.55 65.35 -38.51
N ASP D 32 -4.25 65.10 -37.40
CA ASP D 32 -4.97 63.84 -37.26
C ASP D 32 -6.09 63.75 -38.29
N ALA D 33 -6.71 64.87 -38.65
CA ALA D 33 -7.75 64.84 -39.65
C ALA D 33 -7.18 64.48 -41.02
N ILE D 34 -6.04 65.08 -41.39
CA ILE D 34 -5.41 64.75 -42.66
C ILE D 34 -4.91 63.30 -42.65
N ILE D 35 -4.38 62.84 -41.52
CA ILE D 35 -3.92 61.46 -41.45
C ILE D 35 -5.08 60.50 -41.71
N SER D 36 -6.19 60.69 -41.01
CA SER D 36 -7.38 59.89 -41.28
C SER D 36 -7.87 60.13 -42.69
N SER D 37 -7.77 61.38 -43.17
CA SER D 37 -8.14 61.69 -44.54
C SER D 37 -7.28 60.90 -45.52
N TYR D 38 -6.01 60.70 -45.19
CA TYR D 38 -5.19 59.80 -45.99
C TYR D 38 -5.64 58.35 -45.85
N LEU D 39 -5.82 57.89 -44.62
CA LEU D 39 -6.19 56.51 -44.36
C LEU D 39 -7.56 56.15 -44.91
N GLU D 40 -8.42 57.14 -45.17
CA GLU D 40 -9.73 56.84 -45.75
C GLU D 40 -9.65 56.72 -47.27
N ARG D 41 -8.96 57.66 -47.91
CA ARG D 41 -8.85 57.68 -49.36
C ARG D 41 -7.75 56.77 -49.88
N HIS D 42 -7.14 55.94 -49.04
CA HIS D 42 -6.08 55.01 -49.44
C HIS D 42 -6.38 53.65 -48.81
N ASP D 43 -7.04 52.78 -49.58
CA ASP D 43 -7.52 51.49 -49.09
C ASP D 43 -6.57 50.33 -49.32
N LYS D 44 -5.63 50.46 -50.26
CA LYS D 44 -4.84 49.30 -50.67
C LYS D 44 -3.39 49.40 -50.19
N PRO D 45 -3.10 49.06 -48.93
CA PRO D 45 -1.75 49.26 -48.41
C PRO D 45 -0.74 48.33 -49.07
N GLU D 46 -0.93 47.03 -48.88
CA GLU D 46 -0.04 46.03 -49.46
C GLU D 46 -0.33 45.82 -50.94
N SER D 49 0.59 52.07 -52.46
CA SER D 49 0.50 53.28 -51.66
C SER D 49 1.33 53.16 -50.39
N GLY D 50 1.32 51.98 -49.79
CA GLY D 50 2.12 51.77 -48.58
C GLY D 50 3.61 51.85 -48.84
N ASP D 51 4.05 51.34 -49.99
CA ASP D 51 5.48 51.40 -50.31
C ASP D 51 5.92 52.83 -50.57
N ARG D 52 5.07 53.63 -51.22
CA ARG D 52 5.41 55.04 -51.44
C ARG D 52 5.45 55.81 -50.13
N LEU D 53 4.63 55.41 -49.15
CA LEU D 53 4.70 56.05 -47.83
C LEU D 53 6.01 55.75 -47.14
N ASN D 54 6.48 54.49 -47.21
CA ASN D 54 7.79 54.15 -46.64
C ASN D 54 8.90 54.93 -47.31
N ASP D 55 8.88 55.00 -48.64
CA ASP D 55 9.92 55.73 -49.36
C ASP D 55 9.95 57.20 -48.95
N GLU D 56 8.76 57.80 -48.76
CA GLU D 56 8.71 59.19 -48.33
C GLU D 56 9.16 59.34 -46.88
N LEU D 57 8.68 58.46 -45.99
CA LEU D 57 9.13 58.49 -44.60
C LEU D 57 10.63 58.27 -44.50
N LEU D 58 11.17 57.39 -45.35
CA LEU D 58 12.62 57.22 -45.42
C LEU D 58 13.31 58.53 -45.76
N ALA D 59 12.77 59.28 -46.73
CA ALA D 59 13.35 60.56 -47.10
C ALA D 59 13.26 61.57 -45.96
N ILE D 60 12.11 61.64 -45.30
CA ILE D 60 11.92 62.59 -44.20
C ILE D 60 12.94 62.31 -43.09
N TRP D 61 13.12 61.03 -42.75
CA TRP D 61 14.10 60.65 -41.74
C TRP D 61 15.50 61.07 -42.14
N ASP D 62 15.88 60.85 -43.41
CA ASP D 62 17.25 61.12 -43.84
C ASP D 62 17.58 62.61 -43.78
N LYS D 63 16.79 63.45 -44.43
CA LYS D 63 17.15 64.86 -44.58
C LYS D 63 16.79 65.75 -43.40
N ALA D 64 15.82 65.37 -42.57
CA ALA D 64 15.30 66.29 -41.58
C ALA D 64 15.34 65.78 -40.15
N VAL D 65 15.37 64.46 -39.94
CA VAL D 65 15.25 63.89 -38.60
C VAL D 65 16.53 63.21 -38.15
N GLN D 66 17.23 62.54 -39.07
CA GLN D 66 18.35 61.67 -38.71
C GLN D 66 19.33 62.32 -37.74
N ASP D 67 19.70 63.58 -37.98
CA ASP D 67 20.67 64.27 -37.15
C ASP D 67 20.03 65.34 -36.28
N HIS D 68 18.80 65.13 -35.83
CA HIS D 68 18.10 66.07 -34.95
C HIS D 68 17.26 65.30 -33.95
N PRO D 69 17.86 64.89 -32.83
CA PRO D 69 17.11 64.08 -31.84
C PRO D 69 15.88 64.79 -31.28
N GLU D 70 15.89 66.12 -31.22
CA GLU D 70 14.73 66.84 -30.71
C GLU D 70 13.49 66.60 -31.56
N LYS D 71 13.65 66.22 -32.82
CA LYS D 71 12.56 65.91 -33.71
C LYS D 71 12.15 64.43 -33.66
N TYR D 72 12.88 63.60 -32.90
CA TYR D 72 12.56 62.18 -32.83
C TYR D 72 11.17 61.94 -32.27
N ALA D 73 10.84 62.61 -31.16
CA ALA D 73 9.53 62.39 -30.53
C ALA D 73 8.39 62.74 -31.46
N ALA D 74 8.54 63.83 -32.22
CA ALA D 74 7.52 64.19 -33.21
C ALA D 74 7.44 63.16 -34.32
N PHE D 75 8.59 62.68 -34.79
CA PHE D 75 8.60 61.67 -35.85
C PHE D 75 7.96 60.37 -35.38
N VAL D 76 8.17 59.99 -34.13
CA VAL D 76 7.54 58.77 -33.61
C VAL D 76 6.03 58.96 -33.50
N ALA D 77 5.58 60.15 -33.09
CA ALA D 77 4.15 60.40 -32.95
C ALA D 77 3.41 60.25 -34.27
N VAL D 78 3.95 60.81 -35.34
CA VAL D 78 3.32 60.64 -36.65
C VAL D 78 3.43 59.20 -37.12
N LEU D 79 4.56 58.55 -36.85
CA LEU D 79 4.77 57.17 -37.29
C LEU D 79 3.78 56.22 -36.62
N ARG D 80 3.38 56.52 -35.38
CA ARG D 80 2.39 55.70 -34.69
C ARG D 80 1.03 55.80 -35.36
N GLN D 81 0.62 57.03 -35.70
CA GLN D 81 -0.70 57.24 -36.28
C GLN D 81 -0.80 56.70 -37.70
N LEU D 82 0.29 56.76 -38.47
CA LEU D 82 0.33 56.29 -39.83
C LEU D 82 0.71 54.82 -39.95
N ARG D 83 0.90 54.13 -38.83
CA ARG D 83 1.29 52.72 -38.85
C ARG D 83 0.36 51.84 -39.68
N PRO D 84 -0.96 51.96 -39.63
CA PRO D 84 -1.80 51.11 -40.48
C PRO D 84 -1.56 51.28 -41.97
N GLY D 85 -1.10 52.45 -42.40
CA GLY D 85 -0.87 52.70 -43.81
C GLY D 85 0.50 52.27 -44.32
N LEU D 86 1.31 51.62 -43.48
CA LEU D 86 2.62 51.18 -43.94
C LEU D 86 2.51 49.99 -44.88
N GLY D 87 1.47 49.17 -44.71
CA GLY D 87 1.26 48.04 -45.58
C GLY D 87 1.62 46.72 -44.95
N ALA D 88 2.72 46.13 -45.43
CA ALA D 88 3.15 44.84 -44.92
C ALA D 88 3.52 44.96 -43.45
N PRO D 89 3.20 43.96 -42.62
CA PRO D 89 3.58 44.05 -41.20
C PRO D 89 5.07 44.14 -41.00
N ALA D 90 5.87 43.79 -42.01
CA ALA D 90 7.32 43.90 -41.90
C ALA D 90 7.79 45.35 -41.96
N ARG D 91 6.95 46.26 -42.47
CA ARG D 91 7.36 47.66 -42.52
C ARG D 91 7.38 48.30 -41.14
N THR D 92 6.43 47.94 -40.28
CA THR D 92 6.43 48.47 -38.93
C THR D 92 7.64 47.95 -38.17
N PHE D 93 7.99 46.69 -38.45
CA PHE D 93 9.16 46.11 -37.83
C PHE D 93 10.44 46.79 -38.31
N GLN D 94 10.53 47.17 -39.58
CA GLN D 94 11.74 47.84 -40.03
C GLN D 94 11.95 49.18 -39.33
N TRP D 95 10.86 49.88 -39.00
CA TRP D 95 10.97 51.20 -38.36
C TRP D 95 11.31 51.11 -36.88
N TRP D 96 10.68 50.20 -36.13
CA TRP D 96 11.00 50.06 -34.70
C TRP D 96 12.49 49.76 -34.50
N ASP D 97 13.00 48.79 -35.26
CA ASP D 97 14.41 48.43 -35.16
C ASP D 97 15.31 49.59 -35.57
N LYS D 98 14.88 50.36 -36.57
CA LYS D 98 15.69 51.48 -37.03
C LYS D 98 15.74 52.59 -35.99
N LEU D 99 14.65 52.77 -35.23
CA LEU D 99 14.58 53.83 -34.25
C LEU D 99 15.02 53.39 -32.85
N LEU D 100 15.24 52.09 -32.64
CA LEU D 100 15.55 51.60 -31.29
C LEU D 100 16.77 52.29 -30.72
N ASP D 101 17.91 52.12 -31.38
CA ASP D 101 19.17 52.68 -30.89
C ASP D 101 19.15 54.20 -30.90
N PRO D 102 18.59 54.87 -31.92
CA PRO D 102 18.43 56.33 -31.81
C PRO D 102 17.58 56.76 -30.63
N VAL D 103 16.50 56.03 -30.33
CA VAL D 103 15.68 56.36 -29.16
C VAL D 103 16.43 56.07 -27.87
N LEU D 104 17.10 54.91 -27.81
CA LEU D 104 17.81 54.54 -26.58
C LEU D 104 18.93 55.53 -26.28
N ASP D 105 19.60 56.04 -27.30
CA ASP D 105 20.72 56.96 -27.08
C ASP D 105 20.26 58.34 -26.63
N ASN D 106 19.00 58.69 -26.85
CA ASN D 106 18.49 60.01 -26.50
C ASN D 106 17.29 59.95 -25.56
N ALA D 107 17.03 58.80 -24.94
CA ALA D 107 15.86 58.68 -24.06
C ALA D 107 15.97 59.60 -22.86
N THR D 108 17.17 59.73 -22.30
CA THR D 108 17.37 60.54 -21.11
C THR D 108 17.43 62.04 -21.40
N ARG D 109 17.74 62.43 -22.64
CA ARG D 109 17.94 63.84 -22.96
C ARG D 109 16.74 64.46 -23.68
N GLU D 110 16.00 63.68 -24.45
CA GLU D 110 14.86 64.17 -25.21
C GLU D 110 13.58 63.78 -24.47
N LYS D 111 12.87 64.78 -23.95
CA LYS D 111 11.69 64.52 -23.14
C LYS D 111 10.59 63.89 -23.97
N GLY D 112 9.84 62.97 -23.34
CA GLY D 112 8.74 62.29 -23.99
C GLY D 112 9.12 61.29 -25.06
N LEU D 113 10.38 61.29 -25.51
CA LEU D 113 10.79 60.36 -26.56
C LEU D 113 10.68 58.91 -26.11
N ALA D 114 11.10 58.63 -24.87
CA ALA D 114 11.02 57.27 -24.34
C ALA D 114 9.58 56.78 -24.27
N ARG D 115 8.68 57.62 -23.76
CA ARG D 115 7.29 57.20 -23.61
C ARG D 115 6.61 56.98 -24.96
N SER D 116 6.87 57.85 -25.93
CA SER D 116 6.24 57.71 -27.24
C SER D 116 6.70 56.43 -27.93
N PHE D 117 7.99 56.10 -27.82
CA PHE D 117 8.50 54.86 -28.42
C PHE D 117 7.96 53.64 -27.69
N MSE D 118 7.72 53.75 -26.39
CA MSE D 118 7.15 52.64 -25.63
C MSE D 118 5.70 52.42 -26.02
O MSE D 118 5.25 51.29 -26.19
CB MSE D 118 7.27 52.88 -24.13
CG MSE D 118 6.82 51.70 -23.29
SE MSE D 118 7.78 50.08 -23.79
CE MSE D 118 6.48 48.78 -23.16
N ASP D 119 4.96 53.52 -26.15
CA ASP D 119 3.58 53.43 -26.63
C ASP D 119 3.53 52.92 -28.07
N PHE D 120 4.51 53.32 -28.89
CA PHE D 120 4.62 52.74 -30.23
C PHE D 120 4.80 51.23 -30.14
N THR D 121 5.65 50.77 -29.21
CA THR D 121 5.82 49.33 -29.02
C THR D 121 4.51 48.69 -28.55
N LEU D 122 3.82 49.35 -27.62
CA LEU D 122 2.56 48.80 -27.10
C LEU D 122 1.50 48.74 -28.19
N GLU D 123 1.45 49.74 -29.06
CA GLU D 123 0.47 49.73 -30.14
C GLU D 123 0.79 48.63 -31.15
N ILE D 124 2.08 48.37 -31.38
CA ILE D 124 2.46 47.27 -32.27
C ILE D 124 2.03 45.94 -31.69
N LEU D 125 2.18 45.76 -30.38
CA LEU D 125 1.86 44.48 -29.76
C LEU D 125 0.37 44.21 -29.72
N SER D 126 -0.45 45.24 -29.82
CA SER D 126 -1.90 45.09 -29.83
C SER D 126 -2.44 45.03 -31.26
N SER D 127 -1.59 44.68 -32.22
CA SER D 127 -1.97 44.64 -33.63
C SER D 127 -2.49 43.26 -34.01
N SER D 128 -2.81 43.11 -35.30
CA SER D 128 -3.21 41.82 -35.87
C SER D 128 -2.09 40.78 -35.87
N GLU D 129 -1.61 40.42 -34.69
CA GLU D 129 -0.77 39.23 -34.50
C GLU D 129 -1.57 38.22 -33.69
N TYR D 130 -2.00 37.14 -34.34
CA TYR D 130 -2.78 36.10 -33.69
C TYR D 130 -2.36 34.74 -34.24
N ASP D 131 -1.06 34.50 -34.25
CA ASP D 131 -0.48 33.20 -34.63
C ASP D 131 -0.85 32.81 -36.06
N GLY D 140 9.59 33.58 -33.41
CA GLY D 140 8.63 34.64 -33.67
C GLY D 140 9.17 36.04 -33.38
N PHE D 141 8.88 36.52 -32.17
CA PHE D 141 9.36 37.81 -31.69
C PHE D 141 10.83 37.80 -31.29
N ILE D 142 11.49 36.63 -31.35
CA ILE D 142 12.86 36.50 -30.86
C ILE D 142 13.83 37.53 -31.47
N PRO D 143 13.83 37.80 -32.78
CA PRO D 143 14.80 38.78 -33.30
C PRO D 143 14.65 40.15 -32.66
N TRP D 144 13.43 40.53 -32.30
CA TRP D 144 13.24 41.75 -31.50
C TRP D 144 13.79 41.58 -30.10
N LEU D 145 13.48 40.45 -29.46
CA LEU D 145 13.89 40.22 -28.09
C LEU D 145 15.41 40.27 -27.96
N ASN D 146 16.12 39.67 -28.91
CA ASN D 146 17.57 39.64 -28.86
C ASN D 146 18.16 41.05 -28.90
N ARG D 147 17.57 41.94 -29.71
CA ARG D 147 18.04 43.32 -29.76
C ARG D 147 17.85 44.02 -28.43
N LEU D 148 16.68 43.83 -27.80
CA LEU D 148 16.46 44.37 -26.47
C LEU D 148 17.38 43.71 -25.43
N LEU D 149 17.55 42.39 -25.54
CA LEU D 149 18.39 41.68 -24.57
C LEU D 149 19.85 42.12 -24.66
N VAL D 150 20.41 42.12 -25.88
CA VAL D 150 21.83 42.46 -26.03
C VAL D 150 22.12 43.84 -25.46
N ARG D 151 21.25 44.82 -25.72
CA ARG D 151 21.46 46.14 -25.15
C ARG D 151 21.18 46.17 -23.66
N TRP D 152 20.28 45.34 -23.17
CA TRP D 152 20.03 45.31 -21.73
C TRP D 152 21.18 44.64 -20.99
N MSE D 153 21.87 43.71 -21.64
CA MSE D 153 22.99 43.00 -21.02
C MSE D 153 24.28 43.82 -21.04
O MSE D 153 25.08 43.74 -20.11
CB MSE D 153 23.22 41.65 -21.72
CG MSE D 153 22.08 40.65 -21.61
SE MSE D 153 21.78 39.98 -19.81
CE MSE D 153 23.62 40.02 -19.18
N GLU D 154 24.48 44.59 -22.11
CA GLU D 154 25.65 45.47 -22.17
C GLU D 154 25.63 46.48 -21.04
N LEU D 155 24.45 46.92 -20.64
CA LEU D 155 24.29 47.92 -19.59
C LEU D 155 24.76 47.40 -18.24
N THR D 166 20.97 56.93 -16.15
CA THR D 166 20.43 56.39 -17.39
C THR D 166 19.13 55.62 -17.12
N ASP D 167 18.28 56.22 -16.27
CA ASP D 167 17.08 55.53 -15.81
C ASP D 167 16.11 55.26 -16.95
N LEU D 168 15.83 56.28 -17.77
CA LEU D 168 14.84 56.11 -18.83
C LEU D 168 15.29 55.09 -19.87
N LYS D 169 16.60 54.98 -20.12
CA LYS D 169 17.08 53.99 -21.07
C LYS D 169 16.87 52.57 -20.53
N GLU D 170 17.13 52.37 -19.24
CA GLU D 170 16.88 51.06 -18.64
C GLU D 170 15.39 50.76 -18.52
N GLN D 171 14.59 51.78 -18.21
CA GLN D 171 13.15 51.57 -18.06
C GLN D 171 12.52 51.17 -19.39
N VAL D 172 12.93 51.82 -20.49
CA VAL D 172 12.40 51.46 -21.80
C VAL D 172 12.80 50.03 -22.16
N LEU D 173 14.08 49.70 -21.98
CA LEU D 173 14.55 48.34 -22.27
C LEU D 173 13.80 47.31 -21.43
N THR D 174 13.56 47.62 -20.15
CA THR D 174 12.85 46.70 -19.28
C THR D 174 11.39 46.57 -19.70
N ASP D 175 10.69 47.70 -19.85
CA ASP D 175 9.27 47.66 -20.18
C ASP D 175 9.04 47.02 -21.54
N ALA D 176 9.95 47.26 -22.50
CA ALA D 176 9.80 46.65 -23.82
C ALA D 176 10.03 45.14 -23.75
N LEU D 177 11.04 44.70 -23.01
CA LEU D 177 11.29 43.27 -22.84
C LEU D 177 10.09 42.58 -22.19
N LEU D 178 9.51 43.20 -21.17
CA LEU D 178 8.34 42.62 -20.52
C LEU D 178 7.14 42.61 -21.47
N ALA D 179 6.99 43.67 -22.27
CA ALA D 179 5.89 43.73 -23.23
C ALA D 179 6.05 42.66 -24.31
N PHE D 180 7.26 42.53 -24.87
CA PHE D 180 7.52 41.46 -25.83
C PHE D 180 7.39 40.09 -25.18
N GLY D 181 7.83 39.98 -23.93
CA GLY D 181 7.73 38.70 -23.24
C GLY D 181 6.31 38.31 -22.89
N LYS D 182 5.47 39.30 -22.56
CA LYS D 182 4.07 39.00 -22.29
C LYS D 182 3.35 38.49 -23.53
N LYS D 183 3.73 38.97 -24.72
CA LYS D 183 3.10 38.52 -25.95
C LYS D 183 3.63 37.17 -26.39
N ASP D 184 4.94 36.93 -26.22
CA ASP D 184 5.58 35.69 -26.64
C ASP D 184 6.45 35.18 -25.49
N PRO D 185 5.83 34.53 -24.50
CA PRO D 185 6.62 34.03 -23.35
C PRO D 185 7.63 32.96 -23.72
N LYS D 186 7.26 32.01 -24.59
CA LYS D 186 8.20 30.98 -25.00
C LYS D 186 9.37 31.57 -25.76
N GLY D 187 9.10 32.50 -26.67
CA GLY D 187 10.19 33.16 -27.39
C GLY D 187 11.07 33.97 -26.46
N PHE D 188 10.47 34.57 -25.42
CA PHE D 188 11.25 35.33 -24.45
C PHE D 188 12.25 34.43 -23.73
N MSE D 189 11.86 33.20 -23.43
CA MSE D 189 12.69 32.30 -22.63
C MSE D 189 13.69 31.51 -23.49
O MSE D 189 14.74 31.10 -22.99
CB MSE D 189 11.81 31.35 -21.82
CG MSE D 189 11.17 32.03 -20.61
SE MSE D 189 9.71 31.03 -19.82
CE MSE D 189 9.66 31.90 -18.08
N ASN D 190 13.35 31.29 -24.76
CA ASN D 190 14.33 30.74 -25.69
C ASN D 190 15.49 31.70 -25.90
N ALA D 191 15.18 32.98 -26.11
CA ALA D 191 16.22 33.99 -26.29
C ALA D 191 17.04 34.18 -25.02
N LEU D 192 16.40 34.09 -23.86
CA LEU D 192 17.12 34.28 -22.61
C LEU D 192 18.06 33.11 -22.32
N ASN D 193 17.74 31.91 -22.81
CA ASN D 193 18.56 30.74 -22.53
C ASN D 193 19.99 30.90 -23.06
N ALA D 194 20.14 31.59 -24.19
CA ALA D 194 21.49 31.83 -24.72
C ALA D 194 22.34 32.63 -23.75
N PHE D 195 21.74 33.62 -23.08
CA PHE D 195 22.48 34.42 -22.10
C PHE D 195 22.66 33.69 -20.78
N VAL D 196 21.80 32.72 -20.47
CA VAL D 196 22.02 31.90 -19.28
C VAL D 196 23.23 31.01 -19.47
N LEU D 197 23.47 30.55 -20.69
CA LEU D 197 24.62 29.69 -20.95
C LEU D 197 25.94 30.46 -20.85
N ARG D 198 25.93 31.75 -21.18
CA ARG D 198 27.12 32.58 -21.05
C ARG D 198 27.35 32.90 -19.57
N ARG D 199 28.60 32.71 -19.12
CA ARG D 199 28.90 32.81 -17.69
C ARG D 199 28.84 34.25 -17.21
N GLU D 200 29.43 35.18 -17.96
CA GLU D 200 29.43 36.58 -17.55
C GLU D 200 28.04 37.19 -17.56
N HIS D 201 27.05 36.49 -18.10
CA HIS D 201 25.69 37.01 -18.24
C HIS D 201 24.68 36.22 -17.42
N ARG D 202 25.12 35.22 -16.65
CA ARG D 202 24.17 34.34 -15.97
C ARG D 202 23.44 35.06 -14.84
N ASN D 203 24.16 35.86 -14.05
CA ASN D 203 23.53 36.56 -12.92
C ASN D 203 22.45 37.53 -13.41
N SER D 204 22.75 38.32 -14.42
CA SER D 204 21.77 39.28 -14.93
C SER D 204 20.61 38.56 -15.60
N ALA D 205 20.89 37.49 -16.35
CA ALA D 205 19.83 36.74 -17.00
C ALA D 205 18.86 36.14 -15.98
N PHE D 206 19.40 35.58 -14.89
CA PHE D 206 18.54 35.04 -13.84
C PHE D 206 17.77 36.16 -13.14
N SER D 207 18.39 37.34 -12.99
CA SER D 207 17.68 38.47 -12.41
C SER D 207 16.53 38.92 -13.30
N LEU D 208 16.76 39.01 -14.62
CA LEU D 208 15.70 39.41 -15.53
C LEU D 208 14.59 38.37 -15.57
N LEU D 209 14.93 37.08 -15.45
CA LEU D 209 13.90 36.05 -15.41
C LEU D 209 12.97 36.24 -14.21
N CYS D 210 13.55 36.57 -13.05
CA CYS D 210 12.72 36.87 -11.88
C CYS D 210 11.80 38.06 -12.14
N ALA D 211 12.34 39.10 -12.78
CA ALA D 211 11.51 40.27 -13.12
C ALA D 211 10.41 39.90 -14.10
N PHE D 212 10.70 38.99 -15.04
CA PHE D 212 9.69 38.57 -16.00
C PHE D 212 8.54 37.83 -15.31
N VAL D 213 8.87 36.83 -14.49
CA VAL D 213 7.85 36.09 -13.76
C VAL D 213 7.07 37.02 -12.84
N ASN D 214 7.71 38.05 -12.31
CA ASN D 214 7.04 38.96 -11.38
C ASN D 214 5.98 39.81 -12.08
N SER D 215 6.16 40.08 -13.37
CA SER D 215 5.17 40.87 -14.11
C SER D 215 3.89 40.09 -14.41
N GLY D 216 3.81 38.82 -14.02
CA GLY D 216 2.63 38.02 -14.23
C GLY D 216 2.28 37.79 -15.69
N PRO D 217 3.18 37.20 -16.46
CA PRO D 217 2.88 36.90 -17.86
C PRO D 217 2.15 35.58 -17.99
N PRO D 218 1.43 35.35 -19.09
CA PRO D 218 0.72 34.09 -19.25
C PRO D 218 1.63 32.99 -19.79
N HIS D 219 1.14 31.75 -19.70
CA HIS D 219 1.75 30.59 -20.34
C HIS D 219 3.18 30.36 -19.85
N LEU D 220 3.40 30.56 -18.55
CA LEU D 220 4.73 30.32 -17.99
C LEU D 220 5.15 28.86 -18.06
N TYR D 221 4.18 27.94 -18.21
CA TYR D 221 4.54 26.52 -18.36
C TYR D 221 5.32 26.24 -19.62
N LEU D 222 5.30 27.16 -20.60
CA LEU D 222 6.05 26.97 -21.84
C LEU D 222 7.56 26.93 -21.62
N ILE D 223 8.03 27.23 -20.42
CA ILE D 223 9.46 27.09 -20.12
C ILE D 223 9.89 25.64 -20.20
N LEU D 224 8.94 24.69 -20.13
CA LEU D 224 9.30 23.28 -20.27
C LEU D 224 9.54 22.90 -21.73
N GLN D 225 8.91 23.60 -22.67
CA GLN D 225 9.19 23.41 -24.09
C GLN D 225 10.37 24.26 -24.57
N THR D 226 11.27 24.60 -23.65
CA THR D 226 12.44 25.41 -23.96
C THR D 226 13.59 24.93 -23.07
N PRO D 227 14.85 25.05 -23.54
CA PRO D 227 15.97 24.56 -22.74
C PRO D 227 16.27 25.36 -21.48
N LEU D 228 15.49 26.41 -21.20
CA LEU D 228 15.81 27.27 -20.05
C LEU D 228 15.65 26.54 -18.73
N PHE D 229 14.58 25.75 -18.58
CA PHE D 229 14.33 25.06 -17.31
C PHE D 229 15.48 24.13 -16.95
N GLY D 230 15.93 23.31 -17.90
CA GLY D 230 17.06 22.43 -17.64
C GLY D 230 18.33 23.16 -17.27
N ASN D 231 18.53 24.36 -17.81
CA ASN D 231 19.75 25.11 -17.53
C ASN D 231 19.71 25.82 -16.18
N ILE D 232 18.53 26.18 -15.68
CA ILE D 232 18.41 26.63 -14.29
C ILE D 232 18.83 25.52 -13.35
N LEU D 233 18.30 24.31 -13.56
CA LEU D 233 18.67 23.17 -12.73
C LEU D 233 20.16 22.89 -12.88
N GLN D 234 20.72 23.09 -14.08
CA GLN D 234 22.13 22.85 -14.30
C GLN D 234 22.98 23.83 -13.51
N SER D 235 22.56 25.10 -13.44
CA SER D 235 23.26 26.08 -12.60
C SER D 235 23.17 25.69 -11.13
N LEU D 236 21.99 25.23 -10.69
CA LEU D 236 21.82 24.82 -9.31
C LEU D 236 22.66 23.60 -8.96
N GLN D 237 22.98 22.76 -9.96
CA GLN D 237 23.74 21.54 -9.71
C GLN D 237 25.25 21.74 -9.81
N LYS D 238 25.71 22.72 -10.58
CA LYS D 238 27.12 22.81 -10.92
C LYS D 238 27.79 24.10 -10.47
N ASP D 239 27.11 25.24 -10.59
CA ASP D 239 27.74 26.51 -10.24
C ASP D 239 28.14 26.54 -8.77
N GLU D 240 29.22 27.27 -8.49
CA GLU D 240 29.80 27.30 -7.16
C GLU D 240 29.74 28.69 -6.52
N SER D 241 29.15 29.67 -7.19
CA SER D 241 28.94 30.99 -6.60
C SER D 241 27.66 30.96 -5.77
N THR D 242 27.78 31.33 -4.50
CA THR D 242 26.60 31.39 -3.62
C THR D 242 25.56 32.35 -4.17
N PHE D 243 26.00 33.48 -4.76
CA PHE D 243 25.07 34.46 -5.28
C PHE D 243 24.33 33.93 -6.51
N THR D 244 25.04 33.30 -7.43
CA THR D 244 24.42 32.81 -8.67
C THR D 244 23.40 31.73 -8.37
N VAL D 245 23.78 30.73 -7.56
CA VAL D 245 22.88 29.61 -7.27
C VAL D 245 21.63 30.11 -6.55
N ASN D 246 21.77 31.10 -5.67
CA ASN D 246 20.62 31.65 -4.97
C ASN D 246 19.66 32.34 -5.93
N LEU D 247 20.18 33.08 -6.91
CA LEU D 247 19.33 33.65 -7.94
C LEU D 247 18.60 32.57 -8.72
N ALA D 248 19.32 31.53 -9.14
CA ALA D 248 18.68 30.41 -9.83
C ALA D 248 17.63 29.75 -8.95
N LEU D 249 17.90 29.67 -7.63
CA LEU D 249 16.93 29.06 -6.73
C LEU D 249 15.69 29.92 -6.58
N ILE D 250 15.86 31.24 -6.51
CA ILE D 250 14.71 32.14 -6.43
C ILE D 250 13.84 32.02 -7.66
N ALA D 251 14.46 31.97 -8.84
CA ALA D 251 13.71 31.81 -10.08
C ALA D 251 12.95 30.48 -10.10
N LEU D 252 13.60 29.40 -9.66
CA LEU D 252 12.95 28.10 -9.64
C LEU D 252 11.74 28.09 -8.71
N VAL D 253 11.88 28.69 -7.51
CA VAL D 253 10.77 28.73 -6.56
C VAL D 253 9.60 29.52 -7.12
N MSE D 254 9.87 30.53 -7.94
CA MSE D 254 8.80 31.35 -8.52
C MSE D 254 8.09 30.65 -9.68
O MSE D 254 6.93 30.93 -9.97
CB MSE D 254 9.36 32.69 -9.02
CG MSE D 254 9.87 33.60 -7.93
SE MSE D 254 10.59 35.27 -8.64
CE MSE D 254 8.96 36.01 -9.39
N LEU D 255 8.79 29.71 -10.33
CA LEU D 255 8.28 29.07 -11.55
C LEU D 255 7.45 27.83 -11.28
N LEU D 256 7.84 27.03 -10.29
CA LEU D 256 7.17 25.75 -10.06
C LEU D 256 5.66 25.86 -9.84
N PRO D 257 5.12 26.83 -9.11
CA PRO D 257 3.65 26.89 -8.95
C PRO D 257 2.89 27.11 -10.25
N PHE D 258 3.56 27.43 -11.36
CA PHE D 258 2.88 27.63 -12.63
C PHE D 258 2.79 26.34 -13.46
N PHE D 259 3.49 25.29 -13.07
CA PHE D 259 3.37 23.99 -13.72
C PHE D 259 3.69 22.87 -12.73
N PRO D 260 2.98 22.79 -11.59
CA PRO D 260 3.36 21.82 -10.56
C PRO D 260 3.11 20.37 -10.98
N GLY D 261 2.15 20.12 -11.85
CA GLY D 261 1.88 18.77 -12.30
C GLY D 261 2.80 18.25 -13.38
N ASP D 262 3.70 19.08 -13.89
CA ASP D 262 4.59 18.71 -14.97
C ASP D 262 6.03 18.46 -14.52
N ILE D 263 6.31 18.60 -13.22
CA ILE D 263 7.67 18.48 -12.71
C ILE D 263 7.96 17.08 -12.17
N VAL D 264 7.02 16.14 -12.35
CA VAL D 264 7.24 14.77 -11.86
C VAL D 264 8.54 14.16 -12.37
N PRO D 265 8.87 14.22 -13.66
CA PRO D 265 10.17 13.66 -14.09
C PRO D 265 11.37 14.37 -13.49
N TYR D 266 11.21 15.59 -12.97
CA TYR D 266 12.32 16.36 -12.43
C TYR D 266 12.50 16.18 -10.92
N LEU D 267 11.59 15.48 -10.26
CA LEU D 267 11.66 15.37 -8.79
C LEU D 267 12.98 14.84 -8.28
N PRO D 268 13.56 13.75 -8.82
CA PRO D 268 14.90 13.34 -8.34
C PRO D 268 15.94 14.42 -8.48
N THR D 269 15.91 15.19 -9.58
CA THR D 269 16.84 16.29 -9.74
C THR D 269 16.58 17.40 -8.73
N LEU D 270 15.30 17.76 -8.54
CA LEU D 270 14.96 18.81 -7.58
C LEU D 270 15.37 18.43 -6.17
N PHE D 271 15.17 17.17 -5.80
CA PHE D 271 15.57 16.72 -4.48
C PHE D 271 17.09 16.71 -4.33
N ASN D 272 17.81 16.31 -5.37
CA ASN D 272 19.27 16.34 -5.31
C ASN D 272 19.78 17.77 -5.21
N ILE D 273 19.10 18.71 -5.85
CA ILE D 273 19.47 20.12 -5.72
C ILE D 273 19.30 20.58 -4.28
N TYR D 274 18.21 20.15 -3.62
CA TYR D 274 18.01 20.48 -2.21
C TYR D 274 19.15 19.92 -1.36
N ALA D 275 19.56 18.67 -1.63
CA ALA D 275 20.61 18.06 -0.83
C ALA D 275 21.94 18.78 -1.02
N ARG D 276 22.24 19.21 -2.25
CA ARG D 276 23.50 19.92 -2.49
C ARG D 276 23.52 21.26 -1.75
N LEU D 277 22.43 22.04 -1.87
CA LEU D 277 22.38 23.32 -1.19
C LEU D 277 22.29 23.17 0.32
N LEU D 278 21.73 22.05 0.79
CA LEU D 278 21.71 21.78 2.23
C LEU D 278 23.12 21.64 2.79
N PHE D 279 24.07 21.19 1.97
CA PHE D 279 25.46 21.02 2.36
C PHE D 279 26.36 22.02 1.64
N TRP D 280 25.88 23.25 1.46
CA TRP D 280 26.63 24.24 0.69
C TRP D 280 27.97 24.58 1.35
N ASP D 281 28.08 24.40 2.66
CA ASP D 281 29.33 24.71 3.35
C ASP D 281 30.40 23.64 3.15
N ARG D 282 30.02 22.43 2.73
CA ARG D 282 30.97 21.38 2.41
C ARG D 282 31.17 21.23 0.91
N ASP D 283 30.73 22.19 0.11
CA ASP D 283 30.83 22.11 -1.34
C ASP D 283 32.20 22.56 -1.82
N THR D 304 26.74 17.16 -20.15
CA THR D 304 26.56 18.34 -20.99
C THR D 304 27.62 19.39 -20.67
N PRO D 305 28.19 20.01 -21.72
CA PRO D 305 29.18 21.06 -21.50
C PRO D 305 28.56 22.24 -20.77
N TRP D 306 29.29 22.75 -19.77
CA TRP D 306 28.76 23.79 -18.90
C TRP D 306 29.90 24.61 -18.32
N ASP D 307 29.80 25.94 -18.43
CA ASP D 307 30.82 26.86 -17.93
C ASP D 307 30.46 27.26 -16.51
N LYS D 308 31.20 26.70 -15.54
CA LYS D 308 30.88 26.95 -14.14
C LYS D 308 31.19 28.39 -13.76
N VAL D 309 30.34 28.97 -12.90
CA VAL D 309 30.64 30.23 -12.24
C VAL D 309 31.37 29.92 -10.93
N LEU D 310 32.56 30.49 -10.78
CA LEU D 310 33.39 30.19 -9.63
C LEU D 310 32.89 30.94 -8.39
N LEU D 311 33.40 30.54 -7.24
CA LEU D 311 33.07 31.23 -6.00
C LEU D 311 33.70 32.62 -5.99
N ASP D 312 32.88 33.64 -5.70
CA ASP D 312 33.39 35.00 -5.59
C ASP D 312 33.65 35.30 -4.12
N PRO D 313 34.91 35.27 -3.65
CA PRO D 313 35.17 35.44 -2.22
C PRO D 313 34.78 36.80 -1.67
N ASP D 314 34.47 37.78 -2.52
CA ASP D 314 34.15 39.11 -2.04
C ASP D 314 32.74 39.18 -1.48
N TYR D 315 31.79 38.48 -2.10
CA TYR D 315 30.38 38.62 -1.74
C TYR D 315 29.68 37.32 -1.37
N ASP D 316 30.22 36.16 -1.76
CA ASP D 316 29.53 34.89 -1.57
C ASP D 316 29.60 34.44 -0.12
N GLY D 317 28.43 34.14 0.46
CA GLY D 317 28.34 33.63 1.81
C GLY D 317 28.54 32.13 1.88
N HIS D 318 28.29 31.60 3.07
CA HIS D 318 28.49 30.19 3.36
C HIS D 318 27.20 29.38 3.36
N SER D 319 26.06 30.03 3.12
CA SER D 319 24.77 29.34 3.04
C SER D 319 23.91 30.00 1.99
N VAL D 320 23.03 29.21 1.39
CA VAL D 320 22.12 29.69 0.35
C VAL D 320 20.91 30.33 1.03
N PRO D 321 20.70 31.64 0.85
CA PRO D 321 19.62 32.31 1.60
C PRO D 321 18.22 31.76 1.31
N TYR D 322 17.95 31.38 0.07
CA TYR D 322 16.61 30.95 -0.30
C TYR D 322 16.37 29.46 -0.08
N LEU D 323 17.31 28.77 0.56
CA LEU D 323 17.12 27.35 0.85
C LEU D 323 15.88 27.06 1.70
N PRO D 324 15.57 27.82 2.77
CA PRO D 324 14.33 27.52 3.52
C PRO D 324 13.08 27.61 2.66
N GLU D 325 13.00 28.61 1.78
CA GLU D 325 11.85 28.72 0.89
C GLU D 325 11.80 27.57 -0.11
N TYR D 326 12.96 27.01 -0.46
CA TYR D 326 12.98 25.88 -1.38
C TYR D 326 12.39 24.64 -0.74
N PHE D 327 12.67 24.41 0.55
CA PHE D 327 12.02 23.32 1.28
C PHE D 327 10.51 23.48 1.27
N THR D 328 10.03 24.71 1.49
CA THR D 328 8.58 24.94 1.57
C THR D 328 7.88 24.59 0.27
N ILE D 329 8.46 24.99 -0.87
CA ILE D 329 7.79 24.74 -2.14
C ILE D 329 7.86 23.27 -2.52
N LEU D 330 8.97 22.59 -2.18
CA LEU D 330 9.05 21.15 -2.43
C LEU D 330 8.10 20.39 -1.52
N TYR D 331 8.07 20.74 -0.24
CA TYR D 331 7.16 20.09 0.69
C TYR D 331 5.71 20.44 0.39
N GLY D 332 5.46 21.65 -0.12
CA GLY D 332 4.10 22.04 -0.45
C GLY D 332 3.55 21.33 -1.66
N LEU D 333 4.40 20.99 -2.63
CA LEU D 333 3.95 20.37 -3.87
C LEU D 333 3.96 18.85 -3.80
N TYR D 334 5.04 18.26 -3.31
CA TYR D 334 5.18 16.80 -3.25
C TYR D 334 5.74 16.41 -1.89
N PRO D 335 4.95 16.56 -0.82
CA PRO D 335 5.46 16.25 0.53
C PRO D 335 5.82 14.78 0.72
N ILE D 336 4.97 13.86 0.26
CA ILE D 336 5.21 12.44 0.50
C ILE D 336 6.47 11.99 -0.23
N ASN D 337 6.66 12.45 -1.46
CA ASN D 337 7.89 12.11 -2.18
C ASN D 337 9.10 12.80 -1.57
N PHE D 338 8.93 14.03 -1.08
CA PHE D 338 10.05 14.78 -0.52
C PHE D 338 10.54 14.16 0.78
N VAL D 339 9.62 13.87 1.72
CA VAL D 339 10.04 13.30 2.98
C VAL D 339 10.53 11.86 2.80
N ASP D 340 10.06 11.18 1.76
CA ASP D 340 10.61 9.86 1.44
C ASP D 340 12.02 9.97 0.92
N TYR D 341 12.33 11.04 0.19
CA TYR D 341 13.71 11.29 -0.23
C TYR D 341 14.61 11.55 0.97
N ILE D 342 14.14 12.37 1.93
CA ILE D 342 14.94 12.65 3.11
C ILE D 342 15.16 11.40 3.93
N ARG D 343 14.18 10.50 3.96
CA ARG D 343 14.33 9.26 4.72
C ARG D 343 15.34 8.32 4.04
N LYS D 344 15.25 8.17 2.72
CA LYS D 344 16.13 7.26 1.98
C LYS D 344 16.59 7.93 0.69
N PRO D 345 17.58 8.84 0.79
CA PRO D 345 18.18 9.42 -0.42
C PRO D 345 19.20 8.51 -1.08
N HIS D 346 19.16 7.20 -0.78
CA HIS D 346 20.25 6.31 -1.18
C HIS D 346 20.25 6.04 -2.68
N ASN D 347 19.08 6.00 -3.31
CA ASN D 347 19.00 5.80 -4.75
C ASN D 347 19.33 7.09 -5.49
N TYR D 348 20.12 7.96 -4.86
CA TYR D 348 20.36 9.31 -5.33
C TYR D 348 21.77 9.79 -4.97
N ASP D 359 25.29 6.77 2.85
CA ASP D 359 24.76 6.08 4.03
C ASP D 359 24.90 7.04 5.22
N VAL D 360 26.15 7.31 5.62
CA VAL D 360 26.38 8.30 6.68
C VAL D 360 25.92 9.68 6.23
N HIS D 361 26.22 10.06 4.98
CA HIS D 361 25.79 11.34 4.46
C HIS D 361 24.26 11.43 4.43
N ALA D 362 23.59 10.30 4.14
CA ALA D 362 22.13 10.27 4.16
C ALA D 362 21.60 10.62 5.54
N ALA D 363 22.22 10.07 6.60
CA ALA D 363 21.82 10.42 7.96
C ALA D 363 22.02 11.91 8.23
N GLU D 364 23.06 12.51 7.64
CA GLU D 364 23.29 13.94 7.83
C GLU D 364 22.21 14.78 7.17
N ILE D 365 21.69 14.33 6.02
CA ILE D 365 20.59 15.03 5.37
C ILE D 365 19.38 15.10 6.29
N ARG D 366 19.10 14.00 7.00
CA ARG D 366 17.97 13.97 7.93
C ARG D 366 18.15 14.99 9.05
N GLU D 367 19.31 14.97 9.71
CA GLU D 367 19.53 15.89 10.84
C GLU D 367 19.51 17.34 10.39
N ARG D 368 20.04 17.63 9.20
CA ARG D 368 20.00 18.99 8.69
C ARG D 368 18.61 19.39 8.22
N SER D 369 17.74 18.41 7.94
CA SER D 369 16.36 18.73 7.60
C SER D 369 15.48 18.95 8.82
N GLU D 370 16.00 18.68 10.02
CA GLU D 370 15.19 18.83 11.23
C GLU D 370 14.76 20.28 11.45
N ARG D 371 15.64 21.23 11.14
CA ARG D 371 15.29 22.64 11.32
C ARG D 371 14.13 23.06 10.44
N PHE D 372 13.90 22.36 9.33
CA PHE D 372 12.76 22.64 8.46
C PHE D 372 11.52 21.86 8.84
N ARG D 373 11.69 20.63 9.38
CA ARG D 373 10.53 19.87 9.82
C ARG D 373 9.75 20.60 10.90
N LYS D 374 10.46 21.20 11.87
CA LYS D 374 9.81 21.92 12.95
C LYS D 374 9.22 23.26 12.51
N GLN D 375 9.30 23.60 11.23
CA GLN D 375 8.73 24.82 10.70
C GLN D 375 7.49 24.59 9.85
N HIS D 376 7.09 23.33 9.64
CA HIS D 376 6.00 23.01 8.73
C HIS D 376 4.97 22.12 9.40
N LEU D 377 3.71 22.44 9.18
CA LEU D 377 2.61 21.62 9.66
C LEU D 377 2.52 20.31 8.86
N LEU D 378 1.79 19.35 9.42
CA LEU D 378 1.50 18.13 8.70
C LEU D 378 0.73 18.43 7.43
N HIS D 379 1.17 17.86 6.31
CA HIS D 379 0.58 18.15 5.01
C HIS D 379 -0.69 17.31 4.82
N PRO D 380 -1.75 17.89 4.26
CA PRO D 380 -2.97 17.11 4.03
C PRO D 380 -2.78 15.93 3.07
N ASN D 381 -1.75 15.97 2.23
CA ASN D 381 -1.50 14.86 1.31
C ASN D 381 -1.24 13.54 2.04
N PHE D 382 -0.70 13.61 3.26
CA PHE D 382 -0.33 12.36 3.94
C PHE D 382 -1.53 11.49 4.32
N TYR D 383 -2.73 12.06 4.48
CA TYR D 383 -3.90 11.20 4.60
C TYR D 383 -4.82 11.26 3.38
N GLU D 384 -4.24 11.47 2.19
CA GLU D 384 -5.05 11.57 0.97
C GLU D 384 -4.46 10.74 -0.15
N TYR D 385 -3.12 10.68 -0.21
CA TYR D 385 -2.42 10.10 -1.33
C TYR D 385 -1.37 9.12 -0.83
N THR D 386 -0.96 8.23 -1.73
CA THR D 386 0.25 7.46 -1.53
C THR D 386 1.41 8.18 -2.22
N ILE D 387 2.62 7.63 -2.09
CA ILE D 387 3.74 8.24 -2.78
C ILE D 387 3.58 8.14 -4.29
N GLU D 388 2.85 7.13 -4.75
CA GLU D 388 2.60 6.98 -6.19
C GLU D 388 1.54 7.95 -6.67
N THR D 389 0.36 7.95 -6.02
CA THR D 389 -0.75 8.78 -6.48
C THR D 389 -0.48 10.27 -6.27
N GLU D 390 0.41 10.63 -5.36
CA GLU D 390 0.80 12.04 -5.23
C GLU D 390 1.40 12.57 -6.52
N LYS D 391 2.19 11.75 -7.22
CA LYS D 391 2.76 12.18 -8.49
C LYS D 391 1.79 11.98 -9.65
N THR D 392 0.91 10.99 -9.56
CA THR D 392 0.07 10.60 -10.69
C THR D 392 -1.28 11.30 -10.71
N ASN D 393 -1.88 11.58 -9.55
CA ASN D 393 -3.19 12.21 -9.49
C ASN D 393 -3.02 13.72 -9.68
N ILE D 394 -3.67 14.27 -10.70
CA ILE D 394 -3.49 15.67 -11.09
C ILE D 394 -4.71 16.53 -10.77
N THR D 395 -5.70 15.98 -10.07
CA THR D 395 -6.88 16.76 -9.72
C THR D 395 -6.50 18.00 -8.90
N ARG D 396 -5.48 17.88 -8.04
CA ARG D 396 -4.97 19.02 -7.28
C ARG D 396 -4.68 20.22 -8.17
N TRP D 397 -4.14 19.99 -9.37
CA TRP D 397 -3.63 21.05 -10.22
C TRP D 397 -4.67 21.59 -11.19
N LEU D 398 -5.81 20.93 -11.36
CA LEU D 398 -6.74 21.33 -12.40
C LEU D 398 -7.34 22.71 -12.14
N LYS D 399 -7.93 22.93 -10.96
CA LYS D 399 -8.55 24.24 -10.73
C LYS D 399 -7.55 25.27 -10.21
N SER D 400 -6.76 24.91 -9.20
CA SER D 400 -6.00 25.90 -8.46
C SER D 400 -5.08 26.65 -9.41
N GLU D 401 -4.94 27.95 -9.16
CA GLU D 401 -4.03 28.78 -9.93
C GLU D 401 -2.73 28.96 -9.17
N ALA D 402 -1.76 29.59 -9.83
CA ALA D 402 -0.44 29.75 -9.23
C ALA D 402 -0.53 30.49 -7.90
N ASP D 403 -1.31 31.57 -7.86
CA ASP D 403 -1.42 32.36 -6.64
C ASP D 403 -2.06 31.56 -5.51
N GLU D 404 -3.00 30.66 -5.84
CA GLU D 404 -3.59 29.82 -4.79
C GLU D 404 -2.60 28.77 -4.31
N ILE D 405 -1.86 28.18 -5.26
CA ILE D 405 -0.89 27.14 -4.91
C ILE D 405 0.20 27.70 -4.01
N ILE D 406 0.66 28.92 -4.30
CA ILE D 406 1.65 29.57 -3.45
C ILE D 406 1.07 29.81 -2.06
N ALA D 407 -0.15 30.35 -1.99
CA ALA D 407 -0.78 30.63 -0.71
C ALA D 407 -0.97 29.36 0.11
N ASP D 408 -1.40 28.27 -0.54
CA ASP D 408 -1.57 27.01 0.16
C ASP D 408 -0.25 26.49 0.73
N CYS D 409 0.85 26.68 -0.01
CA CYS D 409 2.15 26.26 0.48
C CYS D 409 2.60 27.08 1.69
N MSE D 410 2.25 28.37 1.72
CA MSE D 410 2.66 29.24 2.82
C MSE D 410 1.87 28.97 4.10
O MSE D 410 2.35 29.19 5.20
CB MSE D 410 2.51 30.71 2.42
CG MSE D 410 3.40 31.12 1.26
SE MSE D 410 5.29 30.92 1.68
CE MSE D 410 5.89 30.10 0.01
N ALA D 411 0.63 28.47 3.93
CA ALA D 411 -0.20 28.12 5.08
C ALA D 411 0.36 26.96 5.87
N LEU D 412 1.33 26.22 5.33
CA LEU D 412 1.97 25.12 6.04
C LEU D 412 3.13 25.60 6.90
N VAL D 413 3.57 26.83 6.72
CA VAL D 413 4.73 27.38 7.43
C VAL D 413 4.24 28.00 8.72
N VAL D 414 4.93 27.71 9.82
CA VAL D 414 4.57 28.27 11.12
C VAL D 414 5.34 29.56 11.33
N ASP D 415 4.70 30.51 12.01
CA ASP D 415 5.29 31.83 12.19
C ASP D 415 5.47 32.19 13.66
S SO4 E . -3.57 1.25 -1.84
O1 SO4 E . -4.10 2.61 -1.74
O2 SO4 E . -2.58 1.20 -2.90
O3 SO4 E . -2.96 0.88 -0.57
O4 SO4 E . -4.66 0.34 -2.15
#